data_6GV9
#
_entry.id   6GV9
#
_cell.length_a   1.00
_cell.length_b   1.00
_cell.length_c   1.00
_cell.angle_alpha   90.00
_cell.angle_beta   90.00
_cell.angle_gamma   90.00
#
_symmetry.space_group_name_H-M   'P 1'
#
_entity_poly.entity_id   1
_entity_poly.type   'polypeptide(L)'
_entity_poly.pdbx_seq_one_letter_code
;FTLIELMVVIGIIAILSAIGIPAYQNYLRKAALTDMLQTFVPYRTAVELCALEHGGLDTCDGGSNGIPSPTTTRYVSAMS
VAKGVVSLTGQESLNGLSVVMTPGWDNANGVTGWARNCNIQSDSALQQACEDVFRFDDAN
;
_entity_poly.pdbx_strand_id   A,B,C,D,E,F,G,H,I,J,K,L,M,N
#
# COMPACT_ATOMS: atom_id res chain seq x y z
N PHE A 1 10.74 -14.17 3.83
CA PHE A 1 11.28 -15.53 3.76
C PHE A 1 12.28 -15.71 2.63
N THR A 2 12.18 -14.84 1.62
CA THR A 2 13.03 -14.94 0.44
C THR A 2 14.50 -14.77 0.78
N LEU A 3 14.80 -14.04 1.84
CA LEU A 3 16.17 -13.77 2.22
C LEU A 3 16.94 -15.03 2.59
N ILE A 4 16.25 -16.08 3.04
CA ILE A 4 17.03 -17.22 3.48
C ILE A 4 17.88 -17.89 2.43
N GLU A 5 17.44 -17.91 1.17
CA GLU A 5 18.33 -18.57 0.24
C GLU A 5 19.61 -17.76 0.09
N LEU A 6 19.51 -16.43 0.22
CA LEU A 6 20.76 -15.71 0.17
C LEU A 6 21.62 -16.07 1.36
N MET A 7 20.97 -16.32 2.52
CA MET A 7 21.78 -16.71 3.65
C MET A 7 22.44 -18.06 3.52
N VAL A 8 21.78 -18.99 2.81
CA VAL A 8 22.41 -20.27 2.67
C VAL A 8 23.64 -20.03 1.83
N VAL A 9 23.60 -19.05 0.91
CA VAL A 9 24.85 -18.78 0.22
C VAL A 9 25.87 -18.21 1.18
N ILE A 10 25.42 -17.50 2.22
CA ILE A 10 26.39 -16.95 3.15
C ILE A 10 27.12 -18.05 3.87
N GLY A 11 26.47 -19.21 4.01
CA GLY A 11 27.14 -20.29 4.70
C GLY A 11 27.08 -21.65 4.04
N ILE A 12 25.88 -22.14 3.79
CA ILE A 12 25.77 -23.49 3.25
C ILE A 12 26.37 -23.71 1.89
N ILE A 13 26.35 -22.69 1.04
CA ILE A 13 26.93 -22.92 -0.26
C ILE A 13 28.43 -23.10 -0.10
N ALA A 14 29.01 -22.51 0.95
CA ALA A 14 30.42 -22.69 1.20
C ALA A 14 30.61 -23.98 2.00
N ILE A 15 30.25 -25.10 1.38
CA ILE A 15 30.44 -26.38 2.04
C ILE A 15 31.93 -26.57 2.21
N LEU A 16 32.71 -26.00 1.29
CA LEU A 16 34.15 -26.10 1.24
C LEU A 16 34.57 -27.55 1.24
N SER A 17 33.74 -28.43 0.67
CA SER A 17 34.14 -29.81 0.60
C SER A 17 35.36 -29.87 -0.29
N ALA A 18 36.33 -30.68 0.08
CA ALA A 18 37.46 -30.86 -0.80
C ALA A 18 38.22 -32.09 -0.37
N ILE A 19 38.85 -32.72 -1.32
CA ILE A 19 39.76 -33.81 -1.01
C ILE A 19 40.87 -33.06 -0.28
N GLY A 20 41.47 -33.65 0.74
CA GLY A 20 42.57 -32.91 1.32
C GLY A 20 43.66 -33.02 0.26
N ILE A 21 43.94 -31.91 -0.44
CA ILE A 21 44.95 -31.97 -1.50
C ILE A 21 46.34 -32.43 -1.06
N PRO A 22 46.93 -31.93 0.04
CA PRO A 22 48.24 -32.51 0.36
C PRO A 22 48.18 -34.01 0.58
N ALA A 23 47.07 -34.51 1.11
CA ALA A 23 46.97 -35.96 1.23
C ALA A 23 46.92 -36.60 -0.13
N TYR A 24 46.35 -35.88 -1.09
CA TYR A 24 46.24 -36.43 -2.42
C TYR A 24 47.56 -36.65 -3.11
N GLN A 25 48.46 -35.69 -2.93
CA GLN A 25 49.76 -35.87 -3.50
C GLN A 25 50.44 -36.99 -2.75
N ASN A 26 50.10 -37.16 -1.46
CA ASN A 26 50.74 -38.24 -0.76
C ASN A 26 50.35 -39.55 -1.33
N TYR A 27 49.13 -39.64 -1.83
CA TYR A 27 48.85 -40.94 -2.35
C TYR A 27 49.39 -41.21 -3.72
N LEU A 28 49.16 -40.31 -4.69
CA LEU A 28 49.74 -40.66 -5.97
C LEU A 28 51.25 -40.65 -5.99
N ARG A 29 51.84 -39.76 -5.21
CA ARG A 29 53.28 -39.76 -5.14
C ARG A 29 53.79 -41.00 -4.49
N LYS A 30 53.02 -41.53 -3.52
CA LYS A 30 53.47 -42.75 -2.92
C LYS A 30 53.45 -43.78 -4.00
N ALA A 31 52.50 -43.65 -4.91
CA ALA A 31 52.51 -44.59 -5.99
C ALA A 31 53.73 -44.41 -6.84
N ALA A 32 54.24 -43.19 -6.93
CA ALA A 32 55.46 -43.05 -7.69
C ALA A 32 56.59 -43.76 -6.97
N LEU A 33 56.51 -43.85 -5.64
CA LEU A 33 57.55 -44.57 -4.94
C LEU A 33 57.39 -46.03 -5.23
N THR A 34 56.18 -46.51 -5.12
CA THR A 34 55.98 -47.90 -5.37
C THR A 34 56.27 -48.30 -6.79
N ASP A 35 55.96 -47.41 -7.74
CA ASP A 35 56.28 -47.72 -9.10
C ASP A 35 57.79 -47.75 -9.17
N MET A 36 58.44 -46.93 -8.33
CA MET A 36 59.87 -47.01 -8.37
C MET A 36 60.34 -48.34 -7.85
N LEU A 37 59.59 -48.94 -6.91
CA LEU A 37 60.04 -50.24 -6.47
C LEU A 37 59.93 -51.15 -7.66
N GLN A 38 58.91 -50.91 -8.51
CA GLN A 38 58.85 -51.75 -9.68
C GLN A 38 60.04 -51.51 -10.58
N THR A 39 60.54 -50.26 -10.61
CA THR A 39 61.72 -50.02 -11.41
C THR A 39 62.88 -50.76 -10.80
N PHE A 40 62.86 -50.91 -9.46
CA PHE A 40 63.92 -51.62 -8.79
C PHE A 40 63.94 -53.09 -9.13
N VAL A 41 62.79 -53.64 -9.42
CA VAL A 41 62.72 -55.07 -9.67
C VAL A 41 63.59 -55.66 -10.77
N PRO A 42 63.61 -55.12 -11.99
CA PRO A 42 64.53 -55.69 -12.98
C PRO A 42 65.94 -55.64 -12.51
N TYR A 43 66.25 -54.58 -11.75
CA TYR A 43 67.58 -54.52 -11.21
C TYR A 43 67.75 -55.62 -10.20
N ARG A 44 66.68 -56.02 -9.50
CA ARG A 44 66.92 -57.10 -8.57
C ARG A 44 67.29 -58.33 -9.33
N THR A 45 66.73 -58.50 -10.53
CA THR A 45 67.11 -59.71 -11.23
C THR A 45 68.50 -59.67 -11.81
N ALA A 46 68.86 -58.57 -12.47
CA ALA A 46 70.19 -58.55 -13.03
C ALA A 46 71.24 -58.60 -11.94
N VAL A 47 70.94 -57.99 -10.79
CA VAL A 47 71.93 -58.09 -9.73
C VAL A 47 71.98 -59.53 -9.30
N GLU A 48 70.86 -60.28 -9.39
CA GLU A 48 71.02 -61.66 -9.01
C GLU A 48 71.94 -62.35 -9.99
N LEU A 49 71.95 -61.91 -11.25
CA LEU A 49 72.95 -62.51 -12.13
C LEU A 49 74.36 -62.12 -11.71
N CYS A 50 74.50 -60.91 -11.14
CA CYS A 50 75.83 -60.55 -10.71
C CYS A 50 76.26 -61.49 -9.61
N ALA A 51 75.26 -61.88 -8.78
CA ALA A 51 75.47 -62.86 -7.74
C ALA A 51 75.74 -64.22 -8.32
N LEU A 52 75.17 -64.42 -9.50
CA LEU A 52 75.23 -65.66 -10.21
C LEU A 52 76.59 -66.10 -10.69
N GLU A 53 77.46 -65.16 -10.96
CA GLU A 53 78.74 -65.64 -11.48
C GLU A 53 79.87 -64.65 -11.33
N HIS A 54 79.57 -63.37 -11.37
CA HIS A 54 80.65 -62.42 -11.35
C HIS A 54 81.51 -62.43 -10.08
N GLY A 55 80.94 -62.81 -8.94
CA GLY A 55 81.70 -62.93 -7.71
C GLY A 55 81.85 -61.67 -6.91
N GLY A 56 81.30 -60.55 -7.35
CA GLY A 56 81.39 -59.34 -6.57
C GLY A 56 80.50 -58.26 -7.14
N LEU A 57 80.32 -57.23 -6.34
CA LEU A 57 79.46 -56.12 -6.70
C LEU A 57 79.75 -55.16 -7.85
N ASP A 58 81.00 -54.96 -8.28
CA ASP A 58 81.21 -53.96 -9.34
C ASP A 58 80.51 -54.38 -10.61
N THR A 59 80.40 -55.66 -10.79
CA THR A 59 79.69 -56.28 -11.88
C THR A 59 78.20 -56.00 -11.70
N CYS A 60 77.76 -55.79 -10.44
CA CYS A 60 76.39 -55.50 -10.05
C CYS A 60 76.00 -54.06 -10.32
N ASP A 61 76.96 -53.19 -10.62
CA ASP A 61 76.65 -51.80 -10.89
C ASP A 61 75.77 -51.72 -12.12
N GLY A 62 74.82 -50.79 -12.11
CA GLY A 62 73.90 -50.71 -13.22
C GLY A 62 74.58 -50.17 -14.45
N GLY A 63 73.97 -50.47 -15.60
CA GLY A 63 74.57 -50.06 -16.84
C GLY A 63 75.67 -50.99 -17.32
N SER A 64 75.83 -52.16 -16.69
CA SER A 64 76.91 -53.08 -17.06
C SER A 64 76.57 -54.55 -16.86
N ASN A 65 77.28 -55.39 -17.61
CA ASN A 65 77.09 -56.83 -17.64
C ASN A 65 75.63 -57.11 -17.96
N GLY A 66 75.06 -56.26 -18.82
CA GLY A 66 73.70 -56.36 -19.26
C GLY A 66 72.69 -55.71 -18.32
N ILE A 67 73.13 -55.12 -17.22
CA ILE A 67 72.15 -54.50 -16.32
C ILE A 67 71.55 -53.27 -17.01
N PRO A 68 70.24 -53.02 -16.85
CA PRO A 68 69.66 -51.81 -17.46
C PRO A 68 70.24 -50.53 -16.89
N SER A 69 70.38 -49.52 -17.71
CA SER A 69 70.81 -48.23 -17.17
C SER A 69 69.66 -47.67 -16.33
N PRO A 70 69.92 -47.00 -15.21
CA PRO A 70 68.82 -46.42 -14.42
C PRO A 70 68.04 -45.35 -15.18
N THR A 71 66.72 -45.29 -14.95
CA THR A 71 65.92 -44.26 -15.62
C THR A 71 64.60 -43.88 -14.94
N THR A 72 64.23 -42.60 -15.08
CA THR A 72 62.99 -42.06 -14.52
C THR A 72 61.59 -42.42 -14.93
N THR A 73 60.70 -42.54 -13.93
CA THR A 73 59.27 -42.58 -14.14
C THR A 73 59.30 -41.14 -14.58
N ARG A 74 58.47 -40.77 -15.53
CA ARG A 74 58.62 -39.42 -16.05
C ARG A 74 58.45 -38.24 -15.11
N TYR A 75 57.62 -38.36 -14.09
CA TYR A 75 57.51 -37.25 -13.17
C TYR A 75 58.79 -36.97 -12.40
N VAL A 76 59.60 -38.02 -12.17
CA VAL A 76 60.79 -37.86 -11.36
C VAL A 76 61.82 -36.93 -11.97
N SER A 77 62.38 -36.03 -11.15
CA SER A 77 63.49 -35.23 -11.62
C SER A 77 64.82 -35.92 -11.91
N ALA A 78 65.15 -37.02 -11.20
CA ALA A 78 66.44 -37.68 -11.38
C ALA A 78 66.56 -39.06 -10.74
N MET A 79 67.58 -39.81 -11.18
CA MET A 79 67.99 -41.07 -10.57
C MET A 79 69.39 -41.57 -10.88
N SER A 80 69.86 -42.46 -10.02
CA SER A 80 71.17 -43.05 -10.17
C SER A 80 71.23 -44.41 -9.50
N VAL A 81 72.14 -45.24 -9.98
CA VAL A 81 72.31 -46.58 -9.42
C VAL A 81 73.75 -47.03 -9.58
N ALA A 82 74.21 -47.75 -8.57
CA ALA A 82 75.51 -48.41 -8.58
C ALA A 82 75.42 -49.45 -7.50
N LYS A 83 76.07 -50.58 -7.73
CA LYS A 83 76.08 -51.73 -6.84
C LYS A 83 74.64 -52.11 -6.52
N GLY A 84 73.70 -51.81 -7.40
CA GLY A 84 72.30 -52.11 -7.19
C GLY A 84 71.58 -51.06 -6.35
N VAL A 85 72.27 -50.00 -5.92
CA VAL A 85 71.70 -48.92 -5.11
C VAL A 85 70.68 -48.11 -5.88
N VAL A 86 69.64 -47.64 -5.21
CA VAL A 86 68.67 -46.81 -5.90
C VAL A 86 68.48 -45.52 -5.13
N SER A 87 69.50 -44.71 -5.15
CA SER A 87 69.47 -43.44 -4.45
C SER A 87 68.77 -42.51 -5.40
N LEU A 88 67.44 -42.46 -5.29
CA LEU A 88 66.62 -41.68 -6.18
C LEU A 88 66.57 -40.20 -5.81
N THR A 89 67.70 -39.55 -6.04
CA THR A 89 67.82 -38.12 -5.84
C THR A 89 66.88 -37.49 -6.84
N GLY A 90 66.22 -36.41 -6.46
CA GLY A 90 65.34 -35.83 -7.44
C GLY A 90 64.01 -36.53 -7.59
N GLN A 91 63.65 -37.41 -6.69
CA GLN A 91 62.40 -38.10 -6.90
C GLN A 91 61.24 -37.09 -6.90
N GLU A 92 60.29 -37.31 -7.85
CA GLU A 92 59.03 -36.58 -8.04
C GLU A 92 59.19 -35.11 -7.62
N SER A 93 58.28 -34.66 -6.77
CA SER A 93 58.24 -33.46 -5.96
C SER A 93 59.07 -33.82 -4.72
N LEU A 94 59.52 -35.08 -4.58
CA LEU A 94 60.21 -35.64 -3.42
C LEU A 94 61.68 -35.25 -3.39
N ASN A 95 61.92 -33.99 -3.04
CA ASN A 95 63.28 -33.52 -2.96
C ASN A 95 64.01 -34.26 -1.84
N GLY A 96 65.26 -34.59 -2.10
CA GLY A 96 66.14 -35.20 -1.14
C GLY A 96 65.99 -36.69 -1.01
N LEU A 97 65.11 -37.32 -1.78
CA LEU A 97 64.95 -38.76 -1.67
C LEU A 97 66.20 -39.49 -2.10
N SER A 98 66.50 -40.58 -1.41
CA SER A 98 67.56 -41.45 -1.85
C SER A 98 67.47 -42.78 -1.12
N VAL A 99 66.94 -43.79 -1.80
CA VAL A 99 66.79 -45.09 -1.19
C VAL A 99 68.17 -45.71 -1.37
N VAL A 100 68.98 -45.61 -0.34
CA VAL A 100 70.34 -46.10 -0.45
C VAL A 100 70.20 -47.58 -0.23
N MET A 101 69.86 -48.24 -1.32
CA MET A 101 69.62 -49.65 -1.37
C MET A 101 70.95 -50.38 -1.49
N THR A 102 71.70 -50.36 -0.43
CA THR A 102 72.98 -51.00 -0.48
C THR A 102 72.77 -52.50 -0.61
N PRO A 103 73.45 -53.16 -1.54
CA PRO A 103 73.29 -54.61 -1.64
C PRO A 103 73.76 -55.34 -0.39
N GLY A 104 73.06 -56.41 -0.06
CA GLY A 104 73.49 -57.19 1.06
C GLY A 104 74.56 -58.21 0.74
N TRP A 105 74.96 -58.33 -0.51
CA TRP A 105 75.89 -59.37 -0.97
C TRP A 105 77.33 -59.50 -0.48
N ASP A 106 77.73 -60.77 -0.30
CA ASP A 106 79.02 -61.38 -0.01
C ASP A 106 78.69 -62.86 -0.03
N ASN A 107 78.98 -63.58 -1.11
CA ASN A 107 78.52 -64.96 -1.12
C ASN A 107 79.02 -65.98 -0.11
N ALA A 108 80.27 -65.87 0.39
CA ALA A 108 80.65 -66.89 1.36
C ALA A 108 79.81 -66.77 2.62
N ASN A 109 79.42 -65.54 2.97
CA ASN A 109 78.51 -65.27 4.07
C ASN A 109 77.08 -65.75 3.88
N GLY A 110 76.63 -65.84 2.64
CA GLY A 110 75.28 -66.17 2.25
C GLY A 110 74.36 -64.98 2.26
N VAL A 111 74.88 -63.81 2.58
CA VAL A 111 74.14 -62.55 2.62
C VAL A 111 73.65 -62.14 1.24
N THR A 112 72.45 -61.56 1.18
CA THR A 112 71.87 -61.19 -0.11
C THR A 112 70.96 -59.97 -0.14
N GLY A 113 70.02 -59.87 0.79
CA GLY A 113 69.04 -58.82 0.72
C GLY A 113 69.61 -57.42 0.78
N TRP A 114 69.07 -56.61 -0.12
CA TRP A 114 69.44 -55.22 -0.25
C TRP A 114 69.06 -54.43 0.99
N ALA A 115 69.92 -53.49 1.37
CA ALA A 115 69.70 -52.64 2.53
C ALA A 115 68.92 -51.38 2.20
N ARG A 116 67.61 -51.39 2.41
CA ARG A 116 66.82 -50.19 2.18
C ARG A 116 67.17 -49.06 3.10
N ASN A 117 67.07 -47.85 2.59
CA ASN A 117 67.32 -46.69 3.42
C ASN A 117 66.41 -45.52 3.05
N CYS A 118 65.37 -45.29 3.85
CA CYS A 118 64.51 -44.16 3.56
C CYS A 118 65.36 -42.92 3.69
N ASN A 119 65.11 -41.96 2.83
CA ASN A 119 65.88 -40.74 2.90
C ASN A 119 65.08 -39.61 2.31
N ILE A 120 63.79 -39.56 2.59
CA ILE A 120 63.01 -38.48 2.01
C ILE A 120 63.16 -37.23 2.87
N GLN A 121 64.22 -36.51 2.61
CA GLN A 121 64.51 -35.33 3.38
C GLN A 121 63.50 -34.19 3.28
N SER A 122 62.77 -34.06 2.17
CA SER A 122 61.87 -32.92 2.08
C SER A 122 60.70 -32.80 3.07
N ASP A 123 60.11 -33.91 3.54
CA ASP A 123 59.07 -33.83 4.56
C ASP A 123 58.91 -35.16 5.30
N SER A 124 58.60 -35.11 6.60
CA SER A 124 58.38 -36.36 7.31
C SER A 124 57.15 -37.17 6.90
N ALA A 125 56.07 -36.52 6.44
CA ALA A 125 54.93 -37.31 6.01
C ALA A 125 55.32 -38.13 4.81
N LEU A 126 56.24 -37.59 4.01
CA LEU A 126 56.71 -38.36 2.90
C LEU A 126 57.44 -39.55 3.43
N GLN A 127 58.08 -39.40 4.59
CA GLN A 127 58.73 -40.56 5.14
C GLN A 127 57.69 -41.56 5.54
N GLN A 128 56.48 -41.10 5.92
CA GLN A 128 55.50 -42.12 6.23
C GLN A 128 55.25 -42.86 4.94
N ALA A 129 55.28 -42.14 3.80
CA ALA A 129 55.13 -42.92 2.60
C ALA A 129 56.29 -43.86 2.33
N CYS A 130 57.55 -43.49 2.69
CA CYS A 130 58.59 -44.47 2.42
C CYS A 130 58.51 -45.70 3.28
N GLU A 131 58.09 -45.52 4.54
CA GLU A 131 58.00 -46.69 5.40
C GLU A 131 56.88 -47.53 4.83
N ASP A 132 55.92 -46.87 4.20
CA ASP A 132 54.84 -47.61 3.62
C ASP A 132 55.18 -48.22 2.24
N VAL A 133 56.35 -47.85 1.64
CA VAL A 133 56.83 -48.43 0.37
C VAL A 133 58.21 -49.02 0.60
N PHE A 134 59.24 -48.19 0.43
CA PHE A 134 60.63 -48.61 0.61
C PHE A 134 60.87 -48.45 2.08
N ARG A 135 60.66 -49.52 2.83
CA ARG A 135 60.80 -49.44 4.26
C ARG A 135 62.25 -49.10 4.55
N PHE A 136 62.47 -48.28 5.57
CA PHE A 136 63.83 -47.91 5.91
C PHE A 136 64.60 -49.15 6.32
N ASP A 137 63.90 -50.18 6.78
CA ASP A 137 64.53 -51.42 7.21
C ASP A 137 65.23 -52.11 6.06
N ASP A 138 66.38 -52.71 6.38
CA ASP A 138 67.38 -53.28 5.48
C ASP A 138 67.21 -54.67 4.86
N ALA A 139 66.20 -55.45 5.22
CA ALA A 139 66.13 -56.83 4.68
C ALA A 139 66.04 -56.85 3.15
N ASN A 140 65.45 -55.86 2.50
CA ASN A 140 65.45 -55.82 1.02
C ASN A 140 65.27 -54.42 0.53
N PHE B 1 7.71 -1.77 0.58
CA PHE B 1 8.79 -2.73 0.84
C PHE B 1 8.53 -4.08 0.22
N THR B 2 7.26 -4.38 -0.04
CA THR B 2 6.87 -5.67 -0.57
C THR B 2 7.46 -5.94 -1.94
N LEU B 3 7.74 -4.88 -2.70
CA LEU B 3 8.26 -5.04 -4.04
C LEU B 3 9.64 -5.70 -4.07
N ILE B 4 10.41 -5.60 -2.98
CA ILE B 4 11.73 -6.16 -3.10
C ILE B 4 11.82 -7.65 -3.35
N GLU B 5 10.88 -8.43 -2.82
CA GLU B 5 11.04 -9.83 -3.12
C GLU B 5 10.82 -10.07 -4.61
N LEU B 6 9.96 -9.26 -5.24
CA LEU B 6 9.86 -9.46 -6.67
C LEU B 6 11.16 -9.10 -7.33
N MET B 7 11.85 -8.07 -6.79
CA MET B 7 13.12 -7.73 -7.40
C MET B 7 14.20 -8.77 -7.23
N VAL B 8 14.15 -9.51 -6.11
CA VAL B 8 15.17 -10.52 -5.95
C VAL B 8 14.88 -11.55 -7.02
N VAL B 9 13.60 -11.73 -7.39
CA VAL B 9 13.40 -12.65 -8.51
C VAL B 9 13.98 -12.06 -9.78
N ILE B 10 13.99 -10.73 -9.89
CA ILE B 10 14.54 -10.14 -11.10
C ILE B 10 16.01 -10.45 -11.22
N GLY B 11 16.68 -10.66 -10.09
CA GLY B 11 18.09 -10.95 -10.15
C GLY B 11 18.58 -12.10 -9.32
N ILE B 12 18.36 -12.04 -8.02
CA ILE B 12 18.90 -13.09 -7.16
C ILE B 12 18.39 -14.48 -7.41
N ILE B 13 17.14 -14.61 -7.82
CA ILE B 13 16.66 -15.96 -8.04
C ILE B 13 17.40 -16.54 -9.23
N ALA B 14 17.86 -15.68 -10.14
CA ALA B 14 18.63 -16.17 -11.27
C ALA B 14 20.09 -16.27 -10.85
N ILE B 15 20.34 -17.17 -9.88
CA ILE B 15 21.71 -17.38 -9.45
C ILE B 15 22.46 -17.97 -10.63
N LEU B 16 21.74 -18.71 -11.47
CA LEU B 16 22.27 -19.38 -12.64
C LEU B 16 23.42 -20.27 -12.23
N SER B 17 23.37 -20.81 -11.02
CA SER B 17 24.41 -21.73 -10.61
C SER B 17 24.31 -22.94 -11.50
N ALA B 18 25.43 -23.46 -11.95
CA ALA B 18 25.39 -24.69 -12.71
C ALA B 18 26.77 -25.30 -12.74
N ILE B 19 26.81 -26.59 -12.85
CA ILE B 19 28.06 -27.28 -13.08
C ILE B 19 28.39 -26.81 -14.49
N GLY B 20 29.66 -26.57 -14.80
CA GLY B 20 29.90 -26.22 -16.19
C GLY B 20 29.66 -27.52 -16.93
N ILE B 21 28.55 -27.63 -17.66
CA ILE B 21 28.26 -28.87 -18.37
C ILE B 21 29.33 -29.34 -19.34
N PRO B 22 29.89 -28.50 -20.23
CA PRO B 22 30.95 -29.09 -21.07
C PRO B 22 32.08 -29.65 -20.27
N ALA B 23 32.40 -29.03 -19.12
CA ALA B 23 33.43 -29.62 -18.29
C ALA B 23 33.00 -30.96 -17.76
N TYR B 24 31.69 -31.10 -17.55
CA TYR B 24 31.18 -32.34 -17.01
C TYR B 24 31.35 -33.52 -17.93
N GLN B 25 31.11 -33.27 -19.21
CA GLN B 25 31.31 -34.34 -20.15
C GLN B 25 32.79 -34.60 -20.23
N ASN B 26 33.62 -33.57 -19.99
CA ASN B 26 35.04 -33.84 -20.05
C ASN B 26 35.43 -34.77 -18.96
N TYR B 27 34.76 -34.69 -17.84
CA TYR B 27 35.22 -35.61 -16.85
C TYR B 27 34.73 -37.03 -17.02
N LEU B 28 33.40 -37.21 -17.20
CA LEU B 28 33.01 -38.61 -17.35
C LEU B 28 33.53 -39.23 -18.62
N ARG B 29 33.61 -38.44 -19.68
CA ARG B 29 34.14 -38.98 -20.90
C ARG B 29 35.59 -39.32 -20.76
N LYS B 30 36.30 -38.54 -19.94
CA LYS B 30 37.68 -38.87 -19.75
C LYS B 30 37.70 -40.21 -19.07
N ALA B 31 36.71 -40.44 -18.23
CA ALA B 31 36.66 -41.73 -17.62
C ALA B 31 36.41 -42.79 -18.64
N ALA B 32 35.68 -42.47 -19.71
CA ALA B 32 35.52 -43.47 -20.73
C ALA B 32 36.85 -43.75 -21.39
N LEU B 33 37.74 -42.74 -21.42
CA LEU B 33 39.04 -43.01 -22.00
C LEU B 33 39.80 -43.90 -21.07
N THR B 34 39.79 -43.55 -19.81
CA THR B 34 40.53 -44.34 -18.89
C THR B 34 39.99 -45.75 -18.76
N ASP B 35 38.67 -45.90 -18.87
CA ASP B 35 38.12 -47.23 -18.81
C ASP B 35 38.60 -47.91 -20.05
N MET B 36 38.80 -47.14 -21.13
CA MET B 36 39.32 -47.79 -22.30
C MET B 36 40.73 -48.26 -22.05
N LEU B 37 41.49 -47.54 -21.21
CA LEU B 37 42.81 -48.04 -20.96
C LEU B 37 42.65 -49.35 -20.25
N GLN B 38 41.60 -49.46 -19.43
CA GLN B 38 41.40 -50.76 -18.80
C GLN B 38 41.06 -51.80 -19.83
N THR B 39 40.36 -51.40 -20.90
CA THR B 39 40.09 -52.38 -21.93
C THR B 39 41.39 -52.76 -22.59
N PHE B 40 42.33 -51.82 -22.65
CA PHE B 40 43.61 -52.10 -23.25
C PHE B 40 44.42 -53.10 -22.46
N VAL B 41 44.21 -53.12 -21.16
CA VAL B 41 45.02 -54.00 -20.32
C VAL B 41 45.02 -55.49 -20.62
N PRO B 42 43.87 -56.16 -20.79
CA PRO B 42 43.95 -57.57 -21.14
C PRO B 42 44.69 -57.77 -22.42
N TYR B 43 44.55 -56.79 -23.32
CA TYR B 43 45.31 -56.90 -24.54
C TYR B 43 46.78 -56.75 -24.23
N ARG B 44 47.13 -55.98 -23.19
CA ARG B 44 48.56 -55.91 -22.93
C ARG B 44 49.05 -57.27 -22.51
N THR B 45 48.20 -58.03 -21.82
CA THR B 45 48.72 -59.32 -21.43
C THR B 45 48.80 -60.33 -22.55
N ALA B 46 47.74 -60.42 -23.36
CA ALA B 46 47.82 -61.39 -24.43
C ALA B 46 48.90 -61.02 -25.41
N VAL B 47 49.12 -59.71 -25.61
CA VAL B 47 50.20 -59.36 -26.51
C VAL B 47 51.49 -59.78 -25.85
N GLU B 48 51.57 -59.76 -24.50
CA GLU B 48 52.82 -60.23 -23.95
C GLU B 48 52.98 -61.69 -24.26
N LEU B 49 51.88 -62.44 -24.36
CA LEU B 49 52.07 -63.82 -24.78
C LEU B 49 52.54 -63.88 -26.23
N CYS B 50 52.13 -62.90 -27.04
CA CYS B 50 52.61 -62.95 -28.40
C CYS B 50 54.11 -62.75 -28.39
N ALA B 51 54.56 -61.91 -27.45
CA ALA B 51 55.97 -61.70 -27.22
C ALA B 51 56.63 -62.93 -26.67
N LEU B 52 55.81 -63.70 -25.95
CA LEU B 52 56.25 -64.88 -25.28
C LEU B 52 56.71 -66.02 -26.14
N GLU B 53 56.18 -66.13 -27.34
CA GLU B 53 56.62 -67.29 -28.10
C GLU B 53 56.43 -67.15 -29.59
N HIS B 54 55.40 -66.42 -30.01
CA HIS B 54 55.14 -66.37 -31.42
C HIS B 54 56.25 -65.77 -32.28
N GLY B 55 57.04 -64.86 -31.73
CA GLY B 55 58.17 -64.28 -32.44
C GLY B 55 57.86 -63.11 -33.33
N GLY B 56 56.62 -62.65 -33.39
CA GLY B 56 56.33 -61.50 -34.20
C GLY B 56 54.92 -61.03 -33.94
N LEU B 57 54.65 -59.82 -34.43
CA LEU B 57 53.36 -59.19 -34.24
C LEU B 57 52.06 -59.71 -34.86
N ASP B 58 52.08 -60.45 -35.97
CA ASP B 58 50.78 -60.84 -36.55
C ASP B 58 50.02 -61.72 -35.60
N THR B 59 50.75 -62.47 -34.82
CA THR B 59 50.24 -63.30 -33.77
C THR B 59 49.65 -62.40 -32.67
N CYS B 60 50.16 -61.16 -32.55
CA CYS B 60 49.74 -60.15 -31.60
C CYS B 60 48.44 -59.49 -31.98
N ASP B 61 47.99 -59.67 -33.22
CA ASP B 61 46.75 -59.05 -33.65
C ASP B 61 45.61 -59.58 -32.82
N GLY B 62 44.65 -58.72 -32.50
CA GLY B 62 43.56 -59.14 -31.66
C GLY B 62 42.64 -60.09 -32.36
N GLY B 63 41.91 -60.85 -31.56
CA GLY B 63 41.04 -61.84 -32.14
C GLY B 63 41.75 -63.12 -32.52
N SER B 64 43.01 -63.30 -32.12
CA SER B 64 43.77 -64.49 -32.50
C SER B 64 44.80 -64.93 -31.48
N ASN B 65 45.13 -66.22 -31.55
CA ASN B 65 46.05 -66.88 -30.62
C ASN B 65 45.53 -66.66 -29.21
N GLY B 66 44.21 -66.66 -29.08
CA GLY B 66 43.54 -66.47 -27.82
C GLY B 66 43.34 -65.03 -27.42
N ILE B 67 43.78 -64.07 -28.23
CA ILE B 67 43.60 -62.67 -27.83
C ILE B 67 42.10 -62.33 -27.88
N PRO B 68 41.58 -61.55 -26.94
CA PRO B 68 40.17 -61.15 -27.00
C PRO B 68 39.86 -60.33 -28.24
N SER B 69 38.66 -60.50 -28.79
CA SER B 69 38.28 -59.63 -29.88
C SER B 69 38.02 -58.23 -29.30
N PRO B 70 38.38 -57.15 -30.00
CA PRO B 70 38.10 -55.80 -29.46
C PRO B 70 36.61 -55.52 -29.28
N THR B 71 36.26 -54.77 -28.23
CA THR B 71 34.85 -54.43 -28.02
C THR B 71 34.57 -53.18 -27.18
N THR B 72 33.49 -52.50 -27.52
CA THR B 72 33.05 -51.28 -26.83
C THR B 72 32.54 -51.20 -25.40
N THR B 73 32.97 -50.12 -24.71
CA THR B 73 32.38 -49.72 -23.45
C THR B 73 31.11 -49.33 -24.18
N ARG B 74 29.97 -49.53 -23.57
CA ARG B 74 28.75 -49.33 -24.34
C ARG B 74 28.49 -47.95 -24.92
N TYR B 75 28.95 -46.89 -24.27
CA TYR B 75 28.73 -45.59 -24.87
C TYR B 75 29.47 -45.39 -26.19
N VAL B 76 30.60 -46.08 -26.34
CA VAL B 76 31.42 -45.87 -27.53
C VAL B 76 30.74 -46.29 -28.81
N SER B 77 30.84 -45.45 -29.84
CA SER B 77 30.36 -45.86 -31.15
C SER B 77 31.12 -46.99 -31.88
N ALA B 78 32.44 -47.12 -31.67
CA ALA B 78 33.22 -48.13 -32.40
C ALA B 78 34.62 -48.38 -31.84
N MET B 79 35.20 -49.52 -32.25
CA MET B 79 36.61 -49.85 -32.02
C MET B 79 37.22 -50.91 -32.90
N SER B 80 38.55 -50.90 -32.92
CA SER B 80 39.31 -51.86 -33.70
C SER B 80 40.69 -52.05 -33.12
N VAL B 81 41.28 -53.21 -33.40
CA VAL B 81 42.60 -53.53 -32.90
C VAL B 81 43.30 -54.46 -33.85
N ALA B 82 44.60 -54.25 -33.99
CA ALA B 82 45.49 -55.12 -34.74
C ALA B 82 46.87 -54.78 -34.23
N LYS B 83 47.73 -55.80 -34.17
CA LYS B 83 49.09 -55.69 -33.68
C LYS B 83 49.07 -55.05 -32.29
N GLY B 84 47.97 -55.18 -31.56
CA GLY B 84 47.84 -54.60 -30.25
C GLY B 84 47.40 -53.13 -30.27
N VAL B 85 47.19 -52.56 -31.47
CA VAL B 85 46.77 -51.17 -31.65
C VAL B 85 45.37 -50.92 -31.12
N VAL B 86 45.12 -49.74 -30.57
CA VAL B 86 43.76 -49.46 -30.10
C VAL B 86 43.32 -48.14 -30.71
N SER B 87 43.08 -48.18 -32.00
CA SER B 87 42.65 -47.00 -32.72
C SER B 87 41.15 -46.96 -32.50
N LEU B 88 40.76 -46.30 -31.42
CA LEU B 88 39.35 -46.25 -31.04
C LEU B 88 38.57 -45.21 -31.81
N THR B 89 38.35 -45.54 -33.07
CA THR B 89 37.54 -44.70 -33.95
C THR B 89 36.14 -44.76 -33.37
N GLY B 90 35.41 -43.65 -33.42
CA GLY B 90 34.09 -43.74 -32.88
C GLY B 90 34.01 -43.67 -31.38
N GLN B 91 35.08 -43.27 -30.71
CA GLN B 91 34.98 -43.26 -29.27
C GLN B 91 33.90 -42.29 -28.82
N GLU B 92 33.12 -42.71 -27.79
CA GLU B 92 32.05 -41.97 -27.09
C GLU B 92 31.38 -40.99 -28.03
N SER B 93 31.30 -39.73 -27.60
CA SER B 93 30.98 -38.51 -28.29
C SER B 93 32.30 -38.07 -28.95
N LEU B 94 33.40 -38.81 -28.68
CA LEU B 94 34.77 -38.49 -29.11
C LEU B 94 35.03 -38.87 -30.55
N ASN B 95 34.46 -38.06 -31.44
CA ASN B 95 34.66 -38.34 -32.86
C ASN B 95 36.13 -38.17 -33.21
N GLY B 96 36.62 -39.04 -34.07
CA GLY B 96 37.95 -38.98 -34.60
C GLY B 96 39.01 -39.56 -33.71
N LEU B 97 38.65 -40.10 -32.54
CA LEU B 97 39.66 -40.67 -31.67
C LEU B 97 40.31 -41.88 -32.29
N SER B 98 41.60 -42.03 -32.05
CA SER B 98 42.29 -43.24 -32.44
C SER B 98 43.65 -43.30 -31.75
N VAL B 99 43.72 -44.11 -30.70
CA VAL B 99 44.96 -44.23 -29.96
C VAL B 99 45.73 -45.25 -30.77
N VAL B 100 46.61 -44.76 -31.63
CA VAL B 100 47.34 -45.65 -32.51
C VAL B 100 48.45 -46.16 -31.64
N MET B 101 48.09 -47.18 -30.89
CA MET B 101 48.96 -47.82 -29.94
C MET B 101 49.82 -48.83 -30.66
N THR B 102 50.74 -48.32 -31.43
CA THR B 102 51.60 -49.22 -32.17
C THR B 102 52.47 -49.98 -31.19
N PRO B 103 52.57 -51.29 -31.31
CA PRO B 103 53.45 -52.04 -30.41
C PRO B 103 54.91 -51.64 -30.56
N GLY B 104 55.61 -51.64 -29.45
CA GLY B 104 57.02 -51.35 -29.53
C GLY B 104 57.88 -52.54 -29.86
N TRP B 105 57.30 -53.73 -30.00
CA TRP B 105 58.04 -54.98 -30.19
C TRP B 105 58.94 -55.28 -31.38
N ASP B 106 60.06 -55.94 -31.07
CA ASP B 106 61.11 -56.56 -31.87
C ASP B 106 62.00 -57.17 -30.82
N ASN B 107 61.91 -58.47 -30.56
CA ASN B 107 62.69 -58.99 -29.44
C ASN B 107 64.22 -58.93 -29.46
N ALA B 108 64.88 -59.01 -30.62
CA ALA B 108 66.34 -58.94 -30.52
C ALA B 108 66.78 -57.57 -30.01
N ASN B 109 66.02 -56.54 -30.36
CA ASN B 109 66.22 -55.18 -29.87
C ASN B 109 65.95 -54.98 -28.39
N GLY B 110 65.06 -55.78 -27.82
CA GLY B 110 64.58 -55.68 -26.46
C GLY B 110 63.45 -54.69 -26.31
N VAL B 111 63.02 -54.08 -27.41
CA VAL B 111 61.93 -53.12 -27.45
C VAL B 111 60.60 -53.77 -27.08
N THR B 112 59.75 -53.01 -26.37
CA THR B 112 58.47 -53.56 -25.92
C THR B 112 57.29 -52.62 -25.80
N GLY B 113 57.51 -51.47 -25.16
CA GLY B 113 56.40 -50.59 -24.88
C GLY B 113 55.67 -50.07 -26.09
N TRP B 114 54.36 -50.13 -25.96
CA TRP B 114 53.44 -49.69 -26.99
C TRP B 114 53.57 -48.20 -27.23
N ALA B 115 53.44 -47.79 -28.48
CA ALA B 115 53.53 -46.40 -28.88
C ALA B 115 52.17 -45.68 -28.85
N ARG B 116 51.88 -44.98 -27.75
CA ARG B 116 50.63 -44.24 -27.69
C ARG B 116 50.57 -43.12 -28.69
N ASN B 117 49.37 -42.86 -29.18
CA ASN B 117 49.19 -41.75 -30.09
C ASN B 117 47.83 -41.07 -29.89
N CYS B 118 47.83 -39.91 -29.23
CA CYS B 118 46.57 -39.22 -29.06
C CYS B 118 46.09 -38.84 -30.44
N ASN B 119 44.79 -38.91 -30.64
CA ASN B 119 44.27 -38.57 -31.94
C ASN B 119 42.83 -38.13 -31.79
N ILE B 120 42.54 -37.35 -30.75
CA ILE B 120 41.16 -36.93 -30.60
C ILE B 120 40.90 -35.72 -31.48
N GLN B 121 40.59 -35.99 -32.72
CA GLN B 121 40.38 -34.93 -33.67
C GLN B 121 39.18 -34.02 -33.41
N SER B 122 38.14 -34.51 -32.73
CA SER B 122 36.98 -33.62 -32.56
C SER B 122 37.13 -32.32 -31.75
N ASP B 123 38.00 -32.28 -30.73
CA ASP B 123 38.24 -31.03 -29.99
C ASP B 123 39.57 -31.07 -29.25
N SER B 124 40.26 -29.93 -29.16
CA SER B 124 41.50 -29.92 -28.40
C SER B 124 41.38 -30.13 -26.89
N ALA B 125 40.26 -29.71 -26.27
CA ALA B 125 40.15 -29.97 -24.85
C ALA B 125 40.08 -31.45 -24.61
N LEU B 126 39.51 -32.16 -25.57
CA LEU B 126 39.49 -33.59 -25.45
C LEU B 126 40.90 -34.08 -25.49
N GLN B 127 41.76 -33.39 -26.25
CA GLN B 127 43.12 -33.82 -26.26
C GLN B 127 43.72 -33.59 -24.90
N GLN B 128 43.22 -32.57 -24.15
CA GLN B 128 43.79 -32.44 -22.83
C GLN B 128 43.39 -33.68 -22.09
N ALA B 129 42.18 -34.21 -22.36
CA ALA B 129 41.89 -35.45 -21.68
C ALA B 129 42.77 -36.61 -22.14
N CYS B 130 43.17 -36.66 -23.43
CA CYS B 130 44.03 -37.79 -23.78
C CYS B 130 45.40 -37.72 -23.15
N GLU B 131 45.95 -36.50 -23.04
CA GLU B 131 47.26 -36.40 -22.44
C GLU B 131 47.10 -36.78 -21.00
N ASP B 132 45.92 -36.54 -20.46
CA ASP B 132 45.68 -36.90 -19.09
C ASP B 132 45.33 -38.39 -18.92
N VAL B 133 45.10 -39.14 -20.02
CA VAL B 133 44.84 -40.60 -19.97
C VAL B 133 45.87 -41.30 -20.86
N PHE B 134 45.55 -41.45 -22.15
CA PHE B 134 46.42 -42.08 -23.11
C PHE B 134 47.34 -40.99 -23.56
N ARG B 135 48.48 -40.87 -22.92
CA ARG B 135 49.39 -39.79 -23.25
C ARG B 135 49.84 -39.99 -24.67
N PHE B 136 50.00 -38.91 -25.41
CA PHE B 136 50.42 -39.02 -26.79
C PHE B 136 51.80 -39.65 -26.83
N ASP B 137 52.57 -39.52 -25.75
CA ASP B 137 53.91 -40.09 -25.68
C ASP B 137 53.89 -41.60 -25.79
N ASP B 138 54.90 -42.13 -26.48
CA ASP B 138 55.07 -43.51 -26.92
C ASP B 138 55.57 -44.61 -25.98
N ALA B 139 55.99 -44.30 -24.75
CA ALA B 139 56.57 -45.38 -23.92
C ALA B 139 55.58 -46.52 -23.65
N ASN B 140 54.28 -46.26 -23.61
CA ASN B 140 53.30 -47.37 -23.45
C ASN B 140 51.96 -46.96 -23.98
N PHE C 1 -4.22 3.54 -3.19
CA PHE C 1 -3.02 2.81 -3.61
C PHE C 1 -2.61 1.74 -2.61
N THR C 2 -3.04 1.91 -1.36
CA THR C 2 -2.65 1.00 -0.30
C THR C 2 -3.17 -0.42 -0.53
N LEU C 3 -4.25 -0.55 -1.27
CA LEU C 3 -4.84 -1.86 -1.52
C LEU C 3 -3.92 -2.78 -2.31
N ILE C 4 -3.00 -2.22 -3.11
CA ILE C 4 -2.22 -3.14 -3.91
C ILE C 4 -1.37 -4.12 -3.16
N GLU C 5 -0.83 -3.75 -2.01
CA GLU C 5 -0.02 -4.77 -1.37
C GLU C 5 -0.92 -5.92 -0.93
N LEU C 6 -2.18 -5.63 -0.58
CA LEU C 6 -3.00 -6.77 -0.26
C LEU C 6 -3.22 -7.62 -1.50
N MET C 7 -3.31 -6.95 -2.67
CA MET C 7 -3.47 -7.75 -3.87
C MET C 7 -2.28 -8.60 -4.23
N VAL C 8 -1.07 -8.12 -3.90
CA VAL C 8 0.08 -8.93 -4.23
C VAL C 8 -0.03 -10.14 -3.34
N VAL C 9 -0.62 -10.01 -2.14
CA VAL C 9 -0.81 -11.23 -1.39
C VAL C 9 -1.82 -12.13 -2.07
N ILE C 10 -2.77 -11.53 -2.80
CA ILE C 10 -3.76 -12.36 -3.47
C ILE C 10 -3.10 -13.20 -4.52
N GLY C 11 -1.98 -12.73 -5.08
CA GLY C 11 -1.33 -13.50 -6.10
C GLY C 11 0.17 -13.67 -5.97
N ILE C 12 0.90 -12.56 -5.92
CA ILE C 12 2.35 -12.67 -5.89
C ILE C 12 2.93 -13.37 -4.69
N ILE C 13 2.30 -13.24 -3.54
CA ILE C 13 2.88 -13.91 -2.39
C ILE C 13 2.77 -15.41 -2.61
N ALA C 14 1.77 -15.84 -3.38
CA ALA C 14 1.63 -17.26 -3.66
C ALA C 14 2.51 -17.59 -4.87
N ILE C 15 3.83 -17.42 -4.69
CA ILE C 15 4.75 -17.76 -5.76
C ILE C 15 4.64 -19.25 -5.97
N LEU C 16 4.32 -19.98 -4.92
CA LEU C 16 4.21 -21.42 -4.90
C LEU C 16 5.49 -22.04 -5.41
N SER C 17 6.62 -21.38 -5.20
CA SER C 17 7.87 -21.97 -5.62
C SER C 17 8.07 -23.23 -4.80
N ALA C 18 8.53 -24.29 -5.44
CA ALA C 18 8.83 -25.47 -4.67
C ALA C 18 9.71 -26.38 -5.50
N ILE C 19 10.54 -27.14 -4.84
CA ILE C 19 11.29 -28.18 -5.50
C ILE C 19 10.17 -29.13 -5.91
N GLY C 20 10.28 -29.76 -7.07
CA GLY C 20 9.23 -30.72 -7.35
C GLY C 20 9.52 -31.84 -6.39
N ILE C 21 8.72 -32.01 -5.34
CA ILE C 21 8.98 -33.07 -4.37
C ILE C 21 9.05 -34.48 -4.94
N PRO C 22 8.11 -34.95 -5.78
CA PRO C 22 8.34 -36.31 -6.28
C PRO C 22 9.65 -36.45 -7.01
N ALA C 23 10.10 -35.40 -7.70
CA ALA C 23 11.40 -35.50 -8.33
C ALA C 23 12.48 -35.60 -7.29
N TYR C 24 12.25 -34.99 -6.13
CA TYR C 24 13.24 -35.02 -5.09
C TYR C 24 13.49 -36.39 -4.51
N GLN C 25 12.41 -37.13 -4.34
CA GLN C 25 12.58 -38.47 -3.86
C GLN C 25 13.24 -39.27 -4.96
N ASN C 26 13.00 -38.89 -6.22
CA ASN C 26 13.66 -39.64 -7.27
C ASN C 26 15.13 -39.48 -7.18
N TYR C 27 15.56 -38.29 -6.77
CA TYR C 27 16.99 -38.23 -6.75
C TYR C 27 17.65 -38.88 -5.56
N LEU C 28 17.18 -38.57 -4.33
CA LEU C 28 17.88 -39.25 -3.25
C LEU C 28 17.65 -40.74 -3.23
N ARG C 29 16.46 -41.16 -3.64
CA ARG C 29 16.22 -42.58 -3.69
C ARG C 29 17.06 -43.23 -4.74
N LYS C 30 17.32 -42.50 -5.83
CA LYS C 30 18.17 -43.09 -6.83
C LYS C 30 19.51 -43.27 -6.19
N ALA C 31 19.85 -42.35 -5.30
CA ALA C 31 21.09 -42.53 -4.62
C ALA C 31 21.05 -43.76 -3.75
N ALA C 32 19.88 -44.10 -3.23
CA ALA C 32 19.84 -45.33 -2.47
C ALA C 32 20.07 -46.51 -3.38
N LEU C 33 19.69 -46.37 -4.67
CA LEU C 33 19.96 -47.47 -5.57
C LEU C 33 21.43 -47.54 -5.81
N THR C 34 22.01 -46.40 -6.10
CA THR C 34 23.42 -46.41 -6.37
C THR C 34 24.25 -46.83 -5.18
N ASP C 35 23.80 -46.44 -3.98
CA ASP C 35 24.53 -46.87 -2.81
C ASP C 35 24.35 -48.35 -2.75
N MET C 36 23.20 -48.85 -3.23
CA MET C 36 23.07 -50.28 -3.22
C MET C 36 24.04 -50.90 -4.18
N LEU C 37 24.38 -50.20 -5.26
CA LEU C 37 25.36 -50.81 -6.14
C LEU C 37 26.65 -50.88 -5.36
N GLN C 38 26.88 -49.89 -4.48
CA GLN C 38 28.07 -50.01 -3.68
C GLN C 38 27.98 -51.19 -2.75
N THR C 39 26.77 -51.50 -2.28
CA THR C 39 26.66 -52.68 -1.44
C THR C 39 26.95 -53.90 -2.28
N PHE C 40 26.62 -53.83 -3.57
CA PHE C 40 26.88 -54.96 -4.44
C PHE C 40 28.35 -55.20 -4.65
N VAL C 41 29.14 -54.15 -4.58
CA VAL C 41 30.56 -54.30 -4.86
C VAL C 41 31.36 -55.30 -4.04
N PRO C 42 31.29 -55.30 -2.70
CA PRO C 42 32.03 -56.32 -1.98
C PRO C 42 31.60 -57.70 -2.39
N TYR C 43 30.31 -57.82 -2.72
CA TYR C 43 29.86 -59.10 -3.20
C TYR C 43 30.49 -59.38 -4.53
N ARG C 44 30.78 -58.34 -5.34
CA ARG C 44 31.41 -58.68 -6.59
C ARG C 44 32.77 -59.26 -6.32
N THR C 45 33.42 -58.79 -5.26
CA THR C 45 34.74 -59.38 -5.04
C THR C 45 34.71 -60.77 -4.47
N ALA C 46 33.86 -61.00 -3.46
CA ALA C 46 33.84 -62.34 -2.91
C ALA C 46 33.34 -63.33 -3.94
N VAL C 47 32.42 -62.90 -4.81
CA VAL C 47 31.99 -63.82 -5.83
C VAL C 47 33.16 -64.07 -6.75
N GLU C 48 34.05 -63.07 -6.93
CA GLU C 48 35.18 -63.40 -7.78
C GLU C 48 36.01 -64.47 -7.11
N LEU C 49 36.05 -64.48 -5.77
CA LEU C 49 36.77 -65.59 -5.16
C LEU C 49 36.04 -66.90 -5.41
N CYS C 50 34.70 -66.84 -5.50
CA CYS C 50 34.03 -68.09 -5.77
C CYS C 50 34.44 -68.59 -7.14
N ALA C 51 34.65 -67.62 -8.05
CA ALA C 51 35.16 -67.91 -9.37
C ALA C 51 36.59 -68.40 -9.30
N LEU C 52 37.27 -67.92 -8.28
CA LEU C 52 38.65 -68.20 -8.06
C LEU C 52 39.03 -69.62 -7.76
N GLU C 53 38.13 -70.37 -7.17
CA GLU C 53 38.56 -71.72 -6.84
C GLU C 53 37.43 -72.70 -6.63
N HIS C 54 36.31 -72.22 -6.13
CA HIS C 54 35.26 -73.15 -5.81
C HIS C 54 34.69 -73.94 -6.99
N GLY C 55 34.73 -73.38 -8.20
CA GLY C 55 34.29 -74.08 -9.39
C GLY C 55 32.81 -74.02 -9.69
N GLY C 56 32.02 -73.33 -8.88
CA GLY C 56 30.61 -73.22 -9.18
C GLY C 56 29.96 -72.21 -8.27
N LEU C 57 28.74 -71.85 -8.65
CA LEU C 57 27.98 -70.85 -7.92
C LEU C 57 27.45 -71.06 -6.50
N ASP C 58 27.23 -72.30 -6.02
CA ASP C 58 26.66 -72.40 -4.67
C ASP C 58 27.59 -71.84 -3.64
N THR C 59 28.86 -71.93 -3.93
CA THR C 59 29.91 -71.36 -3.14
C THR C 59 29.81 -69.83 -3.21
N CYS C 60 29.25 -69.31 -4.31
CA CYS C 60 29.04 -67.89 -4.58
C CYS C 60 27.88 -67.31 -3.81
N ASP C 61 27.03 -68.15 -3.23
CA ASP C 61 25.88 -67.66 -2.48
C ASP C 61 26.37 -66.85 -1.30
N GLY C 62 25.65 -65.78 -1.00
CA GLY C 62 26.10 -64.92 0.07
C GLY C 62 25.95 -65.57 1.42
N GLY C 63 26.71 -65.06 2.38
CA GLY C 63 26.69 -65.66 3.68
C GLY C 63 27.55 -66.89 3.80
N SER C 64 28.39 -67.19 2.80
CA SER C 64 29.20 -68.40 2.83
C SER C 64 30.54 -68.27 2.12
N ASN C 65 31.47 -69.13 2.53
CA ASN C 65 32.85 -69.14 2.04
C ASN C 65 33.43 -67.75 2.24
N GLY C 66 33.05 -67.12 3.33
CA GLY C 66 33.49 -65.80 3.70
C GLY C 66 32.72 -64.67 3.05
N ILE C 67 31.71 -64.96 2.24
CA ILE C 67 30.96 -63.87 1.61
C ILE C 67 30.17 -63.13 2.68
N PRO C 68 30.07 -61.79 2.62
CA PRO C 68 29.26 -61.07 3.62
C PRO C 68 27.79 -61.45 3.54
N SER C 69 27.12 -61.47 4.67
CA SER C 69 25.68 -61.69 4.63
C SER C 69 25.03 -60.43 4.04
N PRO C 70 23.98 -60.54 3.22
CA PRO C 70 23.33 -59.33 2.69
C PRO C 70 22.72 -58.45 3.78
N THR C 71 22.79 -57.12 3.58
CA THR C 71 22.18 -56.23 4.57
C THR C 71 21.80 -54.83 4.06
N THR C 72 20.72 -54.29 4.65
CA THR C 72 20.20 -52.97 4.30
C THR C 72 20.89 -51.65 4.56
N THR C 73 20.79 -50.73 3.57
CA THR C 73 21.12 -49.34 3.74
C THR C 73 19.93 -49.17 4.67
N ARG C 74 20.04 -48.35 5.69
CA ARG C 74 18.96 -48.34 6.66
C ARG C 74 17.57 -47.96 6.19
N TYR C 75 17.45 -47.11 5.19
CA TYR C 75 16.11 -46.79 4.72
C TYR C 75 15.39 -47.99 4.11
N VAL C 76 16.16 -48.92 3.54
CA VAL C 76 15.54 -50.03 2.84
C VAL C 76 14.74 -50.95 3.75
N SER C 77 13.54 -51.33 3.30
CA SER C 77 12.80 -52.34 4.03
C SER C 77 13.35 -53.78 4.06
N ALA C 78 14.05 -54.22 3.01
CA ALA C 78 14.53 -55.61 2.95
C ALA C 78 15.57 -55.88 1.85
N MET C 79 16.27 -57.01 2.01
CA MET C 79 17.15 -57.58 0.99
C MET C 79 17.50 -59.04 1.11
N SER C 80 17.97 -59.59 0.00
CA SER C 80 18.37 -60.98 -0.06
C SER C 80 19.38 -61.20 -1.17
N VAL C 81 20.18 -62.25 -1.02
CA VAL C 81 21.20 -62.57 -2.01
C VAL C 81 21.45 -64.05 -2.03
N ALA C 82 21.69 -64.58 -3.22
CA ALA C 82 22.10 -65.95 -3.44
C ALA C 82 22.70 -65.96 -4.82
N LYS C 83 23.73 -66.77 -5.00
CA LYS C 83 24.48 -66.90 -6.24
C LYS C 83 24.93 -65.51 -6.69
N GLY C 84 25.11 -64.58 -5.76
CA GLY C 84 25.52 -63.23 -6.07
C GLY C 84 24.36 -62.33 -6.49
N VAL C 85 23.12 -62.85 -6.51
CA VAL C 85 21.93 -62.09 -6.88
C VAL C 85 21.60 -61.01 -5.88
N VAL C 86 21.09 -59.88 -6.35
CA VAL C 86 20.71 -58.83 -5.40
C VAL C 86 19.27 -58.42 -5.67
N SER C 87 18.37 -59.32 -5.35
CA SER C 87 16.96 -59.08 -5.56
C SER C 87 16.54 -58.30 -4.34
N LEU C 88 16.66 -56.98 -4.45
CA LEU C 88 16.37 -56.09 -3.33
C LEU C 88 14.88 -55.82 -3.15
N THR C 89 14.20 -56.85 -2.69
CA THR C 89 12.79 -56.76 -2.38
C THR C 89 12.70 -55.78 -1.23
N GLY C 90 11.66 -54.97 -1.20
CA GLY C 90 11.60 -54.05 -0.08
C GLY C 90 12.50 -52.86 -0.19
N GLN C 91 13.05 -52.58 -1.36
CA GLN C 91 13.95 -51.45 -1.41
C GLN C 91 13.20 -50.16 -1.04
N GLU C 92 13.87 -49.30 -0.25
CA GLU C 92 13.45 -47.95 0.19
C GLU C 92 11.92 -47.89 0.32
N SER C 93 11.34 -46.88 -0.33
CA SER C 93 9.96 -46.64 -0.66
C SER C 93 9.72 -47.45 -1.95
N LEU C 94 10.78 -48.06 -2.51
CA LEU C 94 10.78 -48.77 -3.78
C LEU C 94 10.19 -50.16 -3.68
N ASN C 95 8.87 -50.20 -3.56
CA ASN C 95 8.20 -51.49 -3.46
C ASN C 95 8.38 -52.25 -4.75
N GLY C 96 8.59 -53.56 -4.63
CA GLY C 96 8.68 -54.46 -5.74
C GLY C 96 10.03 -54.52 -6.40
N LEU C 97 11.02 -53.77 -5.90
CA LEU C 97 12.33 -53.81 -6.51
C LEU C 97 12.98 -55.17 -6.37
N SER C 98 13.69 -55.59 -7.39
CA SER C 98 14.49 -56.79 -7.29
C SER C 98 15.48 -56.84 -8.45
N VAL C 99 16.73 -56.49 -8.17
CA VAL C 99 17.73 -56.51 -9.22
C VAL C 99 18.16 -57.96 -9.25
N VAL C 100 17.59 -58.70 -10.18
CA VAL C 100 17.88 -60.12 -10.24
C VAL C 100 19.18 -60.17 -10.97
N MET C 101 20.23 -59.99 -10.19
CA MET C 101 21.58 -59.96 -10.65
C MET C 101 22.11 -61.37 -10.79
N THR C 102 21.60 -62.06 -11.77
CA THR C 102 22.02 -63.43 -11.94
C THR C 102 23.48 -63.44 -12.35
N PRO C 103 24.32 -64.25 -11.72
CA PRO C 103 25.72 -64.31 -12.14
C PRO C 103 25.87 -64.80 -13.57
N GLY C 104 26.86 -64.26 -14.26
CA GLY C 104 27.11 -64.74 -15.59
C GLY C 104 28.00 -65.95 -15.65
N TRP C 105 28.51 -66.43 -14.50
CA TRP C 105 29.48 -67.52 -14.45
C TRP C 105 29.23 -68.94 -14.94
N ASP C 106 30.28 -69.50 -15.57
CA ASP C 106 30.54 -70.85 -16.05
C ASP C 106 31.97 -70.73 -16.56
N ASN C 107 32.96 -71.17 -15.80
CA ASN C 107 34.32 -70.91 -16.28
C ASN C 107 34.82 -71.50 -17.58
N ALA C 108 34.37 -72.69 -18.01
CA ALA C 108 34.90 -73.17 -19.28
C ALA C 108 34.48 -72.26 -20.42
N ASN C 109 33.28 -71.68 -20.31
CA ASN C 109 32.77 -70.69 -21.24
C ASN C 109 33.50 -69.36 -21.25
N GLY C 110 34.09 -68.98 -20.12
CA GLY C 110 34.73 -67.71 -19.89
C GLY C 110 33.75 -66.62 -19.47
N VAL C 111 32.48 -66.97 -19.35
CA VAL C 111 31.43 -66.06 -18.95
C VAL C 111 31.61 -65.58 -17.51
N THR C 112 31.26 -64.32 -17.25
CA THR C 112 31.46 -63.75 -15.93
C THR C 112 30.49 -62.69 -15.45
N GLY C 113 30.21 -61.70 -16.30
CA GLY C 113 29.40 -60.58 -15.87
C GLY C 113 28.01 -60.94 -15.43
N TRP C 114 27.67 -60.33 -14.30
CA TRP C 114 26.37 -60.52 -13.68
C TRP C 114 25.26 -59.98 -14.56
N ALA C 115 24.13 -60.66 -14.57
CA ALA C 115 22.96 -60.27 -15.36
C ALA C 115 22.02 -59.33 -14.60
N ARG C 116 22.17 -58.03 -14.81
CA ARG C 116 21.26 -57.09 -14.16
C ARG C 116 19.83 -57.23 -14.63
N ASN C 117 18.90 -56.98 -13.72
CA ASN C 117 17.51 -57.03 -14.08
C ASN C 117 16.70 -55.99 -13.33
N CYS C 118 16.36 -54.88 -13.99
CA CYS C 118 15.54 -53.88 -13.32
C CYS C 118 14.22 -54.54 -13.00
N ASN C 119 13.67 -54.21 -11.86
CA ASN C 119 12.41 -54.80 -11.49
C ASN C 119 11.69 -53.88 -10.53
N ILE C 120 11.74 -52.57 -10.78
CA ILE C 120 11.06 -51.68 -9.86
C ILE C 120 9.58 -51.61 -10.23
N GLN C 121 8.85 -52.57 -9.72
CA GLN C 121 7.44 -52.65 -10.02
C GLN C 121 6.58 -51.50 -9.52
N SER C 122 6.96 -50.81 -8.44
CA SER C 122 6.07 -49.76 -7.96
C SER C 122 5.79 -48.54 -8.84
N ASP C 123 6.73 -48.10 -9.68
CA ASP C 123 6.47 -46.99 -10.62
C ASP C 123 7.45 -47.00 -11.77
N SER C 124 6.99 -46.62 -12.97
CA SER C 124 7.93 -46.53 -14.09
C SER C 124 9.01 -45.46 -14.00
N ALA C 125 8.73 -44.33 -13.34
CA ALA C 125 9.78 -43.33 -13.23
C ALA C 125 10.90 -43.90 -12.40
N LEU C 126 10.54 -44.76 -11.46
CA LEU C 126 11.58 -45.38 -10.69
C LEU C 126 12.39 -46.24 -11.60
N GLN C 127 11.74 -46.81 -12.63
CA GLN C 127 12.53 -47.59 -13.55
C GLN C 127 13.46 -46.68 -14.29
N GLN C 128 13.08 -45.40 -14.48
CA GLN C 128 14.06 -44.57 -15.15
C GLN C 128 15.24 -44.49 -14.20
N ALA C 129 14.97 -44.47 -12.89
CA ALA C 129 16.14 -44.48 -12.03
C ALA C 129 16.93 -45.78 -12.11
N CYS C 130 16.27 -46.95 -12.32
CA CYS C 130 17.12 -48.14 -12.41
C CYS C 130 17.96 -48.18 -13.64
N GLU C 131 17.41 -47.69 -14.76
CA GLU C 131 18.21 -47.72 -15.98
C GLU C 131 19.34 -46.76 -15.76
N ASP C 132 19.11 -45.75 -14.94
CA ASP C 132 20.15 -44.81 -14.66
C ASP C 132 21.14 -45.30 -13.59
N VAL C 133 20.85 -46.43 -12.90
CA VAL C 133 21.76 -47.05 -11.91
C VAL C 133 22.01 -48.49 -12.32
N PHE C 134 21.16 -49.41 -11.86
CA PHE C 134 21.28 -50.83 -12.18
C PHE C 134 20.57 -50.96 -13.50
N ARG C 135 21.33 -50.88 -14.57
CA ARG C 135 20.72 -50.94 -15.88
C ARG C 135 20.10 -52.30 -16.03
N PHE C 136 18.95 -52.36 -16.69
CA PHE C 136 18.27 -53.63 -16.86
C PHE C 136 19.17 -54.55 -17.69
N ASP C 137 20.06 -53.98 -18.49
CA ASP C 137 20.96 -54.76 -19.32
C ASP C 137 21.90 -55.62 -18.49
N ASP C 138 22.16 -56.81 -19.00
CA ASP C 138 22.87 -57.92 -18.35
C ASP C 138 24.39 -57.99 -18.28
N ALA C 139 25.14 -57.08 -18.90
CA ALA C 139 26.60 -57.23 -18.87
C ALA C 139 27.19 -57.21 -17.46
N ASN C 140 26.57 -56.53 -16.49
CA ASN C 140 27.07 -56.59 -15.10
C ASN C 140 25.97 -56.23 -14.15
N PHE D 1 -14.45 8.49 4.71
CA PHE D 1 -13.80 7.32 4.13
C PHE D 1 -12.29 7.35 4.27
N THR D 2 -11.75 8.55 4.44
CA THR D 2 -10.30 8.72 4.53
C THR D 2 -9.70 8.01 5.72
N LEU D 3 -10.48 7.82 6.77
CA LEU D 3 -9.99 7.18 7.97
C LEU D 3 -9.56 5.74 7.75
N ILE D 4 -10.12 5.07 6.74
CA ILE D 4 -9.75 3.66 6.64
C ILE D 4 -8.30 3.37 6.38
N GLU D 5 -7.59 4.23 5.64
CA GLU D 5 -6.21 3.86 5.46
C GLU D 5 -5.48 3.94 6.80
N LEU D 6 -5.89 4.86 7.67
CA LEU D 6 -5.23 4.83 8.96
C LEU D 6 -5.56 3.54 9.67
N MET D 7 -6.80 3.04 9.49
CA MET D 7 -7.10 1.78 10.15
C MET D 7 -6.34 0.59 9.61
N VAL D 8 -6.02 0.62 8.32
CA VAL D 8 -5.27 -0.51 7.81
C VAL D 8 -3.92 -0.44 8.48
N VAL D 9 -3.43 0.77 8.81
CA VAL D 9 -2.20 0.77 9.57
C VAL D 9 -2.42 0.20 10.94
N ILE D 10 -3.62 0.34 11.48
CA ILE D 10 -3.87 -0.20 12.81
C ILE D 10 -3.76 -1.70 12.78
N GLY D 11 -4.03 -2.31 11.63
CA GLY D 11 -3.95 -3.76 11.57
C GLY D 11 -3.21 -4.34 10.39
N ILE D 12 -3.65 -4.01 9.18
CA ILE D 12 -3.04 -4.62 8.02
C ILE D 12 -1.58 -4.33 7.80
N ILE D 13 -1.14 -3.13 8.17
CA ILE D 13 0.26 -2.85 7.95
C ILE D 13 1.07 -3.74 8.87
N ALA D 14 0.51 -4.15 10.00
CA ALA D 14 1.21 -5.06 10.89
C ALA D 14 0.95 -6.49 10.42
N ILE D 15 1.44 -6.79 9.21
CA ILE D 15 1.30 -8.14 8.69
C ILE D 15 2.12 -9.04 9.59
N LEU D 16 3.18 -8.49 10.16
CA LEU D 16 4.11 -9.19 11.03
C LEU D 16 4.65 -10.41 10.31
N SER D 17 4.76 -10.35 9.00
CA SER D 17 5.33 -11.48 8.29
C SER D 17 6.77 -11.59 8.74
N ALA D 18 7.23 -12.81 8.95
CA ALA D 18 8.63 -12.97 9.28
C ALA D 18 9.01 -14.42 9.07
N ILE D 19 10.25 -14.64 8.74
CA ILE D 19 10.78 -15.99 8.71
C ILE D 19 10.74 -16.35 10.18
N GLY D 20 10.44 -17.60 10.52
CA GLY D 20 10.52 -17.89 11.93
C GLY D 20 12.01 -17.88 12.22
N ILE D 21 12.51 -16.84 12.90
CA ILE D 21 13.94 -16.77 13.17
C ILE D 21 14.53 -17.96 13.91
N PRO D 22 13.95 -18.46 15.01
CA PRO D 22 14.62 -19.64 15.58
C PRO D 22 14.71 -20.79 14.61
N ALA D 23 13.72 -20.95 13.72
CA ALA D 23 13.85 -21.98 12.73
C ALA D 23 14.99 -21.69 11.79
N TYR D 24 15.25 -20.41 11.57
CA TYR D 24 16.31 -20.04 10.67
C TYR D 24 17.69 -20.41 11.14
N GLN D 25 17.91 -20.24 12.44
CA GLN D 25 19.17 -20.64 12.97
C GLN D 25 19.23 -22.14 12.93
N ASN D 26 18.06 -22.81 13.02
CA ASN D 26 18.12 -24.25 12.95
C ASN D 26 18.59 -24.69 11.61
N TYR D 27 18.24 -23.93 10.59
CA TYR D 27 18.72 -24.45 9.35
C TYR D 27 20.17 -24.15 9.05
N LEU D 28 20.59 -22.88 9.18
CA LEU D 28 22.01 -22.70 8.87
C LEU D 28 22.93 -23.37 9.85
N ARG D 29 22.51 -23.43 11.12
CA ARG D 29 23.34 -24.11 12.08
C ARG D 29 23.39 -25.58 11.79
N LYS D 30 22.29 -26.11 11.26
CA LYS D 30 22.34 -27.52 10.94
C LYS D 30 23.35 -27.66 9.86
N ALA D 31 23.44 -26.65 9.01
CA ALA D 31 24.46 -26.73 8.02
C ALA D 31 25.83 -26.70 8.64
N ALA D 32 25.98 -26.01 9.77
CA ALA D 32 27.27 -26.06 10.40
C ALA D 32 27.54 -27.46 10.90
N LEU D 33 26.48 -28.20 11.24
CA LEU D 33 26.72 -29.57 11.68
C LEU D 33 27.14 -30.37 10.48
N THR D 34 26.41 -30.23 9.40
CA THR D 34 26.75 -30.99 8.25
C THR D 34 28.09 -30.64 7.68
N ASP D 35 28.47 -29.36 7.76
CA ASP D 35 29.77 -28.99 7.29
C ASP D 35 30.74 -29.65 8.23
N MET D 36 30.34 -29.82 9.49
CA MET D 36 31.25 -30.51 10.37
C MET D 36 31.39 -31.94 9.95
N LEU D 37 30.34 -32.53 9.37
CA LEU D 37 30.52 -33.89 8.94
C LEU D 37 31.55 -33.86 7.84
N GLN D 38 31.55 -32.77 7.05
CA GLN D 38 32.57 -32.70 6.04
C GLN D 38 33.94 -32.59 6.67
N THR D 39 34.02 -31.91 7.82
CA THR D 39 35.31 -31.84 8.48
C THR D 39 35.68 -33.22 8.95
N PHE D 40 34.68 -34.04 9.30
CA PHE D 40 34.95 -35.39 9.74
C PHE D 40 35.51 -36.26 8.65
N VAL D 41 35.14 -35.96 7.41
CA VAL D 41 35.57 -36.82 6.32
C VAL D 41 37.05 -37.04 6.10
N PRO D 42 37.90 -36.01 6.07
CA PRO D 42 39.33 -36.30 5.94
C PRO D 42 39.81 -37.15 7.06
N TYR D 43 39.22 -36.94 8.24
CA TYR D 43 39.60 -37.80 9.33
C TYR D 43 39.14 -39.20 9.05
N ARG D 44 38.02 -39.39 8.32
CA ARG D 44 37.66 -40.76 8.06
C ARG D 44 38.72 -41.39 7.21
N THR D 45 39.34 -40.60 6.32
CA THR D 45 40.34 -41.26 5.52
C THR D 45 41.64 -41.55 6.24
N ALA D 46 42.14 -40.57 7.00
CA ALA D 46 43.37 -40.86 7.69
C ALA D 46 43.19 -41.95 8.71
N VAL D 47 42.00 -42.01 9.32
CA VAL D 47 41.79 -43.10 10.26
C VAL D 47 41.79 -44.39 9.47
N GLU D 48 41.33 -44.35 8.21
CA GLU D 48 41.40 -45.62 7.50
C GLU D 48 42.84 -46.00 7.31
N LEU D 49 43.74 -45.01 7.18
CA LEU D 49 45.13 -45.41 7.12
C LEU D 49 45.59 -45.99 8.45
N CYS D 50 45.00 -45.51 9.54
CA CYS D 50 45.42 -46.09 10.80
C CYS D 50 45.00 -47.54 10.82
N ALA D 51 43.84 -47.81 10.21
CA ALA D 51 43.35 -49.16 10.03
C ALA D 51 44.24 -49.93 9.08
N LEU D 52 44.83 -49.18 8.18
CA LEU D 52 45.67 -49.72 7.14
C LEU D 52 46.94 -50.39 7.56
N GLU D 53 47.51 -49.97 8.67
CA GLU D 53 48.78 -50.60 9.00
C GLU D 53 49.15 -50.50 10.46
N HIS D 54 48.75 -49.43 11.11
CA HIS D 54 49.21 -49.25 12.47
C HIS D 54 48.75 -50.33 13.45
N GLY D 55 47.61 -50.97 13.22
CA GLY D 55 47.14 -52.05 14.05
C GLY D 55 46.36 -51.66 15.28
N GLY D 56 46.15 -50.38 15.53
CA GLY D 56 45.36 -49.98 16.68
C GLY D 56 45.06 -48.50 16.62
N LEU D 57 44.13 -48.12 17.49
CA LEU D 57 43.66 -46.75 17.54
C LEU D 57 44.55 -45.57 17.99
N ASP D 58 45.60 -45.77 18.80
CA ASP D 58 46.34 -44.58 19.23
C ASP D 58 46.97 -43.87 18.06
N THR D 59 47.30 -44.64 17.06
CA THR D 59 47.82 -44.17 15.82
C THR D 59 46.71 -43.39 15.09
N CYS D 60 45.45 -43.74 15.38
CA CYS D 60 44.25 -43.11 14.81
C CYS D 60 43.94 -41.75 15.43
N ASP D 61 44.59 -41.42 16.55
CA ASP D 61 44.33 -40.15 17.20
C ASP D 61 44.73 -39.02 16.26
N GLY D 62 43.96 -37.94 16.26
CA GLY D 62 44.25 -36.87 15.35
C GLY D 62 45.50 -36.13 15.72
N GLY D 63 46.06 -35.45 14.73
CA GLY D 63 47.31 -34.76 14.98
C GLY D 63 48.52 -35.66 14.90
N SER D 64 48.37 -36.91 14.43
CA SER D 64 49.49 -37.84 14.39
C SER D 64 49.41 -38.85 13.24
N ASN D 65 50.59 -39.35 12.87
CA ASN D 65 50.77 -40.28 11.76
C ASN D 65 50.19 -39.64 10.52
N GLY D 66 50.34 -38.32 10.42
CA GLY D 66 49.86 -37.54 9.31
C GLY D 66 48.42 -37.13 9.42
N ILE D 67 47.72 -37.49 10.49
CA ILE D 67 46.30 -37.09 10.57
C ILE D 67 46.22 -35.58 10.77
N PRO D 68 45.26 -34.89 10.15
CA PRO D 68 45.13 -33.44 10.37
C PRO D 68 44.80 -33.11 11.82
N SER D 69 45.32 -32.01 12.31
CA SER D 69 44.91 -31.58 13.65
C SER D 69 43.46 -31.11 13.56
N PRO D 70 42.62 -31.36 14.57
CA PRO D 70 41.23 -30.88 14.51
C PRO D 70 41.13 -29.35 14.46
N THR D 71 40.14 -28.83 13.72
CA THR D 71 39.96 -27.38 13.68
C THR D 71 38.57 -26.88 13.30
N THR D 72 38.20 -25.73 13.87
CA THR D 72 36.91 -25.10 13.64
C THR D 72 36.44 -24.48 12.33
N THR D 73 35.15 -24.70 12.01
CA THR D 73 34.46 -23.98 10.97
C THR D 73 34.52 -22.72 11.83
N ARG D 74 34.68 -21.57 11.21
CA ARG D 74 34.92 -20.40 12.04
C ARG D 74 33.85 -20.01 13.05
N TYR D 75 32.59 -20.26 12.77
CA TYR D 75 31.59 -19.92 13.76
C TYR D 75 31.73 -20.72 15.05
N VAL D 76 32.25 -21.94 14.96
CA VAL D 76 32.32 -22.80 16.12
C VAL D 76 33.23 -22.29 17.21
N SER D 77 32.76 -22.34 18.45
CA SER D 77 33.64 -22.02 19.57
C SER D 77 34.82 -22.96 19.87
N ALA D 78 34.68 -24.27 19.59
CA ALA D 78 35.73 -25.23 19.92
C ALA D 78 35.58 -26.61 19.28
N MET D 79 36.69 -27.37 19.28
CA MET D 79 36.72 -28.79 18.91
C MET D 79 37.91 -29.59 19.39
N SER D 80 37.71 -30.90 19.38
CA SER D 80 38.74 -31.83 19.79
C SER D 80 38.52 -33.19 19.14
N VAL D 81 39.61 -33.94 19.01
CA VAL D 81 39.55 -35.26 18.39
C VAL D 81 40.63 -36.15 18.97
N ALA D 82 40.28 -37.41 19.14
CA ALA D 82 41.20 -38.46 19.54
C ALA D 82 40.51 -39.75 19.15
N LYS D 83 41.31 -40.72 18.73
CA LYS D 83 40.86 -42.02 18.26
C LYS D 83 39.81 -41.82 17.17
N GLY D 84 39.86 -40.70 16.45
CA GLY D 84 38.90 -40.39 15.42
C GLY D 84 37.61 -39.77 15.94
N VAL D 85 37.50 -39.56 17.27
CA VAL D 85 36.31 -38.98 17.90
C VAL D 85 36.13 -37.52 17.52
N VAL D 86 34.88 -37.08 17.39
CA VAL D 86 34.66 -35.67 17.08
C VAL D 86 33.71 -35.09 18.09
N SER D 87 34.18 -34.96 19.31
CA SER D 87 33.38 -34.43 20.39
C SER D 87 33.50 -32.92 20.22
N LEU D 88 32.59 -32.37 19.43
CA LEU D 88 32.63 -30.95 19.12
C LEU D 88 32.03 -30.09 20.21
N THR D 89 32.76 -30.01 21.30
CA THR D 89 32.40 -29.16 22.42
C THR D 89 32.47 -27.74 21.89
N GLY D 90 31.56 -26.88 22.32
CA GLY D 90 31.67 -25.54 21.81
C GLY D 90 31.12 -25.36 20.43
N GLN D 91 30.37 -26.31 19.89
CA GLN D 91 29.91 -26.11 18.54
C GLN D 91 29.02 -24.88 18.46
N GLU D 92 29.20 -24.09 17.38
CA GLU D 92 28.44 -22.89 16.97
C GLU D 92 27.93 -22.15 18.21
N SER D 93 26.62 -21.88 18.22
CA SER D 93 25.76 -21.45 19.28
C SER D 93 25.37 -22.74 20.02
N LEU D 94 25.80 -23.91 19.49
CA LEU D 94 25.43 -25.25 19.96
C LEU D 94 26.21 -25.66 21.20
N ASN D 95 25.84 -25.06 22.33
CA ASN D 95 26.52 -25.38 23.56
C ASN D 95 26.25 -26.84 23.91
N GLY D 96 27.27 -27.51 24.42
CA GLY D 96 27.19 -28.85 24.91
C GLY D 96 27.30 -29.92 23.86
N LEU D 97 27.47 -29.55 22.59
CA LEU D 97 27.57 -30.55 21.54
C LEU D 97 28.80 -31.40 21.72
N SER D 98 28.67 -32.69 21.42
CA SER D 98 29.83 -33.56 21.37
C SER D 98 29.46 -34.85 20.67
N VAL D 99 29.86 -34.96 19.40
CA VAL D 99 29.55 -36.14 18.64
C VAL D 99 30.66 -37.10 19.06
N VAL D 100 30.35 -37.96 20.00
CA VAL D 100 31.35 -38.87 20.52
C VAL D 100 31.38 -39.97 19.50
N MET D 101 32.15 -39.70 18.46
CA MET D 101 32.31 -40.57 17.33
C MET D 101 33.36 -41.62 17.67
N THR D 102 32.99 -42.51 18.54
CA THR D 102 33.94 -43.52 18.93
C THR D 102 34.21 -44.42 17.73
N PRO D 103 35.46 -44.71 17.40
CA PRO D 103 35.73 -45.62 16.28
C PRO D 103 35.19 -47.01 16.52
N GLY D 104 34.72 -47.63 15.46
CA GLY D 104 34.28 -48.99 15.60
C GLY D 104 35.36 -50.02 15.50
N TRP D 105 36.61 -49.62 15.25
CA TRP D 105 37.73 -50.53 14.99
C TRP D 105 38.26 -51.54 16.00
N ASP D 106 38.61 -52.72 15.47
CA ASP D 106 39.29 -53.89 16.01
C ASP D 106 39.39 -54.78 14.78
N ASN D 107 40.53 -54.84 14.11
CA ASN D 107 40.54 -55.60 12.87
C ASN D 107 40.27 -57.10 12.86
N ALA D 108 40.62 -57.86 13.91
CA ALA D 108 40.30 -59.28 13.81
C ALA D 108 38.80 -59.49 13.77
N ASN D 109 38.05 -58.63 14.46
CA ASN D 109 36.60 -58.61 14.44
C ASN D 109 35.96 -58.22 13.11
N GLY D 110 36.68 -57.40 12.33
CA GLY D 110 36.20 -56.82 11.10
C GLY D 110 35.40 -55.55 11.30
N VAL D 111 35.25 -55.13 12.56
CA VAL D 111 34.53 -53.92 12.94
C VAL D 111 35.21 -52.67 12.41
N THR D 112 34.41 -51.68 12.01
CA THR D 112 34.97 -50.46 11.43
C THR D 112 34.21 -49.16 11.65
N GLY D 113 32.90 -49.17 11.43
CA GLY D 113 32.15 -47.95 11.48
C GLY D 113 32.17 -47.24 12.81
N TRP D 114 32.37 -45.93 12.69
CA TRP D 114 32.44 -45.05 13.83
C TRP D 114 31.10 -44.99 14.56
N ALA D 115 31.14 -44.90 15.87
CA ALA D 115 29.95 -44.83 16.70
C ALA D 115 29.47 -43.40 16.94
N ARG D 116 28.52 -42.93 16.15
CA ARG D 116 27.99 -41.59 16.36
C ARG D 116 27.27 -41.45 17.67
N ASN D 117 27.36 -40.27 18.25
CA ASN D 117 26.66 -40.00 19.49
C ASN D 117 26.16 -38.57 19.55
N CYS D 118 24.86 -38.36 19.30
CA CYS D 118 24.34 -37.01 19.40
C CYS D 118 24.52 -36.59 20.85
N ASN D 119 24.83 -35.32 21.04
CA ASN D 119 25.01 -34.85 22.40
C ASN D 119 24.76 -33.36 22.44
N ILE D 120 23.74 -32.89 21.71
CA ILE D 120 23.51 -31.46 21.74
C ILE D 120 22.69 -31.11 22.97
N GLN D 121 23.40 -30.93 24.06
CA GLN D 121 22.75 -30.65 25.32
C GLN D 121 21.98 -29.33 25.40
N SER D 122 22.38 -28.30 24.62
CA SER D 122 21.67 -27.04 24.78
C SER D 122 20.17 -26.95 24.44
N ASP D 123 19.67 -27.73 23.48
CA ASP D 123 18.23 -27.75 23.19
C ASP D 123 17.84 -29.02 22.44
N SER D 124 16.64 -29.55 22.72
CA SER D 124 16.19 -30.72 21.96
C SER D 124 15.92 -30.52 20.47
N ALA D 125 15.49 -29.31 20.06
CA ALA D 125 15.29 -29.13 18.64
C ALA D 125 16.60 -29.24 17.92
N LEU D 126 17.67 -28.84 18.61
CA LEU D 126 18.96 -29.00 18.02
C LEU D 126 19.22 -30.46 17.86
N GLN D 127 18.70 -31.27 18.78
CA GLN D 127 18.91 -32.69 18.62
C GLN D 127 18.15 -33.14 17.40
N GLN D 128 17.04 -32.47 17.06
CA GLN D 128 16.41 -32.92 15.83
C GLN D 128 17.39 -32.64 14.73
N ALA D 129 18.14 -31.53 14.84
CA ALA D 129 19.13 -31.36 13.80
C ALA D 129 20.24 -32.41 13.83
N CYS D 130 20.64 -32.91 15.02
CA CYS D 130 21.68 -33.94 14.95
C CYS D 130 21.21 -35.24 14.35
N GLU D 131 19.95 -35.61 14.64
CA GLU D 131 19.47 -36.85 14.08
C GLU D 131 19.38 -36.64 12.59
N ASP D 132 19.16 -35.40 12.19
CA ASP D 132 19.09 -35.12 10.79
C ASP D 132 20.48 -34.95 10.14
N VAL D 133 21.57 -34.90 10.93
CA VAL D 133 22.95 -34.85 10.41
C VAL D 133 23.73 -36.01 11.00
N PHE D 134 24.33 -35.80 12.17
CA PHE D 134 25.12 -36.82 12.86
C PHE D 134 24.10 -37.62 13.62
N ARG D 135 23.61 -38.68 13.02
CA ARG D 135 22.58 -39.46 13.67
C ARG D 135 23.16 -40.03 14.93
N PHE D 136 22.37 -40.10 15.97
CA PHE D 136 22.85 -40.62 17.24
C PHE D 136 23.25 -42.08 17.03
N ASP D 137 22.66 -42.75 16.04
CA ASP D 137 22.97 -44.14 15.77
C ASP D 137 24.43 -44.33 15.36
N ASP D 138 24.99 -45.45 15.81
CA ASP D 138 26.39 -45.82 15.77
C ASP D 138 27.04 -46.41 14.52
N ALA D 139 26.30 -46.70 13.44
CA ALA D 139 26.95 -47.35 12.29
C ALA D 139 28.07 -46.50 11.68
N ASN D 140 28.01 -45.17 11.76
CA ASN D 140 29.15 -44.35 11.26
C ASN D 140 29.13 -43.01 11.92
N PHE E 1 -16.35 21.10 9.52
CA PHE E 1 -15.71 19.79 9.65
C PHE E 1 -15.10 19.30 8.36
N THR E 2 -15.58 19.83 7.24
CA THR E 2 -15.12 19.41 5.92
C THR E 2 -13.65 19.69 5.70
N LEU E 3 -13.12 20.70 6.38
CA LEU E 3 -11.73 21.08 6.20
C LEU E 3 -10.76 19.99 6.64
N ILE E 4 -11.17 19.10 7.55
CA ILE E 4 -10.17 18.15 7.99
C ILE E 4 -9.63 17.22 6.96
N GLU E 5 -10.41 16.82 5.96
CA GLU E 5 -9.80 15.94 5.01
C GLU E 5 -8.71 16.69 4.24
N LEU E 6 -8.91 17.99 4.03
CA LEU E 6 -7.82 18.68 3.39
C LEU E 6 -6.60 18.68 4.29
N MET E 7 -6.83 18.79 5.61
CA MET E 7 -5.68 18.75 6.49
C MET E 7 -4.95 17.43 6.52
N VAL E 8 -5.70 16.33 6.35
CA VAL E 8 -5.01 15.06 6.36
C VAL E 8 -4.13 15.06 5.14
N VAL E 9 -4.55 15.74 4.06
CA VAL E 9 -3.61 15.81 2.95
C VAL E 9 -2.41 16.63 3.34
N ILE E 10 -2.60 17.61 4.22
CA ILE E 10 -1.45 18.43 4.61
C ILE E 10 -0.42 17.59 5.33
N GLY E 11 -0.86 16.50 5.97
CA GLY E 11 0.08 15.68 6.68
C GLY E 11 -0.03 14.19 6.47
N ILE E 12 -1.20 13.63 6.76
CA ILE E 12 -1.33 12.19 6.67
C ILE E 12 -1.14 11.59 5.30
N ILE E 13 -1.54 12.31 4.27
CA ILE E 13 -1.36 11.73 2.95
C ILE E 13 0.13 11.63 2.67
N ALA E 14 0.93 12.49 3.27
CA ALA E 14 2.37 12.41 3.09
C ALA E 14 2.92 11.41 4.11
N ILE E 15 2.51 10.15 3.97
CA ILE E 15 3.03 9.12 4.85
C ILE E 15 4.51 9.01 4.57
N LEU E 16 4.89 9.29 3.34
CA LEU E 16 6.26 9.21 2.85
C LEU E 16 6.80 7.82 3.11
N SER E 17 5.95 6.81 3.09
CA SER E 17 6.44 5.47 3.27
C SER E 17 7.33 5.16 2.09
N ALA E 18 8.46 4.51 2.33
CA ALA E 18 9.28 4.09 1.22
C ALA E 18 10.25 3.05 1.69
N ILE E 19 10.62 2.17 0.79
CA ILE E 19 11.69 1.25 1.07
C ILE E 19 12.88 2.18 1.18
N GLY E 20 13.83 1.91 2.08
CA GLY E 20 14.98 2.80 2.05
C GLY E 20 15.69 2.41 0.76
N ILE E 21 15.62 3.27 -0.27
CA ILE E 21 16.26 2.92 -1.53
C ILE E 21 17.75 2.63 -1.45
N PRO E 22 18.59 3.42 -0.78
CA PRO E 22 20.00 2.98 -0.76
C PRO E 22 20.16 1.61 -0.15
N ALA E 23 19.33 1.26 0.85
CA ALA E 23 19.42 -0.07 1.38
C ALA E 23 19.02 -1.09 0.33
N TYR E 24 18.12 -0.69 -0.56
CA TYR E 24 17.66 -1.61 -1.58
C TYR E 24 18.72 -2.00 -2.56
N GLN E 25 19.53 -1.02 -2.95
CA GLN E 25 20.60 -1.34 -3.84
C GLN E 25 21.59 -2.18 -3.08
N ASN E 26 21.68 -1.98 -1.76
CA ASN E 26 22.61 -2.81 -1.03
C ASN E 26 22.21 -4.22 -1.08
N TYR E 27 20.91 -4.47 -1.11
CA TYR E 27 20.62 -5.87 -1.13
C TYR E 27 20.74 -6.52 -2.48
N LEU E 28 20.14 -5.94 -3.53
CA LEU E 28 20.33 -6.64 -4.79
C LEU E 28 21.75 -6.62 -5.28
N ARG E 29 22.45 -5.54 -5.01
CA ARG E 29 23.84 -5.49 -5.42
C ARG E 29 24.65 -6.48 -4.66
N LYS E 30 24.26 -6.72 -3.39
CA LYS E 30 25.01 -7.71 -2.66
C LYS E 30 24.77 -9.01 -3.35
N ALA E 31 23.58 -9.16 -3.90
CA ALA E 31 23.35 -10.37 -4.63
C ALA E 31 24.23 -10.44 -5.84
N ALA E 32 24.56 -9.28 -6.43
CA ALA E 32 25.47 -9.35 -7.54
C ALA E 32 26.82 -9.82 -7.06
N LEU E 33 27.16 -9.51 -5.81
CA LEU E 33 28.44 -9.99 -5.31
C LEU E 33 28.35 -11.48 -5.13
N THR E 34 27.29 -11.91 -4.51
CA THR E 34 27.16 -13.32 -4.28
C THR E 34 27.05 -14.12 -5.57
N ASP E 35 26.39 -13.54 -6.57
CA ASP E 35 26.30 -14.24 -7.82
C ASP E 35 27.70 -14.25 -8.36
N MET E 36 28.48 -13.23 -8.04
CA MET E 36 29.84 -13.30 -8.51
C MET E 36 30.58 -14.41 -7.83
N LEU E 37 30.22 -14.72 -6.58
CA LEU E 37 30.91 -15.83 -5.97
C LEU E 37 30.54 -17.05 -6.76
N GLN E 38 29.31 -17.08 -7.27
CA GLN E 38 28.97 -18.22 -8.09
C GLN E 38 29.79 -18.24 -9.35
N THR E 39 30.13 -17.05 -9.88
CA THR E 39 30.97 -17.04 -11.05
C THR E 39 32.33 -17.55 -10.66
N PHE E 40 32.74 -17.31 -9.41
CA PHE E 40 34.03 -17.78 -8.95
C PHE E 40 34.10 -19.28 -8.87
N VAL E 41 32.97 -19.92 -8.61
CA VAL E 41 32.98 -21.35 -8.43
C VAL E 41 33.53 -22.23 -9.55
N PRO E 42 33.12 -22.06 -10.80
CA PRO E 42 33.73 -22.89 -11.84
C PRO E 42 35.22 -22.68 -11.89
N TYR E 43 35.63 -21.45 -11.59
CA TYR E 43 37.05 -21.21 -11.54
C TYR E 43 37.64 -21.98 -10.38
N ARG E 44 36.88 -22.17 -9.29
CA ARG E 44 37.49 -22.93 -8.23
C ARG E 44 37.75 -24.33 -8.71
N THR E 45 36.87 -24.84 -9.58
CA THR E 45 37.15 -26.19 -10.00
C THR E 45 38.28 -26.31 -10.99
N ALA E 46 38.30 -25.44 -11.99
CA ALA E 46 39.38 -25.57 -12.95
C ALA E 46 40.71 -25.29 -12.29
N VAL E 47 40.72 -24.37 -11.31
CA VAL E 47 41.99 -24.15 -10.63
C VAL E 47 42.32 -25.40 -9.87
N GLU E 48 41.31 -26.16 -9.39
CA GLU E 48 41.72 -27.38 -8.72
C GLU E 48 42.37 -28.31 -9.72
N LEU E 49 41.95 -28.26 -10.99
CA LEU E 49 42.68 -29.07 -11.95
C LEU E 49 44.10 -28.55 -12.12
N CYS E 50 44.29 -27.23 -11.98
CA CYS E 50 45.64 -26.75 -12.12
C CYS E 50 46.48 -27.32 -10.99
N ALA E 51 45.83 -27.46 -9.82
CA ALA E 51 46.44 -28.10 -8.68
C ALA E 51 46.66 -29.57 -8.94
N LEU E 52 45.78 -30.10 -9.76
CA LEU E 52 45.76 -31.50 -10.09
C LEU E 52 46.94 -32.04 -10.84
N GLU E 53 47.59 -31.22 -11.63
CA GLU E 53 48.69 -31.81 -12.38
C GLU E 53 49.70 -30.81 -12.87
N HIS E 54 49.27 -29.60 -13.16
CA HIS E 54 50.21 -28.66 -13.75
C HIS E 54 51.41 -28.30 -12.88
N GLY E 55 51.25 -28.35 -11.55
CA GLY E 55 52.36 -28.08 -10.65
C GLY E 55 52.62 -26.64 -10.31
N GLY E 56 51.84 -25.71 -10.83
CA GLY E 56 52.05 -24.32 -10.48
C GLY E 56 50.91 -23.47 -11.01
N LEU E 57 50.88 -22.25 -10.51
CA LEU E 57 49.83 -21.31 -10.85
C LEU E 57 49.66 -20.72 -12.25
N ASP E 58 50.70 -20.63 -13.09
CA ASP E 58 50.46 -19.99 -14.39
C ASP E 58 49.46 -20.75 -15.20
N THR E 59 49.44 -22.04 -15.00
CA THR E 59 48.49 -22.94 -15.58
C THR E 59 47.11 -22.65 -15.01
N CYS E 60 47.06 -22.10 -13.78
CA CYS E 60 45.84 -21.71 -13.06
C CYS E 60 45.24 -20.43 -13.58
N ASP E 61 45.97 -19.66 -14.39
CA ASP E 61 45.44 -18.42 -14.91
C ASP E 61 44.24 -18.71 -15.77
N GLY E 62 43.24 -17.82 -15.70
CA GLY E 62 42.04 -18.08 -16.44
C GLY E 62 42.24 -17.91 -17.92
N GLY E 63 41.33 -18.53 -18.67
CA GLY E 63 41.48 -18.50 -20.11
C GLY E 63 42.47 -19.52 -20.64
N SER E 64 42.94 -20.45 -19.81
CA SER E 64 43.93 -21.42 -20.25
C SER E 64 43.84 -22.77 -19.56
N ASN E 65 44.37 -23.79 -20.25
CA ASN E 65 44.33 -25.18 -19.81
C ASN E 65 42.87 -25.56 -19.56
N GLY E 66 41.98 -25.01 -20.38
CA GLY E 66 40.57 -25.24 -20.31
C GLY E 66 39.85 -24.36 -19.31
N ILE E 67 40.53 -23.46 -18.63
CA ILE E 67 39.81 -22.62 -17.65
C ILE E 67 38.90 -21.66 -18.42
N PRO E 68 37.68 -21.38 -17.93
CA PRO E 68 36.82 -20.41 -18.61
C PRO E 68 37.42 -19.00 -18.63
N SER E 69 37.19 -18.28 -19.70
CA SER E 69 37.64 -16.89 -19.69
C SER E 69 36.73 -16.12 -18.72
N PRO E 70 37.26 -15.14 -17.96
CA PRO E 70 36.39 -14.38 -17.04
C PRO E 70 35.31 -13.58 -17.77
N THR E 71 34.13 -13.47 -17.16
CA THR E 71 33.07 -12.69 -17.79
C THR E 71 31.98 -12.15 -16.85
N THR E 72 31.46 -10.97 -17.20
CA THR E 72 30.42 -10.30 -16.43
C THR E 72 28.98 -10.78 -16.27
N THR E 73 28.46 -10.61 -15.03
CA THR E 73 27.04 -10.75 -14.75
C THR E 73 26.79 -9.48 -15.55
N ARG E 74 25.67 -9.40 -16.24
CA ARG E 74 25.52 -8.27 -17.13
C ARG E 74 25.53 -6.88 -16.54
N TYR E 75 25.07 -6.71 -15.32
CA TYR E 75 25.13 -5.38 -14.74
C TYR E 75 26.55 -4.87 -14.53
N VAL E 76 27.49 -5.79 -14.31
CA VAL E 76 28.85 -5.39 -14.00
C VAL E 76 29.54 -4.67 -15.13
N SER E 77 30.22 -3.56 -14.81
CA SER E 77 31.05 -2.91 -15.81
C SER E 77 32.29 -3.65 -16.33
N ALA E 78 32.94 -4.48 -15.48
CA ALA E 78 34.18 -5.15 -15.89
C ALA E 78 34.62 -6.29 -14.96
N MET E 79 35.53 -7.14 -15.50
CA MET E 79 36.25 -8.16 -14.73
C MET E 79 37.52 -8.69 -15.33
N SER E 80 38.32 -9.31 -14.46
CA SER E 80 39.58 -9.90 -14.86
C SER E 80 39.98 -11.00 -13.91
N VAL E 81 40.79 -11.93 -14.40
CA VAL E 81 41.24 -13.05 -13.60
C VAL E 81 42.61 -13.51 -14.08
N ALA E 82 43.43 -13.89 -13.12
CA ALA E 82 44.73 -14.51 -13.37
C ALA E 82 45.08 -15.20 -12.07
N LYS E 83 45.74 -16.34 -12.19
CA LYS E 83 46.14 -17.18 -11.08
C LYS E 83 44.92 -17.47 -10.21
N GLY E 84 43.72 -17.46 -10.79
CA GLY E 84 42.50 -17.69 -10.07
C GLY E 84 41.96 -16.46 -9.36
N VAL E 85 42.64 -15.30 -9.48
CA VAL E 85 42.24 -14.04 -8.85
C VAL E 85 40.95 -13.50 -9.45
N VAL E 86 40.12 -12.87 -8.62
CA VAL E 86 38.90 -12.28 -9.17
C VAL E 86 38.82 -10.83 -8.75
N SER E 87 39.70 -10.04 -9.32
CA SER E 87 39.76 -8.63 -9.02
C SER E 87 38.70 -8.02 -9.91
N LEU E 88 37.48 -7.96 -9.39
CA LEU E 88 36.34 -7.48 -10.15
C LEU E 88 36.26 -5.96 -10.19
N THR E 89 37.19 -5.40 -10.95
CA THR E 89 37.22 -3.97 -11.18
C THR E 89 35.95 -3.66 -11.95
N GLY E 90 35.33 -2.52 -11.69
CA GLY E 90 34.14 -2.26 -12.45
C GLY E 90 32.92 -2.99 -11.98
N GLN E 91 32.94 -3.57 -10.80
CA GLN E 91 31.76 -4.31 -10.40
C GLN E 91 30.56 -3.36 -10.31
N GLU E 92 29.39 -3.85 -10.79
CA GLU E 92 28.05 -3.22 -10.77
C GLU E 92 28.20 -1.70 -10.83
N SER E 93 27.54 -1.03 -9.88
CA SER E 93 27.64 0.34 -9.46
C SER E 93 28.83 0.38 -8.51
N LEU E 94 29.42 -0.79 -8.20
CA LEU E 94 30.50 -0.98 -7.22
C LEU E 94 31.86 -0.58 -7.75
N ASN E 95 32.05 0.73 -7.85
CA ASN E 95 33.32 1.22 -8.35
C ASN E 95 34.43 0.84 -7.38
N GLY E 96 35.57 0.47 -7.92
CA GLY E 96 36.76 0.18 -7.17
C GLY E 96 36.82 -1.22 -6.60
N LEU E 97 35.81 -2.06 -6.84
CA LEU E 97 35.83 -3.40 -6.30
C LEU E 97 36.97 -4.21 -6.90
N SER E 98 37.57 -5.04 -6.08
CA SER E 98 38.54 -6.00 -6.59
C SER E 98 38.81 -7.06 -5.52
N VAL E 99 38.21 -8.23 -5.70
CA VAL E 99 38.39 -9.29 -4.75
C VAL E 99 39.70 -9.92 -5.19
N VAL E 100 40.78 -9.53 -4.55
CA VAL E 100 42.07 -10.01 -4.95
C VAL E 100 42.16 -11.36 -4.31
N MET E 101 41.59 -12.31 -5.01
CA MET E 101 41.49 -13.68 -4.59
C MET E 101 42.78 -14.40 -4.94
N THR E 102 43.81 -14.06 -4.22
CA THR E 102 45.08 -14.67 -4.51
C THR E 102 44.99 -16.15 -4.15
N PRO E 103 45.42 -17.05 -5.03
CA PRO E 103 45.40 -18.47 -4.69
C PRO E 103 46.29 -18.79 -3.50
N GLY E 104 45.84 -19.73 -2.69
CA GLY E 104 46.68 -20.15 -1.59
C GLY E 104 47.69 -21.20 -1.95
N TRP E 105 47.71 -21.68 -3.19
CA TRP E 105 48.55 -22.80 -3.62
C TRP E 105 50.08 -22.77 -3.61
N ASP E 106 50.64 -23.93 -3.23
CA ASP E 106 52.02 -24.41 -3.22
C ASP E 106 51.85 -25.84 -2.73
N ASN E 107 51.86 -26.83 -3.60
CA ASN E 107 51.58 -28.17 -3.10
C ASN E 107 52.46 -28.84 -2.07
N ALA E 108 53.78 -28.58 -2.04
CA ALA E 108 54.55 -29.26 -1.00
C ALA E 108 54.12 -28.79 0.37
N ASN E 109 53.73 -27.53 0.48
CA ASN E 109 53.18 -26.95 1.70
C ASN E 109 51.83 -27.48 2.13
N GLY E 110 51.03 -27.94 1.16
CA GLY E 110 49.66 -28.37 1.34
C GLY E 110 48.67 -27.24 1.32
N VAL E 111 49.14 -26.03 1.12
CA VAL E 111 48.33 -24.81 1.05
C VAL E 111 47.39 -24.84 -0.14
N THR E 112 46.18 -24.30 0.03
CA THR E 112 45.20 -24.33 -1.05
C THR E 112 44.20 -23.18 -1.12
N GLY E 113 43.59 -22.83 0.00
CA GLY E 113 42.53 -21.86 -0.03
C GLY E 113 42.94 -20.49 -0.53
N TRP E 114 42.07 -19.99 -1.40
CA TRP E 114 42.24 -18.69 -2.01
C TRP E 114 42.18 -17.58 -0.98
N ALA E 115 43.00 -16.56 -1.17
CA ALA E 115 43.07 -15.41 -0.27
C ALA E 115 42.09 -14.30 -0.66
N ARG E 116 40.91 -14.27 -0.04
CA ARG E 116 39.97 -13.21 -0.33
C ARG E 116 40.47 -11.85 0.10
N ASN E 117 40.09 -10.84 -0.66
CA ASN E 117 40.47 -9.49 -0.31
C ASN E 117 39.37 -8.49 -0.67
N CYS E 118 38.61 -8.05 0.34
CA CYS E 118 37.58 -7.06 0.04
C CYS E 118 38.30 -5.82 -0.44
N ASN E 119 37.71 -5.15 -1.41
CA ASN E 119 38.33 -3.96 -1.92
C ASN E 119 37.27 -3.06 -2.51
N ILE E 120 36.12 -2.95 -1.85
CA ILE E 120 35.10 -2.09 -2.42
C ILE E 120 35.38 -0.64 -2.02
N GLN E 121 36.23 -0.01 -2.80
CA GLN E 121 36.62 1.34 -2.50
C GLN E 121 35.52 2.39 -2.58
N SER E 122 34.47 2.18 -3.39
CA SER E 122 33.47 3.25 -3.49
C SER E 122 32.65 3.63 -2.25
N ASP E 123 32.35 2.70 -1.33
CA ASP E 123 31.67 3.05 -0.08
C ASP E 123 31.88 1.99 0.99
N SER E 124 31.98 2.42 2.26
CA SER E 124 32.11 1.42 3.32
C SER E 124 30.91 0.51 3.56
N ALA E 125 29.68 1.00 3.31
CA ALA E 125 28.56 0.10 3.51
C ALA E 125 28.64 -1.03 2.51
N LEU E 126 29.21 -0.73 1.34
CA LEU E 126 29.40 -1.79 0.39
C LEU E 126 30.37 -2.77 0.97
N GLN E 127 31.32 -2.28 1.76
CA GLN E 127 32.23 -3.22 2.36
C GLN E 127 31.47 -4.08 3.33
N GLN E 128 30.38 -3.53 3.94
CA GLN E 128 29.67 -4.44 4.82
C GLN E 128 29.11 -5.52 3.93
N ALA E 129 28.72 -5.16 2.69
CA ALA E 129 28.28 -6.26 1.86
C ALA E 129 29.40 -7.23 1.49
N CYS E 130 30.66 -6.75 1.32
CA CYS E 130 31.67 -7.75 1.00
C CYS E 130 31.97 -8.69 2.14
N GLU E 131 31.96 -8.15 3.37
CA GLU E 131 32.24 -9.02 4.49
C GLU E 131 31.10 -10.00 4.58
N ASP E 132 29.94 -9.57 4.13
CA ASP E 132 28.80 -10.46 4.15
C ASP E 132 28.77 -11.42 2.95
N VAL E 133 29.66 -11.24 1.94
CA VAL E 133 29.78 -12.16 0.79
C VAL E 133 31.22 -12.63 0.70
N PHE E 134 32.06 -11.89 -0.01
CA PHE E 134 33.47 -12.22 -0.18
C PHE E 134 34.13 -11.63 1.04
N ARG E 135 34.28 -12.45 2.07
CA ARG E 135 34.85 -11.95 3.30
C ARG E 135 36.25 -11.52 3.01
N PHE E 136 36.69 -10.45 3.64
CA PHE E 136 38.05 -9.97 3.40
C PHE E 136 39.03 -11.04 3.87
N ASP E 137 38.61 -11.90 4.80
CA ASP E 137 39.47 -12.95 5.31
C ASP E 137 39.87 -13.93 4.22
N ASP E 138 41.10 -14.40 4.30
CA ASP E 138 41.84 -15.20 3.33
C ASP E 138 41.64 -16.72 3.20
N ALA E 139 40.87 -17.37 4.06
CA ALA E 139 40.78 -18.83 3.96
C ALA E 139 40.22 -19.31 2.61
N ASN E 140 39.37 -18.54 1.94
CA ASN E 140 38.91 -18.94 0.59
C ASN E 140 38.44 -17.73 -0.17
N PHE F 1 -22.35 32.03 3.74
CA PHE F 1 -21.15 31.21 3.91
C PHE F 1 -21.46 29.72 3.77
N THR F 2 -22.71 29.36 3.99
CA THR F 2 -23.11 27.96 3.95
C THR F 2 -22.92 27.34 2.58
N LEU F 3 -22.96 28.15 1.54
CA LEU F 3 -22.82 27.64 0.19
C LEU F 3 -21.47 27.01 -0.09
N ILE F 4 -20.43 27.41 0.66
CA ILE F 4 -19.14 26.85 0.29
C ILE F 4 -19.00 25.37 0.42
N GLU F 5 -19.67 24.74 1.39
CA GLU F 5 -19.47 23.31 1.43
C GLU F 5 -20.08 22.68 0.19
N LEU F 6 -21.15 23.27 -0.34
CA LEU F 6 -21.65 22.69 -1.57
C LEU F 6 -20.62 22.87 -2.66
N MET F 7 -19.91 24.01 -2.64
CA MET F 7 -18.90 24.19 -3.66
C MET F 7 -17.73 23.23 -3.56
N VAL F 8 -17.39 22.85 -2.33
CA VAL F 8 -16.27 21.93 -2.23
C VAL F 8 -16.76 20.64 -2.86
N VAL F 9 -18.07 20.35 -2.78
CA VAL F 9 -18.49 19.17 -3.51
C VAL F 9 -18.36 19.39 -5.00
N ILE F 10 -18.49 20.64 -5.44
CA ILE F 10 -18.38 20.88 -6.87
C ILE F 10 -16.98 20.56 -7.34
N GLY F 11 -15.99 20.68 -6.45
CA GLY F 11 -14.64 20.41 -6.86
C GLY F 11 -13.83 19.53 -5.95
N ILE F 12 -13.68 19.94 -4.69
CA ILE F 12 -12.82 19.18 -3.80
C ILE F 12 -13.25 17.76 -3.51
N ILE F 13 -14.55 17.52 -3.48
CA ILE F 13 -14.94 16.15 -3.20
C ILE F 13 -14.52 15.27 -4.37
N ALA F 14 -14.41 15.85 -5.56
CA ALA F 14 -13.96 15.08 -6.71
C ALA F 14 -12.43 15.11 -6.72
N ILE F 15 -11.84 14.52 -5.68
CA ILE F 15 -10.38 14.46 -5.65
C ILE F 15 -9.95 13.58 -6.79
N LEU F 16 -10.81 12.64 -7.17
CA LEU F 16 -10.57 11.67 -8.22
C LEU F 16 -9.28 10.93 -7.96
N SER F 17 -8.93 10.75 -6.69
CA SER F 17 -7.73 9.99 -6.40
C SER F 17 -7.98 8.58 -6.87
N ALA F 18 -6.98 7.98 -7.49
CA ALA F 18 -7.13 6.58 -7.86
C ALA F 18 -5.77 6.01 -8.14
N ILE F 19 -5.63 4.73 -7.92
CA ILE F 19 -4.44 4.03 -8.34
C ILE F 19 -4.57 4.10 -9.85
N GLY F 20 -3.47 4.25 -10.57
CA GLY F 20 -3.67 4.21 -12.01
C GLY F 20 -3.99 2.76 -12.28
N ILE F 21 -5.24 2.45 -12.60
CA ILE F 21 -5.62 1.05 -12.84
C ILE F 21 -4.82 0.34 -13.94
N PRO F 22 -4.62 0.92 -15.14
CA PRO F 22 -3.80 0.13 -16.07
C PRO F 22 -2.42 -0.17 -15.54
N ALA F 23 -1.85 0.74 -14.74
CA ALA F 23 -0.57 0.42 -14.13
C ALA F 23 -0.72 -0.74 -13.17
N TYR F 24 -1.89 -0.83 -12.54
CA TYR F 24 -2.10 -1.89 -11.58
C TYR F 24 -2.10 -3.26 -12.17
N GLN F 25 -2.72 -3.39 -13.34
CA GLN F 25 -2.69 -4.66 -13.99
C GLN F 25 -1.29 -4.91 -14.44
N ASN F 26 -0.52 -3.85 -14.73
CA ASN F 26 0.84 -4.10 -15.13
C ASN F 26 1.61 -4.70 -14.02
N TYR F 27 1.28 -4.32 -12.80
CA TYR F 27 2.10 -4.94 -11.81
C TYR F 27 1.70 -6.35 -11.45
N LEU F 28 0.41 -6.59 -11.15
CA LEU F 28 0.13 -7.98 -10.82
C LEU F 28 0.31 -8.93 -11.98
N ARG F 29 0.02 -8.45 -13.18
CA ARG F 29 0.22 -9.30 -14.33
C ARG F 29 1.68 -9.56 -14.55
N LYS F 30 2.52 -8.58 -14.21
CA LYS F 30 3.92 -8.83 -14.37
C LYS F 30 4.25 -9.92 -13.40
N ALA F 31 3.57 -9.93 -12.27
CA ALA F 31 3.81 -11.01 -11.36
C ALA F 31 3.39 -12.31 -11.95
N ALA F 32 2.36 -12.30 -12.80
CA ALA F 32 2.01 -13.55 -13.43
C ALA F 32 3.12 -13.98 -14.37
N LEU F 33 3.86 -13.01 -14.92
CA LEU F 33 4.96 -13.40 -15.78
C LEU F 33 6.04 -13.99 -14.92
N THR F 34 6.35 -13.32 -13.84
CA THR F 34 7.39 -13.83 -13.01
C THR F 34 7.05 -15.14 -12.37
N ASP F 35 5.77 -15.33 -12.03
CA ASP F 35 5.38 -16.60 -11.49
C ASP F 35 5.56 -17.60 -12.60
N MET F 36 5.37 -17.14 -13.84
CA MET F 36 5.60 -18.08 -14.90
C MET F 36 7.04 -18.45 -14.98
N LEU F 37 7.93 -17.52 -14.61
CA LEU F 37 9.32 -17.91 -14.66
C LEU F 37 9.49 -18.98 -13.62
N GLN F 38 8.74 -18.88 -12.52
CA GLN F 38 8.84 -19.95 -11.55
C GLN F 38 8.33 -21.25 -12.12
N THR F 39 7.32 -21.17 -12.99
CA THR F 39 6.86 -22.39 -13.61
C THR F 39 7.94 -22.92 -14.52
N PHE F 40 8.74 -22.01 -15.09
CA PHE F 40 9.82 -22.44 -15.95
C PHE F 40 10.90 -23.18 -15.21
N VAL F 41 11.08 -22.84 -13.95
CA VAL F 41 12.17 -23.45 -13.20
C VAL F 41 12.22 -24.97 -13.09
N PRO F 42 11.14 -25.66 -12.73
CA PRO F 42 11.24 -27.12 -12.71
C PRO F 42 11.61 -27.65 -14.06
N TYR F 43 11.13 -26.96 -15.10
CA TYR F 43 11.52 -27.39 -16.42
C TYR F 43 12.99 -27.14 -16.60
N ARG F 44 13.56 -26.11 -15.95
CA ARG F 44 14.98 -25.95 -16.15
C ARG F 44 15.69 -27.14 -15.57
N THR F 45 15.15 -27.70 -14.48
CA THR F 45 15.88 -28.83 -13.95
C THR F 45 15.73 -30.10 -14.75
N ALA F 46 14.50 -30.41 -15.14
CA ALA F 46 14.36 -31.64 -15.91
C ALA F 46 15.07 -31.53 -17.23
N VAL F 47 15.11 -30.33 -17.81
CA VAL F 47 15.85 -30.22 -19.05
C VAL F 47 17.31 -30.44 -18.73
N GLU F 48 17.76 -30.05 -17.51
CA GLU F 48 19.16 -30.33 -17.26
C GLU F 48 19.36 -31.82 -17.22
N LEU F 49 18.36 -32.59 -16.79
CA LEU F 49 18.54 -34.03 -16.87
C LEU F 49 18.59 -34.48 -18.33
N CYS F 50 17.86 -33.76 -19.20
CA CYS F 50 17.94 -34.17 -20.59
C CYS F 50 19.36 -33.96 -21.07
N ALA F 51 19.98 -32.89 -20.57
CA ALA F 51 21.37 -32.59 -20.83
C ALA F 51 22.27 -33.63 -20.20
N LEU F 52 21.77 -34.18 -19.10
CA LEU F 52 22.48 -35.13 -18.32
C LEU F 52 22.79 -36.45 -18.94
N GLU F 53 21.96 -36.90 -19.87
CA GLU F 53 22.25 -38.21 -20.40
C GLU F 53 21.63 -38.49 -21.75
N HIS F 54 20.48 -37.90 -22.01
CA HIS F 54 19.81 -38.25 -23.24
C HIS F 54 20.57 -37.89 -24.52
N GLY F 55 21.40 -36.86 -24.49
CA GLY F 55 22.22 -36.49 -25.62
C GLY F 55 21.57 -35.60 -26.65
N GLY F 56 20.32 -35.20 -26.47
CA GLY F 56 19.70 -34.31 -27.41
C GLY F 56 18.39 -33.80 -26.87
N LEU F 57 17.89 -32.78 -27.54
CA LEU F 57 16.64 -32.13 -27.14
C LEU F 57 15.28 -32.82 -27.20
N ASP F 58 15.05 -33.83 -28.04
CA ASP F 58 13.68 -34.38 -28.07
C ASP F 58 13.31 -34.98 -26.75
N THR F 59 14.30 -35.48 -26.05
CA THR F 59 14.18 -35.99 -24.73
C THR F 59 13.85 -34.85 -23.78
N CYS F 60 14.26 -33.62 -24.14
CA CYS F 60 14.04 -32.38 -23.39
C CYS F 60 12.62 -31.87 -23.53
N ASP F 61 11.85 -32.38 -24.48
CA ASP F 61 10.49 -31.91 -24.67
C ASP F 61 9.68 -32.22 -23.42
N GLY F 62 8.79 -31.31 -23.06
CA GLY F 62 8.03 -31.50 -21.85
C GLY F 62 7.03 -32.62 -21.98
N GLY F 63 6.63 -33.15 -20.83
CA GLY F 63 5.74 -34.26 -20.85
C GLY F 63 6.42 -35.59 -21.09
N SER F 64 7.76 -35.64 -21.05
CA SER F 64 8.48 -36.88 -21.32
C SER F 64 9.79 -37.00 -20.58
N ASN F 65 10.22 -38.26 -20.41
CA ASN F 65 11.42 -38.63 -19.66
C ASN F 65 11.31 -38.05 -18.26
N GLY F 66 10.08 -38.03 -17.74
CA GLY F 66 9.77 -37.51 -16.43
C GLY F 66 9.57 -36.02 -16.39
N ILE F 67 9.67 -35.31 -17.51
CA ILE F 67 9.48 -33.86 -17.44
C ILE F 67 8.01 -33.56 -17.13
N PRO F 68 7.71 -32.55 -16.30
CA PRO F 68 6.30 -32.22 -16.04
C PRO F 68 5.57 -31.75 -17.29
N SER F 69 4.31 -32.09 -17.41
CA SER F 69 3.53 -31.55 -18.52
C SER F 69 3.34 -30.04 -18.27
N PRO F 70 3.36 -29.20 -19.30
CA PRO F 70 3.13 -27.76 -19.06
C PRO F 70 1.74 -27.46 -18.52
N THR F 71 1.64 -26.45 -17.64
CA THR F 71 0.32 -26.09 -17.11
C THR F 71 0.18 -24.67 -16.58
N THR F 72 -1.03 -24.11 -16.74
CA THR F 72 -1.35 -22.76 -16.29
C THR F 72 -1.44 -22.29 -14.85
N THR F 73 -0.94 -21.07 -14.61
CA THR F 73 -1.18 -20.34 -13.38
C THR F 73 -2.64 -20.19 -13.77
N ARG F 74 -3.54 -20.22 -12.82
CA ARG F 74 -4.93 -20.25 -13.22
C ARG F 74 -5.48 -19.09 -14.03
N TYR F 75 -4.96 -17.89 -13.84
CA TYR F 75 -5.45 -16.79 -14.66
C TYR F 75 -5.14 -16.96 -16.13
N VAL F 76 -4.04 -17.65 -16.45
CA VAL F 76 -3.62 -17.76 -17.83
C VAL F 76 -4.59 -18.53 -18.70
N SER F 77 -4.87 -18.00 -19.90
CA SER F 77 -5.66 -18.76 -20.86
C SER F 77 -5.04 -20.03 -21.46
N ALA F 78 -3.71 -20.09 -21.62
CA ALA F 78 -3.08 -21.25 -22.26
C ALA F 78 -1.55 -21.31 -22.10
N MET F 79 -1.02 -22.51 -22.37
CA MET F 79 0.42 -22.75 -22.49
C MET F 79 0.86 -24.01 -23.21
N SER F 80 2.13 -23.99 -23.64
CA SER F 80 2.70 -25.11 -24.34
C SER F 80 4.21 -25.11 -24.15
N VAL F 81 4.79 -26.30 -24.30
CA VAL F 81 6.24 -26.46 -24.15
C VAL F 81 6.72 -27.61 -25.00
N ALA F 82 7.91 -27.43 -25.57
CA ALA F 82 8.61 -28.45 -26.30
C ALA F 82 10.05 -27.97 -26.34
N LYS F 83 10.98 -28.92 -26.27
CA LYS F 83 12.41 -28.68 -26.25
C LYS F 83 12.72 -27.67 -25.14
N GLY F 84 11.90 -27.61 -24.10
CA GLY F 84 12.09 -26.69 -23.00
C GLY F 84 11.52 -25.30 -23.28
N VAL F 85 10.93 -25.08 -24.46
CA VAL F 85 10.34 -23.79 -24.85
C VAL F 85 9.13 -23.44 -24.02
N VAL F 86 8.95 -22.15 -23.73
CA VAL F 86 7.76 -21.77 -22.97
C VAL F 86 7.04 -20.67 -23.73
N SER F 87 6.45 -21.06 -24.85
CA SER F 87 5.72 -20.13 -25.68
C SER F 87 4.36 -20.06 -25.04
N LEU F 88 4.22 -19.13 -24.10
CA LEU F 88 2.99 -18.99 -23.33
C LEU F 88 1.92 -18.21 -24.08
N THR F 89 1.38 -18.87 -25.09
CA THR F 89 0.29 -18.32 -25.86
C THR F 89 -0.88 -18.23 -24.90
N GLY F 90 -1.69 -17.19 -25.02
CA GLY F 90 -2.80 -17.15 -24.10
C GLY F 90 -2.45 -16.66 -22.72
N GLN F 91 -1.27 -16.09 -22.52
CA GLN F 91 -0.95 -15.68 -21.17
C GLN F 91 -1.95 -14.64 -20.69
N GLU F 92 -2.36 -14.78 -19.40
CA GLU F 92 -3.24 -13.89 -18.62
C GLU F 92 -4.26 -13.21 -19.54
N SER F 93 -4.32 -11.88 -19.45
CA SER F 93 -4.94 -10.90 -20.30
C SER F 93 -3.91 -10.65 -21.41
N LEU F 94 -2.70 -11.26 -21.31
CA LEU F 94 -1.55 -11.05 -22.18
C LEU F 94 -1.68 -11.81 -23.50
N ASN F 95 -2.56 -11.29 -24.36
CA ASN F 95 -2.74 -11.93 -25.64
C ASN F 95 -1.46 -11.84 -26.45
N GLY F 96 -1.15 -12.92 -27.15
CA GLY F 96 -0.04 -12.98 -28.06
C GLY F 96 1.28 -13.29 -27.40
N LEU F 97 1.32 -13.50 -26.10
CA LEU F 97 2.58 -13.79 -25.44
C LEU F 97 3.14 -15.11 -25.89
N SER F 98 4.46 -15.17 -26.03
CA SER F 98 5.11 -16.44 -26.29
C SER F 98 6.60 -16.30 -26.03
N VAL F 99 7.05 -16.78 -24.88
CA VAL F 99 8.45 -16.68 -24.54
C VAL F 99 9.06 -17.87 -25.26
N VAL F 100 9.60 -17.63 -26.43
CA VAL F 100 10.13 -18.71 -27.23
C VAL F 100 11.49 -18.95 -26.64
N MET F 101 11.45 -19.74 -25.57
CA MET F 101 12.60 -20.08 -24.79
C MET F 101 13.32 -21.24 -25.47
N THR F 102 13.94 -20.94 -26.57
CA THR F 102 14.63 -22.00 -27.28
C THR F 102 15.81 -22.46 -26.44
N PRO F 103 16.00 -23.75 -26.25
CA PRO F 103 17.16 -24.21 -25.49
C PRO F 103 18.47 -23.84 -26.17
N GLY F 104 19.46 -23.54 -25.36
CA GLY F 104 20.75 -23.27 -25.93
C GLY F 104 21.59 -24.48 -26.19
N TRP F 105 21.11 -25.68 -25.84
CA TRP F 105 21.88 -26.92 -25.91
C TRP F 105 22.42 -27.52 -27.19
N ASP F 106 23.64 -28.06 -27.08
CA ASP F 106 24.47 -28.85 -27.98
C ASP F 106 25.69 -29.16 -27.10
N ASN F 107 25.78 -30.34 -26.51
CA ASN F 107 26.90 -30.51 -25.59
C ASN F 107 28.34 -30.45 -26.06
N ALA F 108 28.66 -30.83 -27.31
CA ALA F 108 30.07 -30.71 -27.68
C ALA F 108 30.50 -29.26 -27.69
N ASN F 109 29.58 -28.37 -28.06
CA ASN F 109 29.78 -26.93 -28.01
C ASN F 109 29.93 -26.33 -26.62
N GLY F 110 29.32 -26.96 -25.62
CA GLY F 110 29.23 -26.49 -24.26
C GLY F 110 28.11 -25.52 -24.03
N VAL F 111 27.33 -25.23 -25.07
CA VAL F 111 26.19 -24.33 -25.03
C VAL F 111 25.09 -24.86 -24.13
N THR F 112 24.40 -23.97 -23.41
CA THR F 112 23.37 -24.39 -22.48
C THR F 112 22.19 -23.46 -22.26
N GLY F 113 22.47 -22.18 -22.04
CA GLY F 113 21.42 -21.27 -21.66
C GLY F 113 20.32 -21.12 -22.70
N TRP F 114 19.11 -21.15 -22.17
CA TRP F 114 17.91 -21.02 -22.95
C TRP F 114 17.81 -19.65 -23.60
N ALA F 115 17.31 -19.60 -24.81
CA ALA F 115 17.14 -18.36 -25.56
C ALA F 115 15.80 -17.68 -25.31
N ARG F 116 15.76 -16.72 -24.39
CA ARG F 116 14.51 -16.00 -24.15
C ARG F 116 14.06 -15.19 -25.35
N ASN F 117 12.76 -15.09 -25.50
CA ASN F 117 12.22 -14.28 -26.57
C ASN F 117 10.92 -13.59 -26.16
N CYS F 118 11.00 -12.30 -25.84
CA CYS F 118 9.78 -11.59 -25.48
C CYS F 118 8.90 -11.62 -26.71
N ASN F 119 7.61 -11.75 -26.49
CA ASN F 119 6.70 -11.79 -27.61
C ASN F 119 5.34 -11.34 -27.16
N ILE F 120 5.28 -10.32 -26.32
CA ILE F 120 3.96 -9.87 -25.87
C ILE F 120 3.36 -8.95 -26.91
N GLN F 121 2.74 -9.57 -27.89
CA GLN F 121 2.16 -8.80 -28.98
C GLN F 121 1.01 -7.87 -28.61
N SER F 122 0.25 -8.17 -27.55
CA SER F 122 -0.88 -7.28 -27.27
C SER F 122 -0.63 -5.81 -26.90
N ASP F 123 0.48 -5.49 -26.24
CA ASP F 123 0.81 -4.08 -25.96
C ASP F 123 2.30 -3.90 -25.67
N SER F 124 2.87 -2.77 -26.09
CA SER F 124 4.27 -2.53 -25.75
C SER F 124 4.60 -2.33 -24.27
N ALA F 125 3.67 -1.77 -23.48
CA ALA F 125 3.99 -1.62 -22.07
C ALA F 125 4.13 -2.98 -21.45
N LEU F 126 3.39 -3.94 -21.99
CA LEU F 126 3.53 -5.28 -21.49
C LEU F 126 4.91 -5.74 -21.83
N GLN F 127 5.45 -5.28 -22.96
CA GLN F 127 6.79 -5.68 -23.27
C GLN F 127 7.72 -5.07 -22.25
N GLN F 128 7.36 -3.90 -21.69
CA GLN F 128 8.27 -3.41 -20.68
C GLN F 128 8.22 -4.41 -19.55
N ALA F 129 7.04 -5.00 -19.31
CA ALA F 129 7.07 -6.01 -18.27
C ALA F 129 7.88 -7.24 -18.66
N CYS F 130 7.91 -7.64 -19.96
CA CYS F 130 8.74 -8.81 -20.24
C CYS F 130 10.21 -8.55 -20.10
N GLU F 131 10.65 -7.35 -20.48
CA GLU F 131 12.07 -7.07 -20.34
C GLU F 131 12.36 -7.04 -18.87
N ASP F 132 11.36 -6.68 -18.08
CA ASP F 132 11.55 -6.65 -16.66
C ASP F 132 11.41 -8.05 -16.01
N VAL F 133 10.95 -9.08 -16.75
CA VAL F 133 10.85 -10.46 -16.26
C VAL F 133 11.64 -11.36 -17.21
N PHE F 134 10.98 -11.86 -18.26
CA PHE F 134 11.60 -12.74 -19.25
C PHE F 134 12.25 -11.78 -20.22
N ARG F 135 13.51 -11.48 -19.99
CA ARG F 135 14.18 -10.53 -20.84
C ARG F 135 14.22 -11.10 -22.24
N PHE F 136 14.07 -10.25 -23.24
CA PHE F 136 14.09 -10.74 -24.60
C PHE F 136 15.45 -11.34 -24.89
N ASP F 137 16.48 -10.91 -24.17
CA ASP F 137 17.83 -11.41 -24.36
C ASP F 137 17.92 -12.90 -24.06
N ASP F 138 18.74 -13.58 -24.86
CA ASP F 138 18.90 -15.03 -24.96
C ASP F 138 19.75 -15.83 -23.97
N ALA F 139 20.48 -15.19 -23.04
CA ALA F 139 21.35 -15.99 -22.18
C ALA F 139 20.60 -17.03 -21.33
N ASN F 140 19.34 -16.79 -20.97
CA ASN F 140 18.56 -17.83 -20.26
C ASN F 140 17.10 -17.59 -20.44
N PHE G 1 -35.28 35.74 3.72
CA PHE G 1 -34.19 34.95 3.15
C PHE G 1 -33.40 34.19 4.20
N THR G 2 -33.47 34.67 5.44
CA THR G 2 -32.72 34.08 6.54
C THR G 2 -33.13 32.65 6.82
N LEU G 3 -34.37 32.30 6.50
CA LEU G 3 -34.86 30.96 6.77
C LEU G 3 -34.14 29.89 5.98
N ILE G 4 -33.54 30.24 4.84
CA ILE G 4 -32.94 29.15 4.08
C ILE G 4 -31.82 28.41 4.75
N GLU G 5 -31.01 29.08 5.57
CA GLU G 5 -29.97 28.29 6.17
C GLU G 5 -30.58 27.27 7.13
N LEU G 6 -31.70 27.62 7.75
CA LEU G 6 -32.29 26.59 8.57
C LEU G 6 -32.76 25.44 7.69
N MET G 7 -33.26 25.78 6.48
CA MET G 7 -33.67 24.69 5.63
C MET G 7 -32.56 23.79 5.15
N VAL G 8 -31.36 24.38 4.97
CA VAL G 8 -30.28 23.52 4.52
C VAL G 8 -30.02 22.57 5.67
N VAL G 9 -30.24 23.02 6.92
CA VAL G 9 -30.09 22.02 7.97
C VAL G 9 -31.17 20.97 7.85
N ILE G 10 -32.33 21.34 7.33
CA ILE G 10 -33.38 20.34 7.23
C ILE G 10 -32.98 19.26 6.25
N GLY G 11 -32.12 19.59 5.30
CA GLY G 11 -31.71 18.59 4.34
C GLY G 11 -30.24 18.50 4.05
N ILE G 12 -29.63 19.59 3.60
CA ILE G 12 -28.24 19.52 3.22
C ILE G 12 -27.27 19.17 4.32
N ILE G 13 -27.55 19.59 5.54
CA ILE G 13 -26.60 19.24 6.58
C ILE G 13 -26.63 17.74 6.79
N ALA G 14 -27.76 17.10 6.49
CA ALA G 14 -27.84 15.66 6.61
C ALA G 14 -27.32 15.04 5.32
N ILE G 15 -26.03 15.28 5.05
CA ILE G 15 -25.43 14.69 3.86
C ILE G 15 -25.44 13.19 4.06
N LEU G 16 -25.37 12.76 5.32
CA LEU G 16 -25.34 11.37 5.72
C LEU G 16 -24.20 10.66 5.01
N SER G 17 -23.13 11.38 4.70
CA SER G 17 -22.00 10.72 4.09
C SER G 17 -21.46 9.72 5.09
N ALA G 18 -21.10 8.54 4.63
CA ALA G 18 -20.48 7.61 5.52
C ALA G 18 -19.79 6.53 4.72
N ILE G 19 -18.74 5.98 5.27
CA ILE G 19 -18.11 4.83 4.68
C ILE G 19 -19.20 3.78 4.87
N GLY G 20 -19.38 2.86 3.93
CA GLY G 20 -20.36 1.85 4.23
C GLY G 20 -19.69 1.01 5.30
N ILE G 21 -20.15 1.13 6.54
CA ILE G 21 -19.51 0.36 7.62
C ILE G 21 -19.48 -1.15 7.43
N PRO G 22 -20.57 -1.84 7.04
CA PRO G 22 -20.37 -3.28 6.85
C PRO G 22 -19.31 -3.58 5.82
N ALA G 23 -19.19 -2.74 4.78
CA ALA G 23 -18.11 -2.98 3.84
C ALA G 23 -16.77 -2.79 4.49
N TYR G 24 -16.72 -1.89 5.48
CA TYR G 24 -15.47 -1.63 6.16
C TYR G 24 -14.94 -2.80 6.95
N GLN G 25 -15.85 -3.49 7.62
CA GLN G 25 -15.42 -4.66 8.33
C GLN G 25 -15.03 -5.70 7.32
N ASN G 26 -15.65 -5.67 6.13
CA ASN G 26 -15.25 -6.66 5.15
C ASN G 26 -13.85 -6.44 4.75
N TYR G 27 -13.42 -5.19 4.71
CA TYR G 27 -12.07 -5.09 4.28
C TYR G 27 -11.04 -5.40 5.33
N LEU G 28 -11.16 -4.79 6.53
CA LEU G 28 -10.13 -5.14 7.49
C LEU G 28 -10.19 -6.58 7.93
N ARG G 29 -11.40 -7.12 8.02
CA ARG G 29 -11.51 -8.50 8.40
C ARG G 29 -10.94 -9.40 7.34
N LYS G 30 -11.08 -8.96 6.07
CA LYS G 30 -10.50 -9.79 5.04
C LYS G 30 -9.02 -9.76 5.27
N ALA G 31 -8.53 -8.64 5.76
CA ALA G 31 -7.13 -8.62 6.06
C ALA G 31 -6.81 -9.57 7.17
N ALA G 32 -7.74 -9.78 8.09
CA ALA G 32 -7.45 -10.77 9.10
C ALA G 32 -7.37 -12.14 8.48
N LEU G 33 -8.11 -12.35 7.39
CA LEU G 33 -8.01 -13.65 6.74
C LEU G 33 -6.67 -13.75 6.08
N THR G 34 -6.30 -12.71 5.37
CA THR G 34 -5.04 -12.77 4.70
C THR G 34 -3.87 -12.83 5.64
N ASP G 35 -3.99 -12.16 6.79
CA ASP G 35 -2.92 -12.26 7.76
C ASP G 35 -2.93 -13.68 8.23
N MET G 36 -4.11 -14.30 8.25
CA MET G 36 -4.11 -15.68 8.64
C MET G 36 -3.39 -16.52 7.63
N LEU G 37 -3.44 -16.12 6.35
CA LEU G 37 -2.71 -16.92 5.40
C LEU G 37 -1.25 -16.76 5.75
N GLN G 38 -0.88 -15.58 6.25
CA GLN G 38 0.50 -15.45 6.65
C GLN G 38 0.81 -16.35 7.82
N THR G 39 -0.18 -16.55 8.70
CA THR G 39 0.06 -17.47 9.80
C THR G 39 0.22 -18.86 9.25
N PHE G 40 -0.48 -19.14 8.13
CA PHE G 40 -0.37 -20.44 7.52
C PHE G 40 0.99 -20.71 6.94
N VAL G 41 1.67 -19.67 6.52
CA VAL G 41 2.95 -19.86 5.86
C VAL G 41 4.05 -20.58 6.62
N PRO G 42 4.36 -20.24 7.89
CA PRO G 42 5.37 -21.03 8.57
C PRO G 42 4.98 -22.47 8.66
N TYR G 43 3.66 -22.69 8.78
CA TYR G 43 3.22 -24.05 8.78
C TYR G 43 3.47 -24.67 7.43
N ARG G 44 3.41 -23.87 6.35
CA ARG G 44 3.69 -24.52 5.09
C ARG G 44 5.12 -24.99 5.08
N THR G 45 6.00 -24.24 5.74
CA THR G 45 7.37 -24.71 5.69
C THR G 45 7.64 -25.92 6.57
N ALA G 46 7.14 -25.89 7.81
CA ALA G 46 7.41 -27.04 8.64
C ALA G 46 6.73 -28.27 8.10
N VAL G 47 5.57 -28.10 7.46
CA VAL G 47 4.95 -29.27 6.87
C VAL G 47 5.83 -29.73 5.74
N GLU G 48 6.54 -28.80 5.06
CA GLU G 48 7.39 -29.32 4.02
C GLU G 48 8.48 -30.15 4.64
N LEU G 49 8.91 -29.81 5.87
CA LEU G 49 9.87 -30.71 6.49
C LEU G 49 9.23 -32.05 6.81
N CYS G 50 7.93 -32.05 7.10
CA CYS G 50 7.33 -33.34 7.36
C CYS G 50 7.37 -34.17 6.10
N ALA G 51 7.22 -33.47 4.96
CA ALA G 51 7.36 -34.08 3.66
C ALA G 51 8.77 -34.51 3.42
N LEU G 52 9.68 -33.77 4.03
CA LEU G 52 11.09 -33.96 3.89
C LEU G 52 11.66 -35.24 4.39
N GLU G 53 11.05 -35.83 5.40
CA GLU G 53 11.69 -37.04 5.91
C GLU G 53 10.76 -37.94 6.67
N HIS G 54 9.79 -37.37 7.35
CA HIS G 54 8.97 -38.21 8.20
C HIS G 54 8.17 -39.29 7.47
N GLY G 55 7.80 -39.06 6.21
CA GLY G 55 7.11 -40.05 5.42
C GLY G 55 5.61 -40.11 5.57
N GLY G 56 5.02 -39.24 6.38
CA GLY G 56 3.58 -39.24 6.51
C GLY G 56 3.13 -38.04 7.30
N LEU G 57 1.82 -37.82 7.23
CA LEU G 57 1.21 -36.67 7.88
C LEU G 57 1.14 -36.51 9.41
N ASP G 58 1.18 -37.58 10.21
CA ASP G 58 1.03 -37.34 11.65
C ASP G 58 2.16 -36.51 12.19
N THR G 59 3.29 -36.65 11.57
CA THR G 59 4.47 -35.87 11.84
C THR G 59 4.20 -34.42 11.42
N CYS G 60 3.30 -34.22 10.44
CA CYS G 60 2.89 -32.92 9.91
C CYS G 60 1.94 -32.18 10.83
N ASP G 61 1.39 -32.86 11.84
CA ASP G 61 0.46 -32.21 12.74
C ASP G 61 1.18 -31.10 13.49
N GLY G 62 0.48 -30.00 13.72
CA GLY G 62 1.14 -28.88 14.35
C GLY G 62 1.44 -29.16 15.80
N GLY G 63 2.39 -28.40 16.33
CA GLY G 63 2.80 -28.64 17.69
C GLY G 63 3.77 -29.79 17.85
N SER G 64 4.31 -30.33 16.75
CA SER G 64 5.21 -31.47 16.82
C SER G 64 6.26 -31.50 15.73
N ASN G 65 7.36 -32.20 16.03
CA ASN G 65 8.53 -32.32 15.17
C ASN G 65 9.01 -30.92 14.83
N GLY G 66 8.90 -30.01 15.81
CA GLY G 66 9.30 -28.64 15.69
C GLY G 66 8.27 -27.74 15.05
N ILE G 67 7.10 -28.26 14.68
CA ILE G 67 6.11 -27.38 14.06
C ILE G 67 5.58 -26.39 15.11
N PRO G 68 5.35 -25.12 14.75
CA PRO G 68 4.79 -24.18 15.73
C PRO G 68 3.39 -24.60 16.20
N SER G 69 3.09 -24.33 17.45
CA SER G 69 1.72 -24.58 17.90
C SER G 69 0.82 -23.54 17.23
N PRO G 70 -0.41 -23.88 16.84
CA PRO G 70 -1.29 -22.85 16.25
C PRO G 70 -1.64 -21.73 17.20
N THR G 71 -1.77 -20.50 16.68
CA THR G 71 -2.15 -19.38 17.55
C THR G 71 -2.80 -18.19 16.87
N THR G 72 -3.70 -17.54 17.59
CA THR G 72 -4.42 -16.35 17.11
C THR G 72 -3.82 -15.00 16.81
N THR G 73 -4.30 -14.38 15.71
CA THR G 73 -4.06 -12.97 15.42
C THR G 73 -4.95 -12.60 16.60
N ARG G 74 -4.63 -11.54 17.30
CA ARG G 74 -5.37 -11.29 18.52
C ARG G 74 -6.87 -11.08 18.42
N TYR G 75 -7.36 -10.52 17.32
CA TYR G 75 -8.80 -10.37 17.21
C TYR G 75 -9.54 -11.69 17.15
N VAL G 76 -8.89 -12.73 16.63
CA VAL G 76 -9.57 -14.00 16.45
C VAL G 76 -9.98 -14.65 17.75
N SER G 77 -11.21 -15.16 17.79
CA SER G 77 -11.62 -15.96 18.94
C SER G 77 -10.96 -17.32 19.15
N ALA G 78 -10.54 -18.02 18.08
CA ALA G 78 -9.96 -19.35 18.21
C ALA G 78 -9.27 -19.89 16.96
N MET G 79 -8.44 -20.93 17.18
CA MET G 79 -7.83 -21.73 16.10
C MET G 79 -7.33 -23.10 16.47
N SER G 80 -7.16 -23.92 15.43
CA SER G 80 -6.65 -25.26 15.60
C SER G 80 -5.99 -25.74 14.33
N VAL G 81 -5.08 -26.70 14.48
CA VAL G 81 -4.36 -27.26 13.34
C VAL G 81 -3.98 -28.69 13.62
N ALA G 82 -4.05 -29.50 12.57
CA ALA G 82 -3.59 -30.88 12.59
C ALA G 82 -3.41 -31.23 11.13
N LYS G 83 -2.40 -32.04 10.86
CA LYS G 83 -2.03 -32.49 9.52
C LYS G 83 -1.85 -31.26 8.62
N GLY G 84 -1.52 -30.11 9.20
CA GLY G 84 -1.34 -28.88 8.47
C GLY G 84 -2.65 -28.14 8.21
N VAL G 85 -3.78 -28.67 8.69
CA VAL G 85 -5.11 -28.06 8.52
C VAL G 85 -5.24 -26.75 9.27
N VAL G 86 -5.97 -25.79 8.72
CA VAL G 86 -6.16 -24.55 9.45
C VAL G 86 -7.65 -24.25 9.53
N SER G 87 -8.32 -25.05 10.32
CA SER G 87 -9.75 -24.90 10.49
C SER G 87 -9.88 -23.83 11.55
N LEU G 88 -9.92 -22.58 11.10
CA LEU G 88 -9.96 -21.44 11.99
C LEU G 88 -11.36 -21.16 12.54
N THR G 89 -11.78 -22.05 13.42
CA THR G 89 -13.04 -21.90 14.12
C THR G 89 -12.89 -20.67 14.96
N GLY G 90 -13.96 -19.88 15.10
CA GLY G 90 -13.78 -18.71 15.93
C GLY G 90 -13.07 -17.57 15.26
N GLN G 91 -12.90 -17.60 13.95
CA GLN G 91 -12.17 -16.50 13.36
C GLN G 91 -12.91 -15.18 13.60
N GLU G 92 -12.13 -14.13 13.92
CA GLU G 92 -12.53 -12.72 14.12
C GLU G 92 -13.94 -12.65 14.67
N SER G 93 -14.79 -11.87 14.01
CA SER G 93 -16.22 -11.74 14.07
C SER G 93 -16.73 -12.86 13.16
N LEU G 94 -15.83 -13.59 12.46
CA LEU G 94 -16.13 -14.60 11.46
C LEU G 94 -16.53 -15.93 12.08
N ASN G 95 -17.75 -15.96 12.60
CA ASN G 95 -18.23 -17.18 13.20
C ASN G 95 -18.36 -18.26 12.14
N GLY G 96 -18.00 -19.48 12.52
CA GLY G 96 -18.14 -20.64 11.69
C GLY G 96 -17.03 -20.85 10.69
N LEU G 97 -16.03 -19.98 10.67
CA LEU G 97 -14.94 -20.15 9.72
C LEU G 97 -14.16 -21.41 10.00
N SER G 98 -13.73 -22.07 8.93
CA SER G 98 -12.82 -23.20 9.08
C SER G 98 -12.21 -23.53 7.73
N VAL G 99 -10.98 -23.09 7.52
CA VAL G 99 -10.31 -23.36 6.26
C VAL G 99 -9.77 -24.77 6.45
N VAL G 100 -10.51 -25.73 5.96
CA VAL G 100 -10.12 -27.12 6.15
C VAL G 100 -9.07 -27.34 5.10
N MET G 101 -7.87 -26.94 5.46
CA MET G 101 -6.72 -27.00 4.62
C MET G 101 -6.12 -28.39 4.69
N THR G 102 -6.82 -29.32 4.11
CA THR G 102 -6.34 -30.68 4.15
C THR G 102 -5.07 -30.77 3.34
N PRO G 103 -4.00 -31.38 3.86
CA PRO G 103 -2.78 -31.51 3.07
C PRO G 103 -2.99 -32.36 1.83
N GLY G 104 -2.31 -31.99 0.76
CA GLY G 104 -2.40 -32.80 -0.42
C GLY G 104 -1.46 -33.97 -0.45
N TRP G 105 -0.61 -34.13 0.57
CA TRP G 105 0.45 -35.14 0.59
C TRP G 105 0.20 -36.65 0.57
N ASP G 106 1.08 -37.33 -0.18
CA ASP G 106 1.33 -38.76 -0.38
C ASP G 106 2.53 -38.75 -1.31
N ASN G 107 3.73 -38.95 -0.81
CA ASN G 107 4.86 -38.81 -1.72
C ASN G 107 5.03 -39.72 -2.93
N ALA G 108 4.59 -40.98 -2.89
CA ALA G 108 4.78 -41.76 -4.11
C ALA G 108 3.95 -41.19 -5.26
N ASN G 109 2.80 -40.62 -4.93
CA ASN G 109 1.94 -39.93 -5.87
C ASN G 109 2.51 -38.63 -6.43
N GLY G 110 3.35 -37.96 -5.66
CA GLY G 110 3.91 -36.66 -5.95
C GLY G 110 3.01 -35.52 -5.54
N VAL G 111 1.86 -35.85 -4.96
CA VAL G 111 0.87 -34.89 -4.49
C VAL G 111 1.41 -34.04 -3.34
N THR G 112 1.04 -32.75 -3.31
CA THR G 112 1.55 -31.86 -2.28
C THR G 112 0.65 -30.72 -1.82
N GLY G 113 0.06 -30.00 -2.76
CA GLY G 113 -0.69 -28.83 -2.39
C GLY G 113 -1.87 -29.08 -1.47
N TRP G 114 -1.93 -28.20 -0.48
CA TRP G 114 -2.97 -28.25 0.53
C TRP G 114 -4.34 -27.98 -0.08
N ALA G 115 -5.34 -28.65 0.41
CA ALA G 115 -6.72 -28.51 -0.05
C ALA G 115 -7.49 -27.42 0.70
N ARG G 116 -7.55 -26.21 0.14
CA ARG G 116 -8.31 -25.16 0.78
C ARG G 116 -9.79 -25.46 0.81
N ASN G 117 -10.43 -24.98 1.87
CA ASN G 117 -11.87 -25.15 1.98
C ASN G 117 -12.52 -23.96 2.66
N CYS G 118 -13.15 -23.08 1.87
CA CYS G 118 -13.83 -21.95 2.49
C CYS G 118 -14.93 -22.53 3.34
N ASN G 119 -15.16 -21.91 4.48
CA ASN G 119 -16.20 -22.41 5.35
C ASN G 119 -16.70 -21.28 6.23
N ILE G 120 -16.84 -20.08 5.65
CA ILE G 120 -17.32 -19.00 6.49
C ILE G 120 -18.83 -19.06 6.58
N GLN G 121 -19.30 -19.86 7.51
CA GLN G 121 -20.72 -20.05 7.67
C GLN G 121 -21.50 -18.82 8.11
N SER G 122 -20.90 -17.86 8.82
CA SER G 122 -21.72 -16.74 9.28
C SER G 122 -22.36 -15.80 8.25
N ASP G 123 -21.74 -15.57 7.08
CA ASP G 123 -22.37 -14.76 6.03
C ASP G 123 -21.76 -15.05 4.67
N SER G 124 -22.58 -15.01 3.61
CA SER G 124 -22.01 -15.20 2.27
C SER G 124 -21.06 -14.12 1.78
N ALA G 125 -21.24 -12.86 2.19
CA ALA G 125 -20.31 -11.86 1.73
C ALA G 125 -18.95 -12.15 2.29
N LEU G 126 -18.93 -12.75 3.48
CA LEU G 126 -17.67 -13.13 4.03
C LEU G 126 -17.07 -14.19 3.16
N GLN G 127 -17.93 -15.01 2.54
CA GLN G 127 -17.38 -16.00 1.65
C GLN G 127 -16.78 -15.30 0.46
N GLN G 128 -17.32 -14.12 0.09
CA GLN G 128 -16.66 -13.47 -1.02
C GLN G 128 -15.27 -13.12 -0.52
N ALA G 129 -15.15 -12.76 0.77
CA ALA G 129 -13.79 -12.53 1.19
C ALA G 129 -12.93 -13.79 1.21
N CYS G 130 -13.51 -14.99 1.50
CA CYS G 130 -12.62 -16.14 1.46
C CYS G 130 -12.16 -16.49 0.07
N GLU G 131 -13.05 -16.32 -0.91
CA GLU G 131 -12.64 -16.65 -2.26
C GLU G 131 -11.58 -15.66 -2.64
N ASP G 132 -11.67 -14.46 -2.07
CA ASP G 132 -10.69 -13.46 -2.35
C ASP G 132 -9.39 -13.64 -1.53
N VAL G 133 -9.36 -14.55 -0.54
CA VAL G 133 -8.15 -14.87 0.24
C VAL G 133 -7.89 -16.36 0.14
N PHE G 134 -8.48 -17.15 1.05
CA PHE G 134 -8.32 -18.59 1.07
C PHE G 134 -9.36 -19.09 0.11
N ARG G 135 -8.96 -19.27 -1.13
CA ARG G 135 -9.90 -19.69 -2.15
C ARG G 135 -10.42 -21.05 -1.77
N PHE G 136 -11.68 -21.31 -2.01
CA PHE G 136 -12.26 -22.58 -1.65
C PHE G 136 -11.55 -23.67 -2.46
N ASP G 137 -10.99 -23.32 -3.61
CA ASP G 137 -10.30 -24.26 -4.45
C ASP G 137 -9.08 -24.86 -3.76
N ASP G 138 -8.86 -26.15 -4.01
CA ASP G 138 -7.90 -27.04 -3.36
C ASP G 138 -6.42 -27.05 -3.74
N ALA G 139 -5.96 -26.32 -4.76
CA ALA G 139 -4.55 -26.43 -5.14
C ALA G 139 -3.58 -26.04 -4.01
N ASN G 140 -3.97 -25.13 -3.10
CA ASN G 140 -3.09 -24.81 -1.95
C ASN G 140 -3.90 -24.24 -0.83
N PHE H 1 -42.91 42.76 12.73
CA PHE H 1 -42.35 41.48 12.29
C PHE H 1 -40.88 41.57 11.94
N THR H 2 -40.42 42.78 11.63
CA THR H 2 -39.05 43.00 11.22
C THR H 2 -38.06 42.64 12.31
N LEU H 3 -38.47 42.72 13.56
CA LEU H 3 -37.58 42.44 14.67
C LEU H 3 -37.10 40.99 14.70
N ILE H 4 -37.86 40.06 14.10
CA ILE H 4 -37.41 38.70 14.25
C ILE H 4 -36.07 38.38 13.64
N GLU H 5 -35.70 39.00 12.53
CA GLU H 5 -34.40 38.63 12.02
C GLU H 5 -33.33 39.08 13.00
N LEU H 6 -33.55 40.19 13.71
CA LEU H 6 -32.54 40.52 14.68
C LEU H 6 -32.52 39.45 15.76
N MET H 7 -33.70 38.91 16.10
CA MET H 7 -33.67 37.86 17.11
C MET H 7 -32.98 36.59 16.68
N VAL H 8 -33.06 36.27 15.38
CA VAL H 8 -32.39 35.06 14.96
C VAL H 8 -30.92 35.33 15.15
N VAL H 9 -30.48 36.60 15.00
CA VAL H 9 -29.08 36.82 15.32
C VAL H 9 -28.83 36.63 16.79
N ILE H 10 -29.83 36.90 17.63
CA ILE H 10 -29.61 36.72 19.04
C ILE H 10 -29.38 35.27 19.36
N GLY H 11 -29.91 34.36 18.54
CA GLY H 11 -29.71 32.96 18.82
C GLY H 11 -29.30 32.10 17.65
N ILE H 12 -30.10 32.09 16.60
CA ILE H 12 -29.81 31.19 15.49
C ILE H 12 -28.51 31.45 14.77
N ILE H 13 -28.10 32.70 14.68
CA ILE H 13 -26.86 32.94 13.98
C ILE H 13 -25.73 32.33 14.78
N ALA H 14 -25.90 32.23 16.10
CA ALA H 14 -24.88 31.61 16.93
C ALA H 14 -25.12 30.10 16.92
N ILE H 15 -24.99 29.50 15.74
CA ILE H 15 -25.14 28.05 15.65
C ILE H 15 -24.01 27.45 16.45
N LEU H 16 -22.88 28.14 16.51
CA LEU H 16 -21.67 27.72 17.18
C LEU H 16 -21.25 26.36 16.67
N SER H 17 -21.54 26.07 15.40
CA SER H 17 -21.10 24.80 14.86
C SER H 17 -19.58 24.83 14.86
N ALA H 18 -18.96 23.73 15.22
CA ALA H 18 -17.52 23.67 15.11
C ALA H 18 -17.08 22.23 15.17
N ILE H 19 -15.97 21.95 14.54
CA ILE H 19 -15.35 20.65 14.69
C ILE H 19 -14.92 20.70 16.14
N GLY H 20 -14.99 19.58 16.85
CA GLY H 20 -14.46 19.68 18.20
C GLY H 20 -12.97 19.79 18.00
N ILE H 21 -12.39 20.98 18.21
CA ILE H 21 -10.95 21.14 17.99
C ILE H 21 -10.06 20.21 18.79
N PRO H 22 -10.24 20.00 20.10
CA PRO H 22 -9.32 19.02 20.71
C PRO H 22 -9.40 17.66 20.07
N ALA H 23 -10.59 17.27 19.61
CA ALA H 23 -10.67 16.00 18.91
C ALA H 23 -9.89 16.05 17.62
N TYR H 24 -9.82 17.24 17.02
CA TYR H 24 -9.12 17.37 15.78
C TYR H 24 -7.63 17.16 15.89
N GLN H 25 -7.06 17.68 16.96
CA GLN H 25 -5.66 17.45 17.16
C GLN H 25 -5.48 15.98 17.47
N ASN H 26 -6.49 15.36 18.08
CA ASN H 26 -6.32 13.95 18.36
C ASN H 26 -6.22 13.18 17.10
N TYR H 27 -6.92 13.63 16.07
CA TYR H 27 -6.79 12.81 14.92
C TYR H 27 -5.53 13.04 14.11
N LEU H 28 -5.20 14.30 13.79
CA LEU H 28 -3.97 14.42 13.03
C LEU H 28 -2.74 14.05 13.81
N ARG H 29 -2.76 14.33 15.11
CA ARG H 29 -1.63 13.94 15.91
C ARG H 29 -1.52 12.45 16.00
N LYS H 30 -2.67 11.77 15.99
CA LYS H 30 -2.57 10.34 16.03
C LYS H 30 -1.91 9.93 14.76
N ALA H 31 -2.17 10.68 13.70
CA ALA H 31 -1.48 10.35 12.49
C ALA H 31 -0.02 10.56 12.63
N ALA H 32 0.39 11.53 13.45
CA ALA H 32 1.81 11.68 13.64
C ALA H 32 2.36 10.47 14.36
N LEU H 33 1.52 9.83 15.19
CA LEU H 33 2.01 8.63 15.85
C LEU H 33 2.14 7.54 14.83
N THR H 34 1.10 7.39 14.03
CA THR H 34 1.16 6.34 13.05
C THR H 34 2.25 6.55 12.03
N ASP H 35 2.50 7.81 11.67
CA ASP H 35 3.57 8.07 10.74
C ASP H 35 4.83 7.70 11.46
N MET H 36 4.83 7.87 12.79
CA MET H 36 6.02 7.45 13.48
C MET H 36 6.17 5.96 13.41
N LEU H 37 5.06 5.22 13.36
CA LEU H 37 5.24 3.80 13.24
C LEU H 37 5.89 3.56 11.91
N GLN H 38 5.54 4.39 10.91
CA GLN H 38 6.22 4.20 9.65
C GLN H 38 7.69 4.51 9.78
N THR H 39 8.05 5.47 10.64
CA THR H 39 9.46 5.73 10.83
C THR H 39 10.08 4.53 11.49
N PHE H 40 9.31 3.82 12.32
CA PHE H 40 9.83 2.65 12.97
C PHE H 40 10.14 1.52 12.02
N VAL H 41 9.39 1.47 10.93
CA VAL H 41 9.56 0.35 10.01
C VAL H 41 10.92 0.12 9.40
N PRO H 42 11.62 1.12 8.86
CA PRO H 42 12.97 0.82 8.36
C PRO H 42 13.84 0.32 9.46
N TYR H 43 13.60 0.81 10.67
CA TYR H 43 14.36 0.29 11.77
C TYR H 43 13.99 -1.15 12.00
N ARG H 44 12.73 -1.53 11.72
CA ARG H 44 12.44 -2.93 11.93
C ARG H 44 13.26 -3.75 10.98
N THR H 45 13.52 -3.23 9.79
CA THR H 45 14.30 -4.05 8.89
C THR H 45 15.77 -4.12 9.23
N ALA H 46 16.37 -2.96 9.53
CA ALA H 46 17.78 -3.04 9.85
C ALA H 46 18.01 -3.81 11.13
N VAL H 47 17.06 -3.73 12.06
CA VAL H 47 17.25 -4.53 13.25
C VAL H 47 17.13 -5.98 12.85
N GLU H 48 16.32 -6.30 11.83
CA GLU H 48 16.30 -7.70 11.47
C GLU H 48 17.66 -8.09 10.94
N LEU H 49 18.38 -7.17 10.30
CA LEU H 49 19.73 -7.54 9.92
C LEU H 49 20.61 -7.74 11.14
N CYS H 50 20.32 -6.99 12.21
CA CYS H 50 21.14 -7.21 13.38
C CYS H 50 20.90 -8.61 13.90
N ALA H 51 19.64 -9.06 13.75
CA ALA H 51 19.25 -10.41 14.07
C ALA H 51 19.89 -11.39 13.13
N LEU H 52 20.13 -10.91 11.91
CA LEU H 52 20.66 -11.68 10.85
C LEU H 52 22.06 -12.19 11.00
N GLU H 53 22.89 -11.49 11.74
CA GLU H 53 24.25 -11.98 11.81
C GLU H 53 25.03 -11.49 13.00
N HIS H 54 24.73 -10.29 13.47
CA HIS H 54 25.55 -9.75 14.53
C HIS H 54 25.52 -10.53 15.84
N GLY H 55 24.41 -11.23 16.13
CA GLY H 55 24.33 -12.06 17.31
C GLY H 55 23.91 -11.36 18.59
N GLY H 56 23.65 -10.06 18.55
CA GLY H 56 23.21 -9.39 19.76
C GLY H 56 22.75 -7.99 19.43
N LEU H 57 22.09 -7.40 20.41
CA LEU H 57 21.52 -6.07 20.27
C LEU H 57 22.38 -4.81 20.11
N ASP H 58 23.63 -4.77 20.59
CA ASP H 58 24.35 -3.49 20.46
C ASP H 58 24.54 -3.11 19.01
N THR H 59 24.65 -4.11 18.18
CA THR H 59 24.72 -3.98 16.76
C THR H 59 23.38 -3.45 16.25
N CYS H 60 22.28 -3.72 16.98
CA CYS H 60 20.92 -3.29 16.68
C CYS H 60 20.68 -1.82 17.00
N ASP H 61 21.59 -1.19 17.75
CA ASP H 61 21.41 0.20 18.11
C ASP H 61 21.41 1.04 16.84
N GLY H 62 20.57 2.07 16.82
CA GLY H 62 20.46 2.87 15.62
C GLY H 62 21.70 3.70 15.40
N GLY H 63 21.87 4.10 14.14
CA GLY H 63 23.05 4.85 13.81
C GLY H 63 24.28 3.99 13.59
N SER H 64 24.12 2.65 13.51
CA SER H 64 25.26 1.76 13.36
C SER H 64 24.95 0.50 12.59
N ASN H 65 26.02 -0.08 12.01
CA ASN H 65 25.96 -1.27 11.16
C ASN H 65 24.96 -0.99 10.04
N GLY H 66 24.96 0.26 9.57
CA GLY H 66 24.10 0.70 8.51
C GLY H 66 22.71 1.11 8.95
N ILE H 67 22.40 1.03 10.25
CA ILE H 67 21.04 1.41 10.65
C ILE H 67 20.88 2.92 10.49
N PRO H 68 19.71 3.40 10.04
CA PRO H 68 19.52 4.85 9.93
C PRO H 68 19.59 5.56 11.27
N SER H 69 20.12 6.76 11.29
CA SER H 69 20.09 7.52 12.53
C SER H 69 18.62 7.92 12.79
N PRO H 70 18.16 7.94 14.05
CA PRO H 70 16.76 8.37 14.30
C PRO H 70 16.52 9.82 13.90
N THR H 71 15.30 10.11 13.40
CA THR H 71 14.98 11.49 13.05
C THR H 71 13.50 11.85 13.01
N THR H 72 13.20 13.11 13.37
CA THR H 72 11.84 13.64 13.39
C THR H 72 10.95 13.87 12.18
N THR H 73 9.65 13.54 12.35
CA THR H 73 8.61 13.95 11.42
C THR H 73 8.80 15.40 11.87
N ARG H 74 8.65 16.35 10.98
CA ARG H 74 9.01 17.69 11.37
C ARG H 74 8.26 18.33 12.53
N TYR H 75 7.00 17.99 12.73
CA TYR H 75 6.31 18.56 13.87
C TYR H 75 6.90 18.14 15.20
N VAL H 76 7.49 16.95 15.25
CA VAL H 76 7.97 16.43 16.52
C VAL H 76 9.11 17.23 17.10
N SER H 77 9.03 17.50 18.41
CA SER H 77 10.17 18.12 19.08
C SER H 77 11.47 17.31 19.23
N ALA H 78 11.38 15.98 19.34
CA ALA H 78 12.58 15.16 19.56
C ALA H 78 12.38 13.65 19.36
N MET H 79 13.51 12.95 19.20
CA MET H 79 13.56 11.49 19.22
C MET H 79 14.91 10.85 19.48
N SER H 80 14.85 9.58 19.86
CA SER H 80 16.04 8.81 20.15
C SER H 80 15.77 7.33 19.96
N VAL H 81 16.85 6.59 19.68
CA VAL H 81 16.73 5.15 19.48
C VAL H 81 18.02 4.47 19.89
N ALA H 82 17.86 3.29 20.47
CA ALA H 82 18.96 2.40 20.81
C ALA H 82 18.31 1.05 20.97
N LYS H 83 19.05 0.01 20.59
CA LYS H 83 18.60 -1.37 20.63
C LYS H 83 17.26 -1.49 19.90
N GLY H 84 16.99 -0.60 18.94
CA GLY H 84 15.75 -0.60 18.22
C GLY H 84 14.62 0.12 18.94
N VAL H 85 14.87 0.67 20.13
CA VAL H 85 13.88 1.38 20.94
C VAL H 85 13.44 2.68 20.29
N VAL H 86 12.18 3.05 20.43
CA VAL H 86 11.75 4.32 19.87
C VAL H 86 11.07 5.14 20.96
N SER H 87 11.88 5.59 21.89
CA SER H 87 11.38 6.38 22.99
C SER H 87 11.29 7.78 22.44
N LEU H 88 10.14 8.10 21.85
CA LEU H 88 9.95 9.38 21.20
C LEU H 88 9.61 10.50 22.18
N THR H 89 10.63 10.87 22.93
CA THR H 89 10.52 11.98 23.86
C THR H 89 10.29 13.21 23.00
N GLY H 90 9.47 14.14 23.47
CA GLY H 90 9.29 15.30 22.62
C GLY H 90 8.35 15.10 21.48
N GLN H 91 7.58 14.03 21.45
CA GLN H 91 6.72 13.84 20.31
C GLN H 91 5.73 15.00 20.20
N GLU H 92 5.50 15.48 18.95
CA GLU H 92 4.55 16.51 18.52
C GLU H 92 4.35 17.54 19.63
N SER H 93 3.09 17.78 19.98
CA SER H 93 2.53 18.46 21.12
C SER H 93 2.51 17.41 22.23
N LEU H 94 2.87 16.15 21.91
CA LEU H 94 2.79 14.98 22.79
C LEU H 94 3.94 14.92 23.78
N ASN H 95 3.85 15.80 24.78
CA ASN H 95 4.90 15.82 25.78
C ASN H 95 4.89 14.52 26.56
N GLY H 96 6.08 14.02 26.87
CA GLY H 96 6.27 12.86 27.68
C GLY H 96 6.16 11.55 26.95
N LEU H 97 5.93 11.57 25.63
CA LEU H 97 5.81 10.33 24.89
C LEU H 97 7.12 9.57 24.89
N SER H 98 7.03 8.25 24.97
CA SER H 98 8.21 7.42 24.79
C SER H 98 7.77 5.98 24.56
N VAL H 99 7.79 5.55 23.31
CA VAL H 99 7.40 4.20 23.01
C VAL H 99 8.66 3.40 23.28
N VAL H 100 8.73 2.82 24.47
CA VAL H 100 9.92 2.10 24.85
C VAL H 100 9.75 0.77 24.18
N MET H 101 10.16 0.77 22.92
CA MET H 101 10.07 -0.37 22.06
C MET H 101 11.26 -1.27 22.30
N THR H 102 11.26 -1.91 23.43
CA THR H 102 12.37 -2.77 23.74
C THR H 102 12.35 -3.95 22.78
N PRO H 103 13.48 -4.29 22.17
CA PRO H 103 13.50 -5.45 21.29
C PRO H 103 13.19 -6.74 22.02
N GLY H 104 12.50 -7.63 21.35
CA GLY H 104 12.25 -8.91 21.95
C GLY H 104 13.35 -9.91 21.78
N TRP H 105 14.42 -9.57 21.06
CA TRP H 105 15.50 -10.50 20.71
C TRP H 105 16.40 -11.19 21.72
N ASP H 106 16.68 -12.47 21.42
CA ASP H 106 17.61 -13.45 21.99
C ASP H 106 17.44 -14.63 21.05
N ASN H 107 18.33 -14.84 20.09
CA ASN H 107 18.04 -15.92 19.15
C ASN H 107 17.93 -17.36 19.60
N ALA H 108 18.65 -17.81 20.64
CA ALA H 108 18.45 -19.21 21.00
C ALA H 108 17.04 -19.45 21.48
N ASN H 109 16.45 -18.45 22.14
CA ASN H 109 15.06 -18.45 22.56
C ASN H 109 14.02 -18.44 21.44
N GLY H 110 14.39 -17.85 20.30
CA GLY H 110 13.52 -17.62 19.16
C GLY H 110 12.69 -16.36 19.29
N VAL H 111 12.88 -15.62 20.38
CA VAL H 111 12.18 -14.38 20.65
C VAL H 111 12.55 -13.30 19.65
N THR H 112 11.58 -12.46 19.28
CA THR H 112 11.82 -11.43 18.28
C THR H 112 11.04 -10.13 18.39
N GLY H 113 9.73 -10.23 18.59
CA GLY H 113 8.91 -9.04 18.56
C GLY H 113 9.25 -8.01 19.61
N TRP H 114 9.29 -6.78 19.11
CA TRP H 114 9.60 -5.62 19.92
C TRP H 114 8.52 -5.39 20.97
N ALA H 115 8.95 -4.96 22.14
CA ALA H 115 8.05 -4.68 23.27
C ALA H 115 7.53 -3.25 23.27
N ARG H 116 6.34 -3.02 22.72
CA ARG H 116 5.76 -1.69 22.75
C ARG H 116 5.45 -1.21 24.15
N ASN H 117 5.59 0.08 24.36
CA ASN H 117 5.26 0.65 25.64
C ASN H 117 4.67 2.05 25.49
N CYS H 118 3.34 2.16 25.61
CA CYS H 118 2.74 3.48 25.54
C CYS H 118 3.28 4.27 26.70
N ASN H 119 3.53 5.54 26.47
CA ASN H 119 4.04 6.37 27.53
C ASN H 119 3.68 7.80 27.27
N ILE H 120 2.46 8.06 26.81
CA ILE H 120 2.09 9.44 26.56
C ILE H 120 1.65 10.09 27.85
N GLN H 121 2.62 10.57 28.59
CA GLN H 121 2.34 11.16 29.89
C GLN H 121 1.52 12.44 29.86
N SER H 122 1.55 13.22 28.77
CA SER H 122 0.81 14.48 28.82
C SER H 122 -0.72 14.44 28.94
N ASP H 123 -1.40 13.43 28.40
CA ASP H 123 -2.86 13.30 28.59
C ASP H 123 -3.33 11.87 28.35
N SER H 124 -4.34 11.42 29.11
CA SER H 124 -4.88 10.09 28.84
C SER H 124 -5.57 9.88 27.51
N ALA H 125 -6.22 10.92 26.96
CA ALA H 125 -6.87 10.71 25.67
C ALA H 125 -5.81 10.44 24.64
N LEU H 126 -4.64 11.03 24.84
CA LEU H 126 -3.56 10.74 23.93
C LEU H 126 -3.21 9.29 24.07
N GLN H 127 -3.35 8.75 25.29
CA GLN H 127 -3.08 7.34 25.42
C GLN H 127 -4.11 6.56 24.65
N GLN H 128 -5.34 7.11 24.50
CA GLN H 128 -6.25 6.33 23.70
C GLN H 128 -5.66 6.33 22.30
N ALA H 129 -5.02 7.44 21.90
CA ALA H 129 -4.42 7.34 20.59
C ALA H 129 -3.25 6.35 20.54
N CYS H 130 -2.46 6.19 21.63
CA CYS H 130 -1.40 5.20 21.50
C CYS H 130 -1.89 3.79 21.43
N GLU H 131 -2.96 3.49 22.17
CA GLU H 131 -3.47 2.13 22.12
C GLU H 131 -4.02 1.93 20.72
N ASP H 132 -4.47 3.02 20.11
CA ASP H 132 -4.97 2.92 18.78
C ASP H 132 -3.85 2.92 17.71
N VAL H 133 -2.59 3.20 18.09
CA VAL H 133 -1.44 3.14 17.18
C VAL H 133 -0.40 2.19 17.76
N PHE H 134 0.50 2.71 18.60
CA PHE H 134 1.54 1.92 19.23
C PHE H 134 0.88 1.35 20.46
N ARG H 135 0.34 0.15 20.31
CA ARG H 135 -0.37 -0.44 21.42
C ARG H 135 0.61 -0.65 22.55
N PHE H 136 0.16 -0.45 23.77
CA PHE H 136 1.05 -0.61 24.91
C PHE H 136 1.51 -2.07 24.96
N ASP H 137 0.72 -2.98 24.40
CA ASP H 137 1.07 -4.38 24.39
C ASP H 137 2.35 -4.66 23.62
N ASP H 138 3.12 -5.60 24.14
CA ASP H 138 4.49 -5.96 23.75
C ASP H 138 4.80 -6.84 22.54
N ALA H 139 3.80 -7.42 21.87
CA ALA H 139 4.14 -8.33 20.77
C ALA H 139 4.95 -7.66 19.65
N ASN H 140 4.79 -6.36 19.40
CA ASN H 140 5.64 -5.69 18.41
C ASN H 140 5.69 -4.22 18.68
N PHE I 1 -44.12 56.50 14.10
CA PHE I 1 -43.36 55.29 14.36
C PHE I 1 -43.12 54.47 13.11
N THR I 2 -43.96 54.67 12.10
CA THR I 2 -43.88 53.90 10.86
C THR I 2 -42.57 54.13 10.13
N LEU I 3 -41.96 55.29 10.32
CA LEU I 3 -40.72 55.61 9.63
C LEU I 3 -39.57 54.69 10.00
N ILE I 4 -39.61 54.08 11.21
CA ILE I 4 -38.44 53.30 11.54
C ILE I 4 -38.14 52.13 10.66
N GLU I 5 -39.15 51.46 10.11
CA GLU I 5 -38.76 50.35 9.27
C GLU I 5 -38.04 50.88 8.04
N LEU I 6 -38.39 52.07 7.56
CA LEU I 6 -37.61 52.56 6.46
C LEU I 6 -36.19 52.82 6.91
N MET I 7 -36.03 53.28 8.16
CA MET I 7 -34.67 53.49 8.62
C MET I 7 -33.84 52.23 8.77
N VAL I 8 -34.50 51.12 9.12
CA VAL I 8 -33.73 49.91 9.26
C VAL I 8 -33.26 49.58 7.85
N VAL I 9 -34.05 49.94 6.82
CA VAL I 9 -33.48 49.71 5.50
C VAL I 9 -32.30 50.62 5.26
N ILE I 10 -32.30 51.79 5.89
CA ILE I 10 -31.18 52.69 5.68
C ILE I 10 -29.92 52.09 6.23
N GLY I 11 -30.04 51.22 7.24
CA GLY I 11 -28.85 50.63 7.81
C GLY I 11 -28.89 49.14 8.02
N ILE I 12 -29.86 48.67 8.81
CA ILE I 12 -29.88 47.25 9.13
C ILE I 12 -30.06 46.32 7.98
N ILE I 13 -30.80 46.72 6.97
CA ILE I 13 -30.97 45.80 5.85
C ILE I 13 -29.63 45.63 5.16
N ALA I 14 -28.76 46.64 5.24
CA ALA I 14 -27.44 46.52 4.66
C ALA I 14 -26.53 45.85 5.67
N ILE I 15 -26.85 44.58 5.99
CA ILE I 15 -26.00 43.85 6.91
C ILE I 15 -24.67 43.67 6.22
N LEU I 16 -24.68 43.61 4.89
CA LEU I 16 -23.52 43.41 4.05
C LEU I 16 -22.80 42.14 4.48
N SER I 17 -23.54 41.15 4.99
CA SER I 17 -22.89 39.92 5.35
C SER I 17 -22.36 39.30 4.07
N ALA I 18 -21.17 38.75 4.12
CA ALA I 18 -20.68 38.06 2.95
C ALA I 18 -19.51 37.18 3.36
N ILE I 19 -19.34 36.10 2.64
CA ILE I 19 -18.16 35.29 2.80
C ILE I 19 -17.09 36.23 2.29
N GLY I 20 -15.89 36.22 2.88
CA GLY I 20 -14.90 37.08 2.27
C GLY I 20 -14.56 36.36 0.98
N ILE I 21 -15.01 36.89 -0.16
CA ILE I 21 -14.75 36.22 -1.44
C ILE I 21 -13.27 35.97 -1.75
N PRO I 22 -12.34 36.93 -1.60
CA PRO I 22 -10.97 36.51 -1.90
C PRO I 22 -10.50 35.37 -1.03
N ALA I 23 -10.97 35.30 0.22
CA ALA I 23 -10.60 34.15 1.02
C ALA I 23 -11.20 32.89 0.45
N TYR I 24 -12.36 33.03 -0.18
CA TYR I 24 -13.01 31.87 -0.73
C TYR I 24 -12.26 31.22 -1.88
N GLN I 25 -11.69 32.06 -2.74
CA GLN I 25 -10.91 31.52 -3.80
C GLN I 25 -9.66 30.92 -3.19
N ASN I 26 -9.21 31.49 -2.05
CA ASN I 26 -8.03 30.90 -1.46
C ASN I 26 -8.31 29.51 -1.02
N TYR I 27 -9.53 29.26 -0.58
CA TYR I 27 -9.68 27.91 -0.15
C TYR I 27 -9.91 26.91 -1.25
N LEU I 28 -10.84 27.19 -2.18
CA LEU I 28 -10.97 26.16 -3.21
C LEU I 28 -9.77 26.05 -4.11
N ARG I 29 -9.11 27.18 -4.35
CA ARG I 29 -7.93 27.12 -5.16
C ARG I 29 -6.83 26.37 -4.46
N LYS I 30 -6.80 26.49 -3.13
CA LYS I 30 -5.79 25.74 -2.44
C LYS I 30 -6.11 24.30 -2.65
N ALA I 31 -7.39 24.00 -2.75
CA ALA I 31 -7.71 22.64 -3.04
C ALA I 31 -7.24 22.25 -4.40
N ALA I 32 -7.19 23.20 -5.33
CA ALA I 32 -6.66 22.83 -6.62
C ALA I 32 -5.18 22.53 -6.48
N LEU I 33 -4.52 23.17 -5.52
CA LEU I 33 -3.11 22.85 -5.34
C LEU I 33 -3.01 21.48 -4.76
N THR I 34 -3.80 21.21 -3.75
CA THR I 34 -3.71 19.92 -3.15
C THR I 34 -4.13 18.81 -4.07
N ASP I 35 -5.12 19.08 -4.93
CA ASP I 35 -5.51 18.08 -5.88
C ASP I 35 -4.33 17.91 -6.80
N MET I 36 -3.58 18.99 -7.02
CA MET I 36 -2.42 18.82 -7.84
C MET I 36 -1.42 17.93 -7.16
N LEU I 37 -1.37 17.97 -5.83
CA LEU I 37 -0.41 17.07 -5.20
C LEU I 37 -0.90 15.68 -5.49
N GLN I 38 -2.22 15.50 -5.57
CA GLN I 38 -2.68 14.18 -5.92
C GLN I 38 -2.27 13.82 -7.33
N THR I 39 -2.22 14.82 -8.22
CA THR I 39 -1.76 14.52 -9.55
C THR I 39 -0.30 14.14 -9.49
N PHE I 40 0.43 14.72 -8.53
CA PHE I 40 1.84 14.39 -8.39
C PHE I 40 2.07 12.98 -7.95
N VAL I 41 1.12 12.43 -7.20
CA VAL I 41 1.32 11.10 -6.66
C VAL I 41 1.59 9.95 -7.62
N PRO I 42 0.80 9.77 -8.70
CA PRO I 42 1.16 8.70 -9.62
C PRO I 42 2.53 8.90 -10.18
N TYR I 43 2.91 10.16 -10.36
CA TYR I 43 4.25 10.41 -10.80
C TYR I 43 5.22 10.01 -9.74
N ARG I 44 4.85 10.11 -8.45
CA ARG I 44 5.81 9.67 -7.48
C ARG I 44 6.03 8.19 -7.63
N THR I 45 5.00 7.46 -8.01
CA THR I 45 5.25 6.04 -8.15
C THR I 45 6.05 5.66 -9.37
N ALA I 46 5.68 6.23 -10.52
CA ALA I 46 6.45 5.85 -11.69
C ALA I 46 7.89 6.32 -11.57
N VAL I 47 8.10 7.47 -10.91
CA VAL I 47 9.48 7.87 -10.75
C VAL I 47 10.15 6.87 -9.84
N GLU I 48 9.39 6.26 -8.89
CA GLU I 48 10.09 5.28 -8.08
C GLU I 48 10.50 4.13 -8.96
N LEU I 49 9.72 3.82 -10.01
CA LEU I 49 10.21 2.79 -10.90
C LEU I 49 11.45 3.25 -11.63
N CYS I 50 11.55 4.56 -11.89
CA CYS I 50 12.76 4.99 -12.57
C CYS I 50 13.93 4.75 -11.65
N ALA I 51 13.68 4.93 -10.35
CA ALA I 51 14.66 4.64 -9.31
C ALA I 51 14.92 3.16 -9.24
N LEU I 52 13.89 2.41 -9.59
CA LEU I 52 13.90 0.98 -9.53
C LEU I 52 14.85 0.25 -10.43
N GLU I 53 15.16 0.84 -11.57
CA GLU I 53 16.03 0.08 -12.45
C GLU I 53 16.76 0.90 -13.47
N HIS I 54 16.16 1.99 -13.92
CA HIS I 54 16.78 2.73 -14.98
C HIS I 54 18.15 3.33 -14.65
N GLY I 55 18.40 3.65 -13.38
CA GLY I 55 19.69 4.15 -12.96
C GLY I 55 19.91 5.63 -13.10
N GLY I 56 18.93 6.38 -13.58
CA GLY I 56 19.11 7.81 -13.69
C GLY I 56 17.81 8.48 -14.03
N LEU I 57 17.81 9.79 -13.88
CA LEU I 57 16.62 10.60 -14.11
C LEU I 57 15.99 10.78 -15.49
N ASP I 58 16.72 10.64 -16.61
CA ASP I 58 16.04 10.90 -17.89
C ASP I 58 14.92 9.94 -18.12
N THR I 59 15.08 8.76 -17.59
CA THR I 59 14.09 7.72 -17.60
C THR I 59 12.92 8.15 -16.72
N CYS I 60 13.19 9.02 -15.73
CA CYS I 60 12.21 9.57 -14.80
C CYS I 60 11.36 10.67 -15.42
N ASP I 61 11.75 11.18 -16.58
CA ASP I 61 10.98 12.24 -17.21
C ASP I 61 9.60 11.72 -17.55
N GLY I 62 8.60 12.58 -17.41
CA GLY I 62 7.26 12.13 -17.64
C GLY I 62 6.99 11.88 -19.10
N GLY I 63 5.97 11.07 -19.36
CA GLY I 63 5.68 10.71 -20.72
C GLY I 63 6.56 9.60 -21.25
N SER I 64 7.33 8.92 -20.40
CA SER I 64 8.25 7.88 -20.86
C SER I 64 8.47 6.77 -19.84
N ASN I 65 8.86 5.60 -20.38
CA ASN I 65 9.08 4.39 -19.61
C ASN I 65 7.80 4.08 -18.84
N GLY I 66 6.67 4.39 -19.45
CA GLY I 66 5.37 4.16 -18.89
C GLY I 66 4.89 5.27 -17.98
N ILE I 67 5.67 6.34 -17.79
CA ILE I 67 5.19 7.40 -16.89
C ILE I 67 4.02 8.12 -17.56
N PRO I 68 2.98 8.51 -16.81
CA PRO I 68 1.87 9.25 -17.41
C PRO I 68 2.30 10.59 -17.98
N SER I 69 1.71 11.01 -19.07
CA SER I 69 1.99 12.35 -19.56
C SER I 69 1.36 13.35 -18.59
N PRO I 70 2.01 14.50 -18.31
CA PRO I 70 1.37 15.47 -17.41
C PRO I 70 0.06 16.03 -17.94
N THR I 71 -0.89 16.31 -17.04
CA THR I 71 -2.16 16.88 -17.48
C THR I 71 -2.97 17.65 -16.44
N THR I 72 -3.67 18.68 -16.89
CA THR I 72 -4.51 19.53 -16.04
C THR I 72 -5.77 19.09 -15.32
N THR I 73 -5.91 19.59 -14.07
CA THR I 73 -7.16 19.54 -13.34
C THR I 73 -7.76 20.53 -14.31
N ARG I 74 -9.04 20.41 -14.63
CA ARG I 74 -9.54 21.25 -15.70
C ARG I 74 -9.49 22.76 -15.51
N TYR I 75 -9.58 23.25 -14.29
CA TYR I 75 -9.47 24.69 -14.12
C TYR I 75 -8.11 25.23 -14.50
N VAL I 76 -7.06 24.42 -14.36
CA VAL I 76 -5.72 24.90 -14.60
C VAL I 76 -5.46 25.29 -16.03
N SER I 77 -4.82 26.44 -16.24
CA SER I 77 -4.39 26.80 -17.57
C SER I 77 -3.28 25.97 -18.24
N ALA I 78 -2.35 25.39 -17.45
CA ALA I 78 -1.23 24.65 -18.03
C ALA I 78 -0.43 23.81 -17.03
N MET I 79 0.35 22.87 -17.59
CA MET I 79 1.35 22.09 -16.85
C MET I 79 2.44 21.41 -17.65
N SER I 80 3.51 21.07 -16.95
CA SER I 80 4.64 20.41 -17.55
C SER I 80 5.40 19.62 -16.51
N VAL I 81 6.11 18.59 -16.99
CA VAL I 81 6.89 17.74 -16.10
C VAL I 81 8.07 17.17 -16.84
N ALA I 82 9.19 17.06 -16.12
CA ALA I 82 10.40 16.42 -16.59
C ALA I 82 11.18 16.11 -15.34
N LYS I 83 11.88 14.98 -15.36
CA LYS I 83 12.67 14.48 -14.24
C LYS I 83 11.78 14.43 -12.99
N GLY I 84 10.48 14.28 -13.16
CA GLY I 84 9.55 14.24 -12.06
C GLY I 84 9.13 15.62 -11.56
N VAL I 85 9.64 16.70 -12.18
CA VAL I 85 9.32 18.08 -11.80
C VAL I 85 7.88 18.43 -12.08
N VAL I 86 7.28 19.26 -11.25
CA VAL I 86 5.90 19.66 -11.51
C VAL I 86 5.82 21.17 -11.48
N SER I 87 6.42 21.78 -12.48
CA SER I 87 6.43 23.22 -12.59
C SER I 87 5.10 23.56 -13.22
N LEU I 88 4.10 23.75 -12.38
CA LEU I 88 2.74 23.99 -12.86
C LEU I 88 2.52 25.44 -13.26
N THR I 89 3.12 25.79 -14.38
CA THR I 89 2.95 27.10 -14.98
C THR I 89 1.48 27.17 -15.37
N GLY I 90 0.87 28.34 -15.23
CA GLY I 90 -0.51 28.38 -15.63
C GLY I 90 -1.47 27.80 -14.64
N GLN I 91 -1.04 27.56 -13.41
CA GLN I 91 -1.98 26.95 -12.49
C GLN I 91 -3.18 27.87 -12.27
N GLU I 92 -4.39 27.27 -12.23
CA GLU I 92 -5.71 27.87 -11.95
C GLU I 92 -5.74 29.31 -12.44
N SER I 93 -6.13 30.22 -11.55
CA SER I 93 -6.05 31.65 -11.55
C SER I 93 -4.63 31.96 -11.06
N LEU I 94 -3.87 30.92 -10.65
CA LEU I 94 -2.54 31.01 -10.04
C LEU I 94 -1.44 31.26 -11.05
N ASN I 95 -1.41 32.50 -11.55
CA ASN I 95 -0.39 32.84 -12.52
C ASN I 95 0.98 32.75 -11.88
N GLY I 96 1.95 32.25 -12.63
CA GLY I 96 3.33 32.18 -12.23
C GLY I 96 3.67 30.99 -11.37
N LEU I 97 2.73 30.11 -11.07
CA LEU I 97 3.03 28.96 -10.24
C LEU I 97 3.99 28.04 -10.92
N SER I 98 4.89 27.46 -10.15
CA SER I 98 5.76 26.41 -10.66
C SER I 98 6.42 25.68 -9.50
N VAL I 99 5.89 24.50 -9.18
CA VAL I 99 6.45 23.74 -8.08
C VAL I 99 7.62 23.03 -8.73
N VAL I 100 8.80 23.59 -8.58
CA VAL I 100 9.96 23.02 -9.23
C VAL I 100 10.36 21.91 -8.31
N MET I 101 9.69 20.79 -8.54
CA MET I 101 9.85 19.59 -7.77
C MET I 101 11.03 18.82 -8.29
N THR I 102 12.20 19.34 -8.05
CA THR I 102 13.37 18.68 -8.55
C THR I 102 13.53 17.36 -7.81
N PRO I 103 13.76 16.26 -8.53
CA PRO I 103 13.98 14.99 -7.83
C PRO I 103 15.20 15.00 -6.94
N GLY I 104 15.10 14.32 -5.82
CA GLY I 104 16.25 14.22 -4.97
C GLY I 104 17.21 13.13 -5.34
N TRP I 105 16.91 12.32 -6.35
CA TRP I 105 17.68 11.14 -6.72
C TRP I 105 19.13 11.18 -7.19
N ASP I 106 19.88 10.17 -6.72
CA ASP I 106 21.25 9.72 -7.01
C ASP I 106 21.36 8.48 -6.14
N ASN I 107 21.20 7.28 -6.69
CA ASN I 107 21.19 6.13 -5.79
C ASN I 107 22.41 5.78 -4.94
N ALA I 108 23.65 6.05 -5.40
CA ALA I 108 24.75 5.67 -4.52
C ALA I 108 24.71 6.49 -3.24
N ASN I 109 24.25 7.74 -3.35
CA ASN I 109 24.03 8.63 -2.22
C ASN I 109 22.92 8.22 -1.26
N GLY I 110 21.92 7.52 -1.78
CA GLY I 110 20.72 7.13 -1.08
C GLY I 110 19.66 8.22 -1.08
N VAL I 111 19.95 9.34 -1.73
CA VAL I 111 19.04 10.47 -1.85
C VAL I 111 17.79 10.12 -2.65
N THR I 112 16.64 10.67 -2.26
CA THR I 112 15.38 10.34 -2.93
C THR I 112 14.32 11.42 -2.98
N GLY I 113 14.04 12.06 -1.86
CA GLY I 113 12.93 12.98 -1.81
C GLY I 113 13.05 14.16 -2.75
N TRP I 114 11.91 14.40 -3.40
CA TRP I 114 11.78 15.48 -4.34
C TRP I 114 11.93 16.83 -3.67
N ALA I 115 12.55 17.76 -4.36
CA ALA I 115 12.78 19.12 -3.86
C ALA I 115 11.64 20.07 -4.20
N ARG I 116 10.70 20.26 -3.27
CA ARG I 116 9.62 21.21 -3.51
C ARG I 116 10.11 22.62 -3.64
N ASN I 117 9.42 23.39 -4.47
CA ASN I 117 9.77 24.79 -4.61
C ASN I 117 8.52 25.64 -4.86
N CYS I 118 8.05 26.34 -3.82
CA CYS I 118 6.90 27.20 -4.03
C CYS I 118 7.32 28.26 -5.02
N ASN I 119 6.42 28.64 -5.88
CA ASN I 119 6.75 29.65 -6.86
C ASN I 119 5.49 30.34 -7.30
N ILE I 120 4.58 30.63 -6.37
CA ILE I 120 3.36 31.29 -6.79
C ILE I 120 3.61 32.79 -6.89
N GLN I 121 4.13 33.19 -8.03
CA GLN I 121 4.46 34.58 -8.23
C GLN I 121 3.30 35.56 -8.23
N SER I 122 2.09 35.12 -8.59
CA SER I 122 1.01 36.12 -8.64
C SER I 122 0.56 36.82 -7.35
N ASP I 123 0.64 36.18 -6.18
CA ASP I 123 0.31 36.85 -4.92
C ASP I 123 0.94 36.13 -3.73
N SER I 124 1.38 36.88 -2.71
CA SER I 124 1.90 36.22 -1.52
C SER I 124 0.91 35.40 -0.69
N ALA I 125 -0.38 35.79 -0.67
CA ALA I 125 -1.31 34.97 0.10
C ALA I 125 -1.41 33.61 -0.55
N LEU I 126 -1.24 33.58 -1.87
CA LEU I 126 -1.26 32.31 -2.53
C LEU I 126 -0.08 31.53 -2.05
N GLN I 127 1.02 32.23 -1.74
CA GLN I 127 2.16 31.49 -1.24
C GLN I 127 1.80 30.93 0.12
N GLN I 128 0.90 31.61 0.87
CA GLN I 128 0.55 30.98 2.12
C GLN I 128 -0.14 29.69 1.76
N ALA I 129 -0.91 29.68 0.66
CA ALA I 129 -1.48 28.40 0.32
C ALA I 129 -0.44 27.38 -0.13
N CYS I 130 0.67 27.80 -0.79
CA CYS I 130 1.63 26.75 -1.14
C CYS I 130 2.34 26.17 0.05
N GLU I 131 2.64 27.01 1.04
CA GLU I 131 3.33 26.49 2.21
C GLU I 131 2.36 25.56 2.89
N ASP I 132 1.08 25.85 2.73
CA ASP I 132 0.09 25.00 3.33
C ASP I 132 -0.21 23.74 2.49
N VAL I 133 0.32 23.64 1.24
CA VAL I 133 0.16 22.45 0.39
C VAL I 133 1.56 21.98 -0.01
N PHE I 134 2.08 22.50 -1.11
CA PHE I 134 3.40 22.15 -1.62
C PHE I 134 4.34 23.05 -0.87
N ARG I 135 4.85 22.55 0.24
CA ARG I 135 5.71 23.37 1.07
C ARG I 135 6.93 23.71 0.26
N PHE I 136 7.44 24.91 0.42
CA PHE I 136 8.61 25.32 -0.34
C PHE I 136 9.77 24.43 0.06
N ASP I 137 9.74 23.86 1.25
CA ASP I 137 10.80 22.99 1.73
C ASP I 137 10.94 21.75 0.87
N ASP I 138 12.18 21.32 0.68
CA ASP I 138 12.66 20.29 -0.24
C ASP I 138 12.57 18.80 0.10
N ALA I 139 12.16 18.41 1.30
CA ALA I 139 12.17 16.97 1.61
C ALA I 139 11.29 16.13 0.67
N ASN I 140 10.21 16.68 0.12
CA ASN I 140 9.41 15.92 -0.87
C ASN I 140 8.63 16.87 -1.73
N PHE J 1 -52.69 65.08 8.05
CA PHE J 1 -51.43 64.35 8.04
C PHE J 1 -51.62 62.88 8.38
N THR J 2 -52.71 62.57 9.07
CA THR J 2 -52.97 61.21 9.51
C THR J 2 -53.14 60.24 8.36
N LEU J 3 -53.57 60.74 7.21
CA LEU J 3 -53.79 59.89 6.05
C LEU J 3 -52.53 59.23 5.55
N ILE J 4 -51.35 59.82 5.80
CA ILE J 4 -50.20 59.19 5.21
C ILE J 4 -49.88 57.80 5.66
N GLU J 5 -50.17 57.45 6.91
CA GLU J 5 -49.83 56.08 7.25
C GLU J 5 -50.72 55.14 6.47
N LEU J 6 -51.96 55.55 6.17
CA LEU J 6 -52.74 54.65 5.35
C LEU J 6 -52.10 54.55 3.97
N MET J 7 -51.53 55.65 3.49
CA MET J 7 -50.89 55.56 2.20
C MET J 7 -49.66 54.68 2.16
N VAL J 8 -48.93 54.63 3.28
CA VAL J 8 -47.76 53.79 3.26
C VAL J 8 -48.28 52.38 3.16
N VAL J 9 -49.48 52.11 3.73
CA VAL J 9 -49.99 50.77 3.48
C VAL J 9 -50.33 50.58 2.03
N ILE J 10 -50.70 51.66 1.34
CA ILE J 10 -51.04 51.50 -0.06
C ILE J 10 -49.82 51.09 -0.84
N GLY J 11 -48.63 51.45 -0.37
CA GLY J 11 -47.44 51.09 -1.09
C GLY J 11 -46.32 50.50 -0.29
N ILE J 12 -45.84 51.23 0.71
CA ILE J 12 -44.69 50.75 1.45
C ILE J 12 -44.88 49.47 2.20
N ILE J 13 -46.08 49.22 2.71
CA ILE J 13 -46.25 47.98 3.43
C ILE J 13 -46.11 46.83 2.46
N ALA J 14 -46.42 47.06 1.19
CA ALA J 14 -46.26 46.02 0.19
C ALA J 14 -44.82 46.05 -0.31
N ILE J 15 -43.89 45.77 0.61
CA ILE J 15 -42.48 45.73 0.21
C ILE J 15 -42.34 44.57 -0.75
N LEU J 16 -43.17 43.56 -0.59
CA LEU J 16 -43.18 42.35 -1.38
C LEU J 16 -41.80 41.72 -1.36
N SER J 17 -41.07 41.89 -0.25
CA SER J 17 -39.77 41.25 -0.17
C SER J 17 -40.02 39.76 -0.17
N ALA J 18 -39.19 39.02 -0.88
CA ALA J 18 -39.32 37.58 -0.82
C ALA J 18 -38.06 36.95 -1.36
N ILE J 19 -37.74 35.79 -0.87
CA ILE J 19 -36.67 35.01 -1.44
C ILE J 19 -37.25 34.67 -2.80
N GLY J 20 -36.43 34.63 -3.85
CA GLY J 20 -37.05 34.20 -5.09
C GLY J 20 -37.30 32.72 -4.87
N ILE J 21 -38.56 32.32 -4.69
CA ILE J 21 -38.85 30.91 -4.44
C ILE J 21 -38.36 29.95 -5.51
N PRO J 22 -38.56 30.17 -6.82
CA PRO J 22 -38.00 29.17 -7.73
C PRO J 22 -36.50 29.04 -7.59
N ALA J 23 -35.81 30.14 -7.27
CA ALA J 23 -34.39 30.00 -7.02
C ALA J 23 -34.13 29.16 -5.80
N TYR J 24 -35.05 29.22 -4.84
CA TYR J 24 -34.87 28.47 -3.63
C TYR J 24 -34.92 26.97 -3.81
N GLN J 25 -35.84 26.54 -4.67
CA GLN J 25 -35.88 25.14 -4.95
C GLN J 25 -34.65 24.78 -5.73
N ASN J 26 -34.12 25.74 -6.50
CA ASN J 26 -32.92 25.39 -7.23
C ASN J 26 -31.80 25.12 -6.30
N TYR J 27 -31.79 25.82 -5.18
CA TYR J 27 -30.66 25.50 -4.37
C TYR J 27 -30.79 24.25 -3.55
N LEU J 28 -31.91 24.07 -2.83
CA LEU J 28 -31.95 22.83 -2.08
C LEU J 28 -32.04 21.60 -2.95
N ARG J 29 -32.72 21.74 -4.08
CA ARG J 29 -32.79 20.61 -4.98
C ARG J 29 -31.44 20.30 -5.55
N LYS J 30 -30.63 21.35 -5.77
CA LYS J 30 -29.31 21.07 -6.28
C LYS J 30 -28.62 20.29 -5.22
N ALA J 31 -28.93 20.58 -3.98
CA ALA J 31 -28.33 19.79 -2.94
C ALA J 31 -28.78 18.37 -3.03
N ALA J 32 -30.02 18.15 -3.48
CA ALA J 32 -30.43 16.77 -3.63
C ALA J 32 -29.61 16.11 -4.71
N LEU J 33 -29.16 16.90 -5.70
CA LEU J 33 -28.33 16.30 -6.73
C LEU J 33 -27.00 15.97 -6.12
N THR J 34 -26.45 16.93 -5.42
CA THR J 34 -25.16 16.68 -4.84
C THR J 34 -25.17 15.57 -3.81
N ASP J 35 -26.26 15.47 -3.07
CA ASP J 35 -26.35 14.40 -2.11
C ASP J 35 -26.43 13.14 -2.93
N MET J 36 -27.02 13.23 -4.13
CA MET J 36 -27.03 12.04 -4.93
C MET J 36 -25.64 11.69 -5.36
N LEU J 37 -24.78 12.69 -5.55
CA LEU J 37 -23.43 12.31 -5.91
C LEU J 37 -22.86 11.56 -4.74
N GLN J 38 -23.27 11.95 -3.52
CA GLN J 38 -22.77 11.19 -2.39
C GLN J 38 -23.31 9.78 -2.43
N THR J 39 -24.54 9.61 -2.94
CA THR J 39 -25.06 8.25 -3.04
C THR J 39 -24.24 7.52 -4.07
N PHE J 40 -23.74 8.23 -5.08
CA PHE J 40 -22.93 7.60 -6.10
C PHE J 40 -21.61 7.11 -5.57
N VAL J 41 -21.09 7.77 -4.55
CA VAL J 41 -19.78 7.40 -4.05
C VAL J 41 -19.56 5.98 -3.58
N PRO J 42 -20.41 5.39 -2.73
CA PRO J 42 -20.18 3.99 -2.38
C PRO J 42 -20.18 3.12 -3.59
N TYR J 43 -21.01 3.49 -4.57
CA TYR J 43 -20.99 2.73 -5.79
C TYR J 43 -19.67 2.93 -6.48
N ARG J 44 -19.04 4.11 -6.32
CA ARG J 44 -17.76 4.21 -7.00
C ARG J 44 -16.80 3.24 -6.38
N THR J 45 -16.93 2.99 -5.08
CA THR J 45 -15.98 2.06 -4.52
C THR J 45 -16.24 0.62 -4.88
N ALA J 46 -17.51 0.19 -4.78
CA ALA J 46 -17.74 -1.19 -5.11
C ALA J 46 -17.47 -1.46 -6.58
N VAL J 47 -17.72 -0.45 -7.44
CA VAL J 47 -17.39 -0.68 -8.82
C VAL J 47 -15.89 -0.77 -8.93
N GLU J 48 -15.14 -0.07 -8.06
CA GLU J 48 -13.70 -0.26 -8.19
C GLU J 48 -13.37 -1.68 -7.83
N LEU J 49 -14.13 -2.31 -6.92
CA LEU J 49 -13.85 -3.72 -6.70
C LEU J 49 -14.19 -4.54 -7.94
N CYS J 50 -15.20 -4.10 -8.68
CA CYS J 50 -15.49 -4.88 -9.88
C CYS J 50 -14.32 -4.79 -10.82
N ALA J 51 -13.68 -3.61 -10.82
CA ALA J 51 -12.46 -3.39 -11.57
C ALA J 51 -11.32 -4.21 -11.01
N LEU J 52 -11.42 -4.44 -9.71
CA LEU J 52 -10.42 -5.14 -8.96
C LEU J 52 -10.19 -6.58 -9.30
N GLU J 53 -11.22 -7.26 -9.77
CA GLU J 53 -10.98 -8.67 -10.01
C GLU J 53 -11.93 -9.31 -10.98
N HIS J 54 -13.17 -8.83 -11.01
CA HIS J 54 -14.13 -9.50 -11.85
C HIS J 54 -13.83 -9.49 -13.34
N GLY J 55 -13.12 -8.49 -13.84
CA GLY J 55 -12.72 -8.43 -15.23
C GLY J 55 -13.73 -7.86 -16.19
N GLY J 56 -14.89 -7.43 -15.73
CA GLY J 56 -15.85 -6.84 -16.63
C GLY J 56 -16.98 -6.22 -15.85
N LEU J 57 -17.75 -5.42 -16.58
CA LEU J 57 -18.87 -4.70 -15.99
C LEU J 57 -20.12 -5.38 -15.44
N ASP J 58 -20.49 -6.60 -15.88
CA ASP J 58 -21.76 -7.14 -15.34
C ASP J 58 -21.66 -7.36 -13.86
N THR J 59 -20.46 -7.65 -13.41
CA THR J 59 -20.13 -7.78 -12.02
C THR J 59 -20.27 -6.42 -11.34
N CYS J 60 -20.10 -5.33 -12.12
CA CYS J 60 -20.21 -3.95 -11.67
C CYS J 60 -21.64 -3.49 -11.50
N ASP J 61 -22.61 -4.26 -12.00
CA ASP J 61 -24.00 -3.88 -11.87
C ASP J 61 -24.37 -3.84 -10.39
N GLY J 62 -25.21 -2.88 -10.02
CA GLY J 62 -25.54 -2.74 -8.63
C GLY J 62 -26.41 -3.86 -8.15
N GLY J 63 -26.41 -4.05 -6.83
CA GLY J 63 -27.16 -5.14 -6.29
C GLY J 63 -26.47 -6.48 -6.38
N SER J 64 -25.18 -6.51 -6.74
CA SER J 64 -24.46 -7.76 -6.91
C SER J 64 -22.98 -7.67 -6.60
N ASN J 65 -22.40 -8.83 -6.26
CA ASN J 65 -21.01 -8.98 -5.85
C ASN J 65 -20.75 -8.03 -4.69
N GLY J 66 -21.76 -7.88 -3.84
CA GLY J 66 -21.72 -7.03 -2.68
C GLY J 66 -22.03 -5.58 -2.95
N ILE J 67 -22.34 -5.20 -4.19
CA ILE J 67 -22.64 -3.79 -4.43
C ILE J 67 -23.97 -3.44 -3.77
N PRO J 68 -24.10 -2.25 -3.18
CA PRO J 68 -25.39 -1.86 -2.59
C PRO J 68 -26.50 -1.77 -3.62
N SER J 69 -27.71 -2.13 -3.25
CA SER J 69 -28.82 -1.92 -4.17
C SER J 69 -29.08 -0.41 -4.25
N PRO J 70 -29.43 0.13 -5.43
CA PRO J 70 -29.71 1.58 -5.50
C PRO J 70 -30.91 2.00 -4.65
N THR J 71 -30.83 3.21 -4.07
CA THR J 71 -31.96 3.68 -3.27
C THR J 71 -32.07 5.20 -3.10
N THR J 72 -33.31 5.69 -3.02
CA THR J 72 -33.61 7.10 -2.84
C THR J 72 -33.31 7.93 -1.61
N THR J 73 -32.88 9.19 -1.87
CA THR J 73 -32.81 10.22 -0.86
C THR J 73 -34.32 10.25 -0.80
N ARG J 74 -34.89 10.47 0.36
CA ARG J 74 -36.34 10.32 0.44
C ARG J 74 -37.20 11.21 -0.43
N TYR J 75 -36.76 12.42 -0.73
CA TYR J 75 -37.57 13.25 -1.60
C TYR J 75 -37.70 12.69 -3.01
N VAL J 76 -36.69 11.95 -3.46
CA VAL J 76 -36.69 11.47 -4.83
C VAL J 76 -37.80 10.49 -5.13
N SER J 77 -38.48 10.68 -6.26
CA SER J 77 -39.43 9.68 -6.70
C SER J 77 -38.92 8.29 -7.12
N ALA J 78 -37.69 8.20 -7.67
CA ALA J 78 -37.17 6.93 -8.16
C ALA J 78 -35.67 6.92 -8.48
N MET J 79 -35.12 5.69 -8.58
CA MET J 79 -33.77 5.44 -9.08
C MET J 79 -33.46 4.03 -9.55
N SER J 80 -32.38 3.96 -10.33
CA SER J 80 -31.93 2.69 -10.87
C SER J 80 -30.44 2.75 -11.17
N VAL J 81 -29.82 1.58 -11.18
CA VAL J 81 -28.40 1.48 -11.45
C VAL J 81 -28.08 0.14 -12.09
N ALA J 82 -27.14 0.18 -13.03
CA ALA J 82 -26.59 -1.01 -13.65
C ALA J 82 -25.28 -0.54 -14.26
N LYS J 83 -24.29 -1.43 -14.25
CA LYS J 83 -22.95 -1.17 -14.73
C LYS J 83 -22.41 0.10 -14.07
N GLY J 84 -22.90 0.43 -12.88
CA GLY J 84 -22.47 1.62 -12.17
C GLY J 84 -23.22 2.87 -12.60
N VAL J 85 -24.16 2.76 -13.55
CA VAL J 85 -24.95 3.89 -14.06
C VAL J 85 -25.89 4.45 -13.01
N VAL J 86 -26.09 5.76 -13.02
CA VAL J 86 -27.03 6.33 -12.06
C VAL J 86 -28.06 7.17 -12.80
N SER J 87 -28.90 6.49 -13.54
CA SER J 87 -29.93 7.15 -14.31
C SER J 87 -31.04 7.38 -13.32
N LEU J 88 -30.97 8.53 -12.65
CA LEU J 88 -31.93 8.86 -11.60
C LEU J 88 -33.24 9.39 -12.16
N THR J 89 -34.00 8.49 -12.75
CA THR J 89 -35.32 8.78 -13.25
C THR J 89 -36.15 9.12 -12.03
N GLY J 90 -37.05 10.09 -12.15
CA GLY J 90 -37.83 10.37 -10.97
C GLY J 90 -37.13 11.21 -9.95
N GLN J 91 -36.01 11.83 -10.28
CA GLN J 91 -35.34 12.59 -9.24
C GLN J 91 -36.24 13.72 -8.75
N GLU J 92 -36.25 13.93 -7.42
CA GLU J 92 -36.93 14.99 -6.65
C GLU J 92 -38.23 15.38 -7.36
N SER J 93 -38.39 16.69 -7.58
CA SER J 93 -39.31 17.39 -8.43
C SER J 93 -38.69 17.34 -9.83
N LEU J 94 -37.46 16.79 -9.95
CA LEU J 94 -36.65 16.77 -11.16
C LEU J 94 -37.09 15.69 -12.13
N ASN J 95 -38.22 15.94 -12.77
CA ASN J 95 -38.73 14.97 -13.73
C ASN J 95 -37.76 14.85 -14.90
N GLY J 96 -37.58 13.63 -15.36
CA GLY J 96 -36.77 13.32 -16.52
C GLY J 96 -35.29 13.22 -16.26
N LEU J 97 -34.85 13.38 -15.01
CA LEU J 97 -33.43 13.28 -14.73
C LEU J 97 -32.91 11.89 -14.99
N SER J 98 -31.70 11.81 -15.50
CA SER J 98 -31.03 10.52 -15.62
C SER J 98 -29.56 10.75 -15.89
N VAL J 99 -28.74 10.60 -14.84
CA VAL J 99 -27.31 10.80 -15.01
C VAL J 99 -26.85 9.46 -15.55
N VAL J 100 -26.70 9.38 -16.85
CA VAL J 100 -26.33 8.13 -17.47
C VAL J 100 -24.85 8.07 -17.28
N MET J 101 -24.50 7.61 -16.10
CA MET J 101 -23.13 7.50 -15.66
C MET J 101 -22.53 6.21 -16.20
N THR J 102 -22.31 6.20 -17.48
CA THR J 102 -21.78 5.00 -18.07
C THR J 102 -20.35 4.80 -17.56
N PRO J 103 -20.00 3.60 -17.10
CA PRO J 103 -18.62 3.38 -16.66
C PRO J 103 -17.62 3.55 -17.78
N GLY J 104 -16.46 4.08 -17.43
CA GLY J 104 -15.44 4.20 -18.42
C GLY J 104 -14.60 2.96 -18.60
N TRP J 105 -14.84 1.91 -17.83
CA TRP J 105 -14.02 0.70 -17.81
C TRP J 105 -13.83 -0.22 -19.02
N ASP J 106 -12.58 -0.69 -19.15
CA ASP J 106 -11.99 -1.71 -20.03
C ASP J 106 -10.55 -1.74 -19.54
N ASN J 107 -10.16 -2.72 -18.72
CA ASN J 107 -8.81 -2.63 -18.17
C ASN J 107 -7.60 -2.68 -19.08
N ALA J 108 -7.63 -3.39 -20.22
CA ALA J 108 -6.41 -3.36 -21.02
C ALA J 108 -6.14 -1.96 -21.54
N ASN J 109 -7.20 -1.21 -21.81
CA ASN J 109 -7.13 0.19 -22.21
C ASN J 109 -6.63 1.15 -21.13
N GLY J 110 -6.85 0.80 -19.86
CA GLY J 110 -6.57 1.62 -18.71
C GLY J 110 -7.67 2.61 -18.40
N VAL J 111 -8.74 2.60 -19.19
CA VAL J 111 -9.90 3.46 -19.02
C VAL J 111 -10.63 3.18 -17.72
N THR J 112 -11.14 4.23 -17.08
CA THR J 112 -11.81 4.07 -15.80
C THR J 112 -12.96 5.02 -15.47
N GLY J 113 -12.74 6.31 -15.67
CA GLY J 113 -13.72 7.28 -15.24
C GLY J 113 -15.08 7.14 -15.88
N TRP J 114 -16.06 7.24 -15.00
CA TRP J 114 -17.46 7.14 -15.39
C TRP J 114 -17.86 8.29 -16.29
N ALA J 115 -18.71 8.00 -17.26
CA ALA J 115 -19.21 8.99 -18.21
C ALA J 115 -20.48 9.70 -17.74
N ARG J 116 -20.33 10.87 -17.13
CA ARG J 116 -21.50 11.62 -16.71
C ARG J 116 -22.36 12.07 -17.86
N ASN J 117 -23.65 12.11 -17.62
CA ASN J 117 -24.56 12.60 -18.65
C ASN J 117 -25.74 13.36 -18.03
N CYS J 118 -25.69 14.69 -18.10
CA CYS J 118 -26.81 15.46 -17.58
C CYS J 118 -28.00 15.09 -18.42
N ASN J 119 -29.15 15.01 -17.78
CA ASN J 119 -30.35 14.66 -18.52
C ASN J 119 -31.55 15.20 -17.79
N ILE J 120 -31.45 16.42 -17.26
CA ILE J 120 -32.61 16.95 -16.56
C ILE J 120 -33.58 17.55 -17.56
N GLN J 121 -34.41 16.69 -18.11
CA GLN J 121 -35.35 17.11 -19.11
C GLN J 121 -36.41 18.10 -18.66
N SER J 122 -36.79 18.10 -17.37
CA SER J 122 -37.88 19.02 -17.00
C SER J 122 -37.66 20.53 -17.11
N ASP J 123 -36.43 21.04 -16.93
CA ASP J 123 -36.17 22.47 -17.13
C ASP J 123 -34.69 22.74 -17.37
N SER J 124 -34.37 23.72 -18.23
CA SER J 124 -32.96 24.06 -18.42
C SER J 124 -32.23 24.65 -17.23
N ALA J 125 -32.93 25.40 -16.35
CA ALA J 125 -32.22 25.93 -15.19
C ALA J 125 -31.78 24.79 -14.32
N LEU J 126 -32.56 23.71 -14.34
CA LEU J 126 -32.14 22.56 -13.59
C LEU J 126 -30.89 22.03 -14.21
N GLN J 127 -30.76 22.17 -15.53
CA GLN J 127 -29.54 21.72 -16.13
C GLN J 127 -28.40 22.58 -15.64
N GLN J 128 -28.69 23.86 -15.31
CA GLN J 128 -27.57 24.62 -14.80
C GLN J 128 -27.19 23.96 -13.50
N ALA J 129 -28.19 23.45 -12.75
CA ALA J 129 -27.76 22.76 -11.57
C ALA J 129 -26.99 21.47 -11.85
N CYS J 130 -27.31 20.74 -12.95
CA CYS J 130 -26.50 19.54 -13.17
C CYS J 130 -25.08 19.85 -13.55
N GLU J 131 -24.89 20.91 -14.34
CA GLU J 131 -23.52 21.23 -14.74
C GLU J 131 -22.81 21.65 -13.49
N ASP J 132 -23.56 22.21 -12.55
CA ASP J 132 -22.95 22.62 -11.31
C ASP J 132 -22.77 21.46 -10.32
N VAL J 133 -23.34 20.26 -10.60
CA VAL J 133 -23.14 19.05 -9.76
C VAL J 133 -22.59 17.94 -10.64
N PHE J 134 -23.49 17.17 -11.27
CA PHE J 134 -23.11 16.07 -12.14
C PHE J 134 -22.88 16.72 -13.48
N ARG J 135 -21.64 17.09 -13.74
CA ARG J 135 -21.34 17.78 -14.97
C ARG J 135 -21.66 16.85 -16.11
N PHE J 136 -22.19 17.39 -17.20
CA PHE J 136 -22.54 16.55 -18.33
C PHE J 136 -21.26 15.91 -18.86
N ASP J 137 -20.11 16.53 -18.64
CA ASP J 137 -18.84 16.00 -19.10
C ASP J 137 -18.52 14.65 -18.49
N ASP J 138 -17.92 13.79 -19.29
CA ASP J 138 -17.67 12.37 -19.06
C ASP J 138 -16.49 11.88 -18.22
N ALA J 139 -15.59 12.75 -17.76
CA ALA J 139 -14.41 12.22 -17.03
C ALA J 139 -14.79 11.45 -15.76
N ASN J 140 -15.90 11.77 -15.10
CA ASN J 140 -16.33 10.96 -13.94
C ASN J 140 -17.80 11.11 -13.71
N PHE K 1 -65.79 68.49 11.92
CA PHE K 1 -64.85 67.60 11.26
C PHE K 1 -63.71 67.16 12.16
N THR K 2 -63.45 67.95 13.19
CA THR K 2 -62.34 67.69 14.09
C THR K 2 -62.50 66.38 14.84
N LEU K 3 -63.74 65.93 15.02
CA LEU K 3 -63.99 64.71 15.76
C LEU K 3 -63.42 63.47 15.08
N ILE K 4 -63.24 63.52 13.76
CA ILE K 4 -62.79 62.28 13.15
C ILE K 4 -61.45 61.77 13.57
N GLU K 5 -60.51 62.64 13.90
CA GLU K 5 -59.25 62.05 14.31
C GLU K 5 -59.44 61.32 15.64
N LEU K 6 -60.35 61.80 16.49
CA LEU K 6 -60.56 61.02 17.68
C LEU K 6 -61.16 59.68 17.31
N MET K 7 -62.02 59.66 16.28
CA MET K 7 -62.57 58.38 15.90
C MET K 7 -61.56 57.40 15.32
N VAL K 8 -60.56 57.94 14.63
CA VAL K 8 -59.57 57.02 14.08
C VAL K 8 -58.88 56.42 15.28
N VAL K 9 -58.76 57.18 16.39
CA VAL K 9 -58.20 56.50 17.55
C VAL K 9 -59.14 55.43 18.05
N ILE K 10 -60.44 55.63 17.86
CA ILE K 10 -61.38 54.62 18.34
C ILE K 10 -61.18 53.33 17.59
N GLY K 11 -60.68 53.41 16.36
CA GLY K 11 -60.49 52.19 15.60
C GLY K 11 -59.16 52.05 14.89
N ILE K 12 -58.84 53.00 14.02
CA ILE K 12 -57.63 52.85 13.24
C ILE K 12 -56.35 52.82 14.01
N ILE K 13 -56.28 53.55 15.12
CA ILE K 13 -55.03 53.51 15.85
C ILE K 13 -54.84 52.12 16.43
N ALA K 14 -55.94 51.40 16.66
CA ALA K 14 -55.83 50.05 17.16
C ALA K 14 -55.67 49.12 15.96
N ILE K 15 -54.55 49.29 15.26
CA ILE K 15 -54.28 48.41 14.12
C ILE K 15 -54.08 47.02 14.68
N LEU K 16 -53.59 46.95 15.92
CA LEU K 16 -53.30 45.72 16.61
C LEU K 16 -52.37 44.87 15.78
N SER K 17 -51.51 45.50 14.99
CA SER K 17 -50.56 44.71 14.21
C SER K 17 -49.65 44.03 15.21
N ALA K 18 -49.33 42.77 14.96
CA ALA K 18 -48.37 42.12 15.81
C ALA K 18 -47.85 40.89 15.12
N ILE K 19 -46.63 40.53 15.43
CA ILE K 19 -46.11 39.26 14.98
C ILE K 19 -46.97 38.29 15.76
N GLY K 20 -47.33 37.15 15.17
CA GLY K 20 -48.08 36.23 16.01
C GLY K 20 -47.04 35.72 16.99
N ILE K 21 -47.09 36.16 18.25
CA ILE K 21 -46.09 35.72 19.22
C ILE K 21 -45.96 34.21 19.40
N PRO K 22 -47.05 33.42 19.57
CA PRO K 22 -46.76 31.99 19.69
C PRO K 22 -46.04 31.44 18.48
N ALA K 23 -46.32 31.98 17.29
CA ALA K 23 -45.57 31.52 16.13
C ALA K 23 -44.12 31.90 16.26
N TYR K 24 -43.86 33.02 16.93
CA TYR K 24 -42.51 33.47 17.07
C TYR K 24 -41.65 32.57 17.92
N GLN K 25 -42.23 32.07 19.00
CA GLN K 25 -41.48 31.14 19.80
C GLN K 25 -41.32 29.88 19.01
N ASN K 26 -42.27 29.58 18.11
CA ASN K 26 -42.09 28.37 17.33
C ASN K 26 -40.91 28.49 16.46
N TYR K 27 -40.64 29.69 15.98
CA TYR K 27 -39.49 29.70 15.13
C TYR K 27 -38.16 29.70 15.84
N LEU K 28 -37.98 30.61 16.83
CA LEU K 28 -36.68 30.54 17.46
C LEU K 28 -36.45 29.27 18.24
N ARG K 29 -37.52 28.76 18.85
CA ARG K 29 -37.37 27.52 19.57
C ARG K 29 -37.07 26.39 18.63
N LYS K 30 -37.62 26.46 17.42
CA LYS K 30 -37.30 25.41 16.50
C LYS K 30 -35.84 25.52 16.22
N ALA K 31 -35.33 26.74 16.23
CA ALA K 31 -33.92 26.86 16.06
C ALA K 31 -33.18 26.24 17.20
N ALA K 32 -33.76 26.27 18.40
CA ALA K 32 -33.09 25.60 19.48
C ALA K 32 -33.06 24.11 19.22
N LEU K 33 -34.07 23.60 18.51
CA LEU K 33 -34.04 22.18 18.21
C LEU K 33 -32.96 21.94 17.20
N THR K 34 -32.93 22.76 16.18
CA THR K 34 -31.94 22.54 15.17
C THR K 34 -30.53 22.74 15.68
N ASP K 35 -30.37 23.69 16.60
CA ASP K 35 -29.05 23.89 17.17
C ASP K 35 -28.77 22.63 17.96
N MET K 36 -29.82 22.02 18.51
CA MET K 36 -29.55 20.79 19.21
C MET K 36 -29.10 19.74 18.25
N LEU K 37 -29.57 19.78 17.00
CA LEU K 37 -29.09 18.77 16.10
C LEU K 37 -27.62 19.04 15.92
N GLN K 38 -27.23 20.31 15.96
CA GLN K 38 -25.82 20.57 15.85
C GLN K 38 -25.08 20.02 17.05
N THR K 39 -25.74 20.05 18.22
CA THR K 39 -25.08 19.47 19.37
C THR K 39 -24.97 17.98 19.16
N PHE K 40 -25.93 17.40 18.43
CA PHE K 40 -25.88 15.97 18.16
C PHE K 40 -24.73 15.58 17.27
N VAL K 41 -24.33 16.49 16.41
CA VAL K 41 -23.29 16.16 15.45
C VAL K 41 -21.95 15.68 15.97
N PRO K 42 -21.31 16.35 16.93
CA PRO K 42 -20.05 15.79 17.44
C PRO K 42 -20.26 14.43 18.00
N TYR K 43 -21.44 14.22 18.58
CA TYR K 43 -21.72 12.89 19.06
C TYR K 43 -21.84 11.95 17.90
N ARG K 44 -22.30 12.42 16.74
CA ARG K 44 -22.35 11.47 15.64
C ARG K 44 -20.96 11.04 15.30
N THR K 45 -20.00 11.95 15.44
CA THR K 45 -18.67 11.50 15.07
C THR K 45 -18.02 10.58 16.09
N ALA K 46 -18.12 10.94 17.37
CA ALA K 46 -17.50 10.05 18.33
C ALA K 46 -18.18 8.71 18.36
N VAL K 47 -19.50 8.69 18.11
CA VAL K 47 -20.14 7.38 18.06
C VAL K 47 -19.61 6.66 16.86
N GLU K 48 -19.23 7.38 15.77
CA GLU K 48 -18.69 6.62 14.67
C GLU K 48 -17.38 6.01 15.11
N LEU K 49 -16.63 6.67 16.01
CA LEU K 49 -15.45 5.99 16.49
C LEU K 49 -15.82 4.77 17.32
N CYS K 50 -16.97 4.83 18.00
CA CYS K 50 -17.33 3.65 18.75
C CYS K 50 -17.58 2.51 17.78
N ALA K 51 -18.14 2.87 16.62
CA ALA K 51 -18.35 1.94 15.53
C ALA K 51 -17.03 1.48 14.97
N LEU K 52 -16.07 2.38 15.07
CA LEU K 52 -14.75 2.18 14.53
C LEU K 52 -13.93 1.09 15.12
N GLU K 53 -14.14 0.78 16.38
CA GLU K 53 -13.26 -0.24 16.94
C GLU K 53 -13.82 -0.91 18.17
N HIS K 54 -14.59 -0.21 18.96
CA HIS K 54 -15.03 -0.80 20.20
C HIS K 54 -15.90 -2.04 20.05
N GLY K 55 -16.64 -2.17 18.96
CA GLY K 55 -17.44 -3.35 18.71
C GLY K 55 -18.81 -3.39 19.34
N GLY K 56 -19.21 -2.34 20.05
CA GLY K 56 -20.54 -2.34 20.62
C GLY K 56 -20.86 -0.98 21.20
N LEU K 57 -22.13 -0.80 21.50
CA LEU K 57 -22.64 0.46 22.01
C LEU K 57 -22.25 1.02 23.38
N ASP K 58 -21.86 0.19 24.37
CA ASP K 58 -21.59 0.82 25.68
C ASP K 58 -20.45 1.79 25.60
N THR K 59 -19.54 1.50 24.70
CA THR K 59 -18.43 2.34 24.38
C THR K 59 -18.94 3.63 23.72
N CYS K 60 -20.12 3.54 23.07
CA CYS K 60 -20.80 4.64 22.40
C CYS K 60 -21.50 5.59 23.37
N ASP K 61 -21.64 5.19 24.61
CA ASP K 61 -22.32 6.05 25.59
C ASP K 61 -21.52 7.32 25.75
N GLY K 62 -22.21 8.44 25.93
CA GLY K 62 -21.53 9.69 26.03
C GLY K 62 -20.77 9.82 27.32
N GLY K 63 -19.78 10.71 27.31
CA GLY K 63 -18.96 10.85 28.48
C GLY K 63 -17.87 9.81 28.59
N SER K 64 -17.64 9.01 27.55
CA SER K 64 -16.64 7.94 27.61
C SER K 64 -15.98 7.62 26.29
N ASN K 65 -14.78 7.05 26.39
CA ASN K 65 -13.92 6.73 25.26
C ASN K 65 -13.71 8.00 24.44
N GLY K 66 -13.61 9.12 25.15
CA GLY K 66 -13.41 10.42 24.58
C GLY K 66 -14.67 11.09 24.09
N ILE K 67 -15.84 10.48 24.26
CA ILE K 67 -17.05 11.15 23.78
C ILE K 67 -17.33 12.37 24.67
N PRO K 68 -17.79 13.49 24.10
CA PRO K 68 -18.12 14.65 24.95
C PRO K 68 -19.25 14.36 25.92
N SER K 69 -19.20 14.93 27.10
CA SER K 69 -20.32 14.79 28.01
C SER K 69 -21.49 15.62 27.44
N PRO K 70 -22.74 15.15 27.55
CA PRO K 70 -23.86 15.96 27.03
C PRO K 70 -24.02 17.30 27.75
N THR K 71 -24.41 18.34 27.00
CA THR K 71 -24.62 19.64 27.64
C THR K 71 -25.57 20.61 26.92
N THR K 72 -26.27 21.41 27.72
CA THR K 72 -27.23 22.41 27.21
C THR K 72 -26.88 23.65 26.41
N THR K 73 -27.73 23.94 25.41
CA THR K 73 -27.73 25.21 24.72
C THR K 73 -28.25 25.88 25.99
N ARG K 74 -27.84 27.09 26.26
CA ARG K 74 -28.21 27.64 27.56
C ARG K 74 -29.69 27.80 27.89
N TYR K 75 -30.53 28.03 26.91
CA TYR K 75 -31.94 28.13 27.23
C TYR K 75 -32.53 26.82 27.74
N VAL K 76 -31.97 25.70 27.30
CA VAL K 76 -32.53 24.41 27.66
C VAL K 76 -32.46 24.12 29.15
N SER K 77 -33.57 23.62 29.71
CA SER K 77 -33.53 23.15 31.08
C SER K 77 -32.69 21.90 31.41
N ALA K 78 -32.56 20.95 30.46
CA ALA K 78 -31.83 19.71 30.74
C ALA K 78 -31.50 18.87 29.50
N MET K 79 -30.54 17.94 29.69
CA MET K 79 -30.22 16.89 28.71
C MET K 79 -29.48 15.69 29.22
N SER K 80 -29.55 14.62 28.42
CA SER K 80 -28.89 13.37 28.75
C SER K 80 -28.60 12.59 27.50
N VAL K 81 -27.60 11.72 27.59
CA VAL K 81 -27.21 10.90 26.45
C VAL K 81 -26.61 9.59 26.93
N ALA K 82 -26.91 8.53 26.20
CA ALA K 82 -26.33 7.22 26.41
C ALA K 82 -26.57 6.49 25.10
N LYS K 83 -25.61 5.65 24.73
CA LYS K 83 -25.63 4.88 23.50
C LYS K 83 -25.86 5.83 22.33
N GLY K 84 -25.48 7.09 22.46
CA GLY K 84 -25.67 8.08 21.42
C GLY K 84 -27.06 8.70 21.42
N VAL K 85 -27.93 8.31 22.35
CA VAL K 85 -29.29 8.81 22.47
C VAL K 85 -29.32 10.28 22.88
N VAL K 86 -30.28 11.05 22.37
CA VAL K 86 -30.37 12.43 22.79
C VAL K 86 -31.77 12.72 23.27
N SER K 87 -32.10 12.14 24.40
CA SER K 87 -33.41 12.31 24.98
C SER K 87 -33.32 13.63 25.73
N LEU K 88 -33.63 14.70 25.01
CA LEU K 88 -33.51 16.04 25.56
C LEU K 88 -34.69 16.43 26.44
N THR K 89 -34.73 15.80 27.60
CA THR K 89 -35.74 16.10 28.60
C THR K 89 -35.46 17.53 29.02
N GLY K 90 -36.51 18.30 29.29
CA GLY K 90 -36.21 19.65 29.71
C GLY K 90 -35.85 20.59 28.59
N GLN K 91 -36.08 20.22 27.34
CA GLN K 91 -35.69 21.13 26.29
C GLN K 91 -36.45 22.45 26.43
N GLU K 92 -35.71 23.57 26.20
CA GLU K 92 -36.17 24.97 26.17
C GLU K 92 -37.36 25.15 27.12
N SER K 93 -38.44 25.73 26.58
CA SER K 93 -39.78 25.83 27.06
C SER K 93 -40.44 24.50 26.67
N LEU K 94 -39.72 23.64 25.92
CA LEU K 94 -40.21 22.38 25.35
C LEU K 94 -40.26 21.26 26.38
N ASN K 95 -41.25 21.36 27.25
CA ASN K 95 -41.40 20.33 28.26
C ASN K 95 -41.74 19.00 27.60
N GLY K 96 -41.16 17.94 28.13
CA GLY K 96 -41.43 16.58 27.70
C GLY K 96 -40.65 16.15 26.48
N LEU K 97 -39.79 16.99 25.92
CA LEU K 97 -39.04 16.59 24.75
C LEU K 97 -38.09 15.46 25.07
N SER K 98 -37.94 14.55 24.12
CA SER K 98 -36.92 13.53 24.25
C SER K 98 -36.72 12.86 22.90
N VAL K 99 -35.65 13.24 22.21
CA VAL K 99 -35.38 12.65 20.91
C VAL K 99 -34.67 11.36 21.26
N VAL K 100 -35.42 10.28 21.28
CA VAL K 100 -34.85 9.01 21.68
C VAL K 100 -34.16 8.53 20.44
N MET K 101 -32.95 9.04 20.28
CA MET K 101 -32.11 8.78 19.16
C MET K 101 -31.38 7.46 19.38
N THR K 102 -32.13 6.39 19.30
CA THR K 102 -31.51 5.11 19.53
C THR K 102 -30.55 4.83 18.39
N PRO K 103 -29.32 4.40 18.68
CA PRO K 103 -28.40 4.09 17.59
C PRO K 103 -28.88 2.93 16.74
N GLY K 104 -28.60 3.01 15.46
CA GLY K 104 -28.96 1.92 14.61
C GLY K 104 -27.95 0.80 14.57
N TRP K 105 -26.82 0.93 15.27
CA TRP K 105 -25.71 -0.02 15.20
C TRP K 105 -25.81 -1.48 15.62
N ASP K 106 -25.14 -2.33 14.83
CA ASP K 106 -24.82 -3.75 14.93
C ASP K 106 -23.96 -3.97 13.69
N ASN K 107 -22.64 -4.01 13.82
CA ASN K 107 -21.87 -4.10 12.59
C ASN K 107 -21.99 -5.28 11.64
N ALA K 108 -22.26 -6.50 12.15
CA ALA K 108 -22.38 -7.58 11.16
C ALA K 108 -23.56 -7.35 10.23
N ASN K 109 -24.61 -6.74 10.77
CA ASN K 109 -25.78 -6.33 9.99
C ASN K 109 -25.55 -5.22 8.98
N GLY K 110 -24.57 -4.36 9.26
CA GLY K 110 -24.27 -3.18 8.49
C GLY K 110 -25.12 -1.98 8.87
N VAL K 111 -26.00 -2.15 9.85
CA VAL K 111 -26.88 -1.13 10.36
C VAL K 111 -26.11 0.01 11.02
N THR K 112 -26.58 1.24 10.86
CA THR K 112 -25.88 2.39 11.41
C THR K 112 -26.71 3.59 11.84
N GLY K 113 -27.63 4.02 10.99
CA GLY K 113 -28.34 5.25 11.27
C GLY K 113 -29.15 5.22 12.55
N TRP K 114 -28.99 6.33 13.27
CA TRP K 114 -29.67 6.54 14.53
C TRP K 114 -31.18 6.62 14.33
N ALA K 115 -31.91 6.08 15.28
CA ALA K 115 -33.38 6.07 15.26
C ALA K 115 -33.99 7.30 15.92
N ARG K 116 -34.33 8.32 15.14
CA ARG K 116 -34.98 9.50 15.70
C ARG K 116 -36.33 9.20 16.28
N ASN K 117 -36.66 9.92 17.33
CA ASN K 117 -37.98 9.76 17.93
C ASN K 117 -38.51 11.08 18.47
N CYS K 118 -39.43 11.71 17.73
CA CYS K 118 -39.99 12.94 18.23
C CYS K 118 -40.72 12.60 19.51
N ASN K 119 -40.66 13.49 20.48
CA ASN K 119 -41.33 13.23 21.72
C ASN K 119 -41.66 14.53 22.40
N ILE K 120 -42.09 15.54 21.63
CA ILE K 120 -42.39 16.80 22.28
C ILE K 120 -43.79 16.74 22.86
N GLN K 121 -43.87 16.21 24.06
CA GLN K 121 -45.15 16.05 24.70
C GLN K 121 -45.89 17.33 25.05
N SER K 122 -45.20 18.45 25.27
CA SER K 122 -45.94 19.64 25.68
C SER K 122 -46.96 20.27 24.71
N ASP K 123 -46.75 20.18 23.38
CA ASP K 123 -47.75 20.67 22.42
C ASP K 123 -47.55 20.04 21.05
N SER K 124 -48.65 19.78 20.34
CA SER K 124 -48.50 19.25 18.98
C SER K 124 -47.86 20.17 17.95
N ALA K 125 -48.05 21.49 18.08
CA ALA K 125 -47.39 22.36 17.10
C ALA K 125 -45.90 22.25 17.26
N LEU K 126 -45.46 21.99 18.49
CA LEU K 126 -44.06 21.79 18.69
C LEU K 126 -43.66 20.54 17.95
N GLN K 127 -44.57 19.57 17.87
CA GLN K 127 -44.22 18.40 17.13
C GLN K 127 -44.09 18.76 15.68
N GLN K 128 -44.84 19.80 15.21
CA GLN K 128 -44.61 20.13 13.83
C GLN K 128 -43.18 20.63 13.75
N ALA K 129 -42.70 21.31 14.80
CA ALA K 129 -41.31 21.67 14.71
C ALA K 129 -40.37 20.48 14.75
N CYS K 130 -40.71 19.40 15.50
CA CYS K 130 -39.76 18.29 15.46
C CYS K 130 -39.71 17.59 14.13
N GLU K 131 -40.87 17.48 13.48
CA GLU K 131 -40.85 16.80 12.18
C GLU K 131 -40.07 17.69 11.26
N ASP K 132 -40.10 18.98 11.52
CA ASP K 132 -39.35 19.89 10.69
C ASP K 132 -37.86 19.95 11.07
N VAL K 133 -37.43 19.34 12.20
CA VAL K 133 -36.01 19.27 12.61
C VAL K 133 -35.65 17.81 12.81
N PHE K 134 -35.86 17.28 14.01
CA PHE K 134 -35.55 15.90 14.35
C PHE K 134 -36.78 15.14 13.91
N ARG K 135 -36.76 14.64 12.69
CA ARG K 135 -37.92 13.96 12.18
C ARG K 135 -38.15 12.74 13.03
N PHE K 136 -39.40 12.41 13.28
CA PHE K 136 -39.71 11.26 14.10
C PHE K 136 -39.17 10.01 13.41
N ASP K 137 -39.03 10.05 12.09
CA ASP K 137 -38.53 8.92 11.33
C ASP K 137 -37.10 8.55 11.72
N ASP K 138 -36.84 7.26 11.73
CA ASP K 138 -35.64 6.59 12.24
C ASP K 138 -34.35 6.50 11.44
N ALA K 139 -34.31 6.94 10.17
CA ALA K 139 -33.07 6.75 9.40
C ALA K 139 -31.86 7.46 10.03
N ASN K 140 -32.04 8.56 10.75
CA ASN K 140 -30.88 9.18 11.45
C ASN K 140 -31.37 10.02 12.59
N PHE L 1 -70.53 77.64 20.93
CA PHE L 1 -70.02 76.30 20.68
C PHE L 1 -68.76 76.30 19.83
N THR L 2 -68.55 77.39 19.09
CA THR L 2 -67.40 77.48 18.20
C THR L 2 -66.08 77.45 18.95
N LEU L 3 -66.08 77.88 20.21
CA LEU L 3 -64.86 77.92 20.99
C LEU L 3 -64.25 76.55 21.22
N ILE L 4 -65.07 75.49 21.19
CA ILE L 4 -64.45 74.22 21.52
C ILE L 4 -63.36 73.75 20.61
N GLU L 5 -63.43 74.04 19.32
CA GLU L 5 -62.34 73.55 18.52
C GLU L 5 -61.05 74.27 18.92
N LEU L 6 -61.15 75.53 19.36
CA LEU L 6 -59.92 76.12 19.81
C LEU L 6 -59.44 75.41 21.06
N MET L 7 -60.39 74.96 21.90
CA MET L 7 -59.94 74.25 23.08
C MET L 7 -59.30 72.91 22.80
N VAL L 8 -59.75 72.24 21.73
CA VAL L 8 -59.14 70.96 21.45
C VAL L 8 -57.72 71.29 21.05
N VAL L 9 -57.48 72.46 20.44
CA VAL L 9 -56.08 72.77 20.20
C VAL L 9 -55.36 73.00 21.50
N ILE L 10 -56.06 73.48 22.52
CA ILE L 10 -55.39 73.72 23.78
C ILE L 10 -54.91 72.42 24.37
N GLY L 11 -55.58 71.32 24.04
CA GLY L 11 -55.18 70.05 24.59
C GLY L 11 -55.07 68.90 23.63
N ILE L 12 -56.16 68.58 22.94
CA ILE L 12 -56.14 67.42 22.08
C ILE L 12 -55.18 67.47 20.92
N ILE L 13 -54.95 68.65 20.38
CA ILE L 13 -54.02 68.69 19.26
C ILE L 13 -52.64 68.35 19.77
N ALA L 14 -52.37 68.62 21.04
CA ALA L 14 -51.08 68.25 21.61
C ALA L 14 -51.16 66.81 22.09
N ILE L 15 -51.35 65.89 21.12
CA ILE L 15 -51.38 64.49 21.48
C ILE L 15 -50.00 64.13 21.98
N LEU L 16 -48.99 64.82 21.47
CA LEU L 16 -47.59 64.62 21.80
C LEU L 16 -47.23 63.17 21.55
N SER L 17 -47.87 62.54 20.57
CA SER L 17 -47.49 61.17 20.26
C SER L 17 -46.08 61.21 19.75
N ALA L 18 -45.27 60.25 20.16
CA ALA L 18 -43.94 60.19 19.59
C ALA L 18 -43.36 58.82 19.87
N ILE L 19 -42.49 58.38 19.00
CA ILE L 19 -41.72 57.18 19.27
C ILE L 19 -40.85 57.63 20.43
N GLY L 20 -40.58 56.77 21.39
CA GLY L 20 -39.66 57.25 22.41
C GLY L 20 -38.34 57.30 21.69
N ILE L 21 -37.84 58.50 21.38
CA ILE L 21 -36.58 58.62 20.66
C ILE L 21 -35.37 57.94 21.32
N PRO L 22 -35.11 58.11 22.63
CA PRO L 22 -33.95 57.36 23.14
C PRO L 22 -34.10 55.87 22.94
N ALA L 23 -35.33 55.35 23.02
CA ALA L 23 -35.49 53.94 22.75
C ALA L 23 -35.17 53.63 21.30
N TYR L 24 -35.42 54.60 20.44
CA TYR L 24 -35.17 54.39 19.03
C TYR L 24 -33.72 54.22 18.69
N GLN L 25 -32.88 55.03 19.34
CA GLN L 25 -31.47 54.87 19.11
C GLN L 25 -31.05 53.56 19.70
N ASN L 26 -31.75 53.11 20.77
CA ASN L 26 -31.36 51.85 21.33
C ASN L 26 -31.60 50.75 20.36
N TYR L 27 -32.63 50.89 19.55
CA TYR L 27 -32.78 49.78 18.67
C TYR L 27 -31.88 49.79 17.47
N LEU L 28 -31.81 50.91 16.74
CA LEU L 28 -30.90 50.83 15.60
C LEU L 28 -29.45 50.69 15.99
N ARG L 29 -29.08 51.32 17.10
CA ARG L 29 -27.72 51.19 17.55
C ARG L 29 -27.44 49.79 17.99
N LYS L 30 -28.46 49.11 18.53
CA LYS L 30 -28.21 47.75 18.91
C LYS L 30 -27.95 47.00 17.64
N ALA L 31 -28.62 47.43 16.58
CA ALA L 31 -28.32 46.78 15.34
C ALA L 31 -26.91 47.04 14.92
N ALA L 32 -26.37 48.20 15.27
CA ALA L 32 -24.98 48.41 14.93
C ALA L 32 -24.11 47.44 15.72
N LEU L 33 -24.57 47.05 16.92
CA LEU L 33 -23.78 46.10 17.67
C LEU L 33 -23.88 44.77 16.99
N THR L 34 -25.09 44.39 16.64
CA THR L 34 -25.24 43.12 16.03
C THR L 34 -24.57 43.03 14.68
N ASP L 35 -24.57 44.14 13.94
CA ASP L 35 -23.89 44.14 12.67
C ASP L 35 -22.43 43.99 13.00
N MET L 36 -22.02 44.53 14.16
CA MET L 36 -20.64 44.34 14.49
C MET L 36 -20.37 42.89 14.76
N LEU L 37 -21.36 42.15 15.29
CA LEU L 37 -21.08 40.75 15.49
C LEU L 37 -20.87 40.15 14.14
N GLN L 38 -21.59 40.67 13.13
CA GLN L 38 -21.34 40.14 11.81
C GLN L 38 -19.95 40.48 11.35
N THR L 39 -19.43 41.65 11.77
CA THR L 39 -18.08 41.96 11.39
C THR L 39 -17.15 41.00 12.10
N PHE L 40 -17.54 40.55 13.29
CA PHE L 40 -16.73 39.60 14.03
C PHE L 40 -16.64 38.26 13.35
N VAL L 41 -17.68 37.90 12.63
CA VAL L 41 -17.70 36.57 12.03
C VAL L 41 -16.58 36.18 11.08
N PRO L 42 -16.20 36.99 10.09
CA PRO L 42 -15.06 36.59 9.27
C PRO L 42 -13.83 36.41 10.10
N TYR L 43 -13.72 37.23 11.15
CA TYR L 43 -12.60 37.04 12.03
C TYR L 43 -12.74 35.72 12.74
N ARG L 44 -13.98 35.26 13.01
CA ARG L 44 -14.03 33.97 13.66
C ARG L 44 -13.48 32.93 12.74
N THR L 45 -13.69 33.10 11.43
CA THR L 45 -13.15 32.05 10.58
C THR L 45 -11.64 32.10 10.42
N ALA L 46 -11.10 33.30 10.19
CA ALA L 46 -9.66 33.33 10.02
C ALA L 46 -8.96 32.94 11.30
N VAL L 47 -9.56 33.29 12.45
CA VAL L 47 -8.92 32.85 13.68
C VAL L 47 -9.01 31.35 13.73
N GLU L 48 -10.08 30.74 13.15
CA GLU L 48 -10.07 29.29 13.20
C GLU L 48 -8.91 28.78 12.38
N LEU L 49 -8.53 29.49 11.31
CA LEU L 49 -7.35 29.04 10.61
C LEU L 49 -6.11 29.20 11.47
N CYS L 50 -6.11 30.22 12.35
CA CYS L 50 -4.94 30.35 13.19
C CYS L 50 -4.87 29.14 14.10
N ALA L 51 -6.06 28.66 14.51
CA ALA L 51 -6.18 27.44 15.28
C ALA L 51 -5.78 26.25 14.47
N LEU L 52 -6.00 26.38 13.17
CA LEU L 52 -5.76 25.34 12.22
C LEU L 52 -4.34 24.90 12.03
N GLU L 53 -3.40 25.79 12.24
CA GLU L 53 -2.04 25.34 11.98
C GLU L 53 -0.97 26.16 12.66
N HIS L 54 -1.23 27.44 12.87
CA HIS L 54 -0.18 28.26 13.42
C HIS L 54 0.29 27.87 14.82
N GLY L 55 -0.58 27.28 15.63
CA GLY L 55 -0.21 26.82 16.95
C GLY L 55 -0.26 27.84 18.06
N GLY L 56 -0.64 29.07 17.78
CA GLY L 56 -0.74 30.06 18.83
C GLY L 56 -1.42 31.30 18.33
N LEU L 57 -1.79 32.13 19.29
CA LEU L 57 -2.50 33.37 18.99
C LEU L 57 -1.87 34.54 18.24
N ASP L 58 -0.55 34.73 18.23
CA ASP L 58 -0.03 35.92 17.54
C ASP L 58 -0.36 35.88 16.07
N THR L 59 -0.43 34.69 15.55
CA THR L 59 -0.83 34.41 14.20
C THR L 59 -2.30 34.78 14.04
N CYS L 60 -3.07 34.71 15.15
CA CYS L 60 -4.49 35.04 15.21
C CYS L 60 -4.76 36.53 15.21
N ASP L 61 -3.74 37.34 15.41
CA ASP L 61 -3.94 38.78 15.43
C ASP L 61 -4.42 39.23 14.07
N GLY L 62 -5.32 40.22 14.06
CA GLY L 62 -5.88 40.64 12.80
C GLY L 62 -4.87 41.38 11.97
N GLY L 63 -5.15 41.42 10.67
CA GLY L 63 -4.21 42.05 9.78
C GLY L 63 -3.05 41.17 9.39
N SER L 64 -3.09 39.87 9.72
CA SER L 64 -1.97 38.97 9.44
C SER L 64 -2.38 37.54 9.17
N ASN L 65 -1.50 36.84 8.44
CA ASN L 65 -1.72 35.46 8.01
C ASN L 65 -3.03 35.40 7.25
N GLY L 66 -3.32 36.47 6.51
CA GLY L 66 -4.50 36.59 5.71
C GLY L 66 -5.72 37.09 6.47
N ILE L 67 -5.60 37.38 7.76
CA ILE L 67 -6.77 37.85 8.49
C ILE L 67 -7.14 39.25 8.00
N PRO L 68 -8.43 39.58 7.86
CA PRO L 68 -8.80 40.94 7.45
C PRO L 68 -8.36 41.99 8.45
N SER L 69 -7.98 43.16 7.98
CA SER L 69 -7.69 44.23 8.91
C SER L 69 -9.03 44.69 9.53
N PRO L 70 -9.07 45.05 10.81
CA PRO L 70 -10.34 45.52 11.39
C PRO L 70 -10.85 46.81 10.74
N THR L 71 -12.19 46.93 10.62
CA THR L 71 -12.74 48.15 10.05
C THR L 71 -14.19 48.48 10.41
N THR L 72 -14.48 49.78 10.50
CA THR L 72 -15.81 50.28 10.84
C THR L 72 -17.05 50.17 9.98
N THR L 73 -18.20 49.89 10.65
CA THR L 73 -19.50 50.02 10.06
C THR L 73 -19.34 51.53 10.03
N ARG L 74 -19.85 52.18 9.01
CA ARG L 74 -19.52 53.59 8.90
C ARG L 74 -19.93 54.53 10.02
N TYR L 75 -21.02 54.24 10.72
CA TYR L 75 -21.36 55.11 11.84
C TYR L 75 -20.33 55.08 12.96
N VAL L 76 -19.65 53.95 13.12
CA VAL L 76 -18.73 53.81 14.24
C VAL L 76 -17.55 54.76 14.18
N SER L 77 -17.23 55.38 15.31
CA SER L 77 -16.02 56.18 15.37
C SER L 77 -14.67 55.45 15.28
N ALA L 78 -14.57 54.20 15.77
CA ALA L 78 -13.29 53.49 15.78
C ALA L 78 -13.40 51.98 16.06
N MET L 79 -12.31 51.26 15.73
CA MET L 79 -12.10 49.86 16.10
C MET L 79 -10.69 49.34 16.06
N SER L 80 -10.50 48.23 16.75
CA SER L 80 -9.20 47.57 16.82
C SER L 80 -9.37 46.11 17.12
N VAL L 81 -8.38 45.32 16.71
CA VAL L 81 -8.40 43.89 16.94
C VAL L 81 -6.99 43.35 17.06
N ALA L 82 -6.84 42.38 17.95
CA ALA L 82 -5.60 41.64 18.12
C ALA L 82 -6.02 40.37 18.84
N LYS L 83 -5.34 39.28 18.51
CA LYS L 83 -5.60 37.96 19.06
C LYS L 83 -7.10 37.64 18.88
N GLY L 84 -7.74 38.21 17.88
CA GLY L 84 -9.15 38.01 17.63
C GLY L 84 -10.06 38.90 18.48
N VAL L 85 -9.49 39.76 19.34
CA VAL L 85 -10.24 40.66 20.20
C VAL L 85 -10.98 41.72 19.42
N VAL L 86 -12.17 42.10 19.88
CA VAL L 86 -12.89 43.16 19.18
C VAL L 86 -13.26 44.24 20.17
N SER L 87 -12.25 44.95 20.63
CA SER L 87 -12.45 46.02 21.59
C SER L 87 -12.84 47.20 20.75
N LEU L 88 -14.14 47.32 20.52
CA LEU L 88 -14.66 48.37 19.66
C LEU L 88 -14.78 49.72 20.37
N THR L 89 -13.62 50.30 20.60
CA THR L 89 -13.54 51.63 21.19
C THR L 89 -14.16 52.56 20.17
N GLY L 90 -14.88 53.58 20.62
CA GLY L 90 -15.43 54.45 19.62
C GLY L 90 -16.66 53.93 18.94
N GLN L 91 -17.28 52.89 19.47
CA GLN L 91 -18.44 52.39 18.77
C GLN L 91 -19.53 53.46 18.70
N GLU L 92 -20.19 53.56 17.52
CA GLU L 92 -21.32 54.43 17.17
C GLU L 92 -21.26 55.73 17.98
N SER L 93 -22.37 56.05 18.65
CA SER L 93 -22.60 57.02 19.69
C SER L 93 -22.16 56.32 20.97
N LEU L 94 -21.80 55.02 20.89
CA LEU L 94 -21.47 54.15 22.02
C LEU L 94 -20.06 54.38 22.55
N ASN L 95 -19.91 55.50 23.25
CA ASN L 95 -18.61 55.82 23.81
C ASN L 95 -18.23 54.77 24.86
N GLY L 96 -16.97 54.40 24.86
CA GLY L 96 -16.41 53.51 25.85
C GLY L 96 -16.62 52.04 25.56
N LEU L 97 -17.26 51.70 24.44
CA LEU L 97 -17.48 50.29 24.14
C LEU L 97 -16.18 49.57 23.89
N SER L 98 -16.10 48.33 24.34
CA SER L 98 -14.96 47.50 24.00
C SER L 98 -15.30 46.04 24.33
N VAL L 99 -15.64 45.28 23.29
CA VAL L 99 -15.98 43.89 23.50
C VAL L 99 -14.62 43.21 23.54
N VAL L 100 -14.12 42.99 24.74
CA VAL L 100 -12.80 42.43 24.89
C VAL L 100 -13.03 40.95 24.68
N MET L 101 -13.05 40.60 23.41
CA MET L 101 -13.31 39.26 22.95
C MET L 101 -12.01 38.47 23.00
N THR L 102 -11.59 38.17 24.20
CA THR L 102 -10.35 37.45 24.34
C THR L 102 -10.55 36.05 23.78
N PRO L 103 -9.65 35.56 22.94
CA PRO L 103 -9.81 34.20 22.43
C PRO L 103 -9.73 33.16 23.54
N GLY L 104 -10.51 32.10 23.40
CA GLY L 104 -10.43 31.05 24.37
C GLY L 104 -9.34 30.04 24.10
N TRP L 105 -8.59 30.19 23.01
CA TRP L 105 -7.60 29.20 22.57
C TRP L 105 -6.35 28.83 23.37
N ASP L 106 -6.05 27.52 23.32
CA ASP L 106 -4.90 26.74 23.79
C ASP L 106 -5.24 25.35 23.31
N ASN L 107 -4.68 24.88 22.20
CA ASN L 107 -5.15 23.59 21.73
C ASN L 107 -4.97 22.32 22.55
N ALA L 108 -3.91 22.20 23.37
CA ALA L 108 -3.84 20.95 24.13
C ALA L 108 -5.00 20.84 25.10
N ASN L 109 -5.44 21.98 25.63
CA ASN L 109 -6.62 22.08 26.47
C ASN L 109 -7.95 21.78 25.81
N GLY L 110 -8.03 22.03 24.50
CA GLY L 110 -9.23 21.92 23.70
C GLY L 110 -10.10 23.16 23.76
N VAL L 111 -9.66 24.17 24.49
CA VAL L 111 -10.35 25.44 24.64
C VAL L 111 -10.43 26.20 23.33
N THR L 112 -11.54 26.89 23.10
CA THR L 112 -11.74 27.60 21.84
C THR L 112 -12.57 28.88 21.87
N GLY L 113 -13.73 28.83 22.51
CA GLY L 113 -14.63 29.95 22.45
C GLY L 113 -14.07 31.24 23.00
N TRP L 114 -14.33 32.27 22.22
CA TRP L 114 -13.90 33.62 22.54
C TRP L 114 -14.59 34.13 23.80
N ALA L 115 -13.87 34.88 24.62
CA ALA L 115 -14.38 35.44 25.85
C ALA L 115 -15.02 36.82 25.65
N ARG L 116 -16.33 36.87 25.50
CA ARG L 116 -17.00 38.16 25.36
C ARG L 116 -16.90 39.00 26.61
N ASN L 117 -16.83 40.31 26.40
CA ASN L 117 -16.79 41.22 27.53
C ASN L 117 -17.54 42.51 27.24
N CYS L 118 -18.76 42.64 27.76
CA CYS L 118 -19.48 43.88 27.54
C CYS L 118 -18.68 44.97 28.20
N ASN L 119 -18.64 46.13 27.58
CA ASN L 119 -17.90 47.22 28.15
C ASN L 119 -18.48 48.52 27.67
N ILE L 120 -19.81 48.63 27.60
CA ILE L 120 -20.37 49.88 27.12
C ILE L 120 -20.43 50.86 28.27
N GLN L 121 -19.33 51.54 28.49
CA GLN L 121 -19.24 52.47 29.59
C GLN L 121 -20.16 53.68 29.51
N SER L 122 -20.55 54.13 28.31
CA SER L 122 -21.37 55.34 28.28
C SER L 122 -22.76 55.34 28.91
N ASP L 123 -23.48 54.20 28.92
CA ASP L 123 -24.77 54.12 29.61
C ASP L 123 -25.15 52.68 29.92
N SER L 124 -25.81 52.46 31.06
CA SER L 124 -26.27 51.10 31.35
C SER L 124 -27.34 50.52 30.43
N ALA L 125 -28.23 51.35 29.88
CA ALA L 125 -29.22 50.79 28.98
C ALA L 125 -28.53 50.24 27.76
N LEU L 126 -27.41 50.87 27.40
CA LEU L 126 -26.66 50.35 26.30
C LEU L 126 -26.14 49.00 26.68
N GLN L 127 -25.84 48.82 27.97
CA GLN L 127 -25.39 47.51 28.37
C GLN L 127 -26.53 46.54 28.22
N GLN L 128 -27.79 47.01 28.36
CA GLN L 128 -28.82 46.03 28.13
C GLN L 128 -28.72 45.64 26.68
N ALA L 129 -28.35 46.60 25.81
CA ALA L 129 -28.18 46.14 24.45
C ALA L 129 -27.00 45.19 24.27
N CYS L 130 -25.90 45.35 25.04
CA CYS L 130 -24.84 44.38 24.83
C CYS L 130 -25.19 42.99 25.29
N GLU L 131 -25.93 42.90 26.41
CA GLU L 131 -26.29 41.58 26.88
C GLU L 131 -27.22 40.99 25.85
N ASP L 132 -27.95 41.87 25.17
CA ASP L 132 -28.84 41.39 24.15
C ASP L 132 -28.14 41.10 22.80
N VAL L 133 -26.85 41.49 22.66
CA VAL L 133 -26.05 41.18 21.45
C VAL L 133 -24.79 40.43 21.89
N PHE L 134 -23.74 41.18 22.21
CA PHE L 134 -22.47 40.61 22.65
C PHE L 134 -22.65 40.40 24.12
N ARG L 135 -23.07 39.20 24.49
CA ARG L 135 -23.34 38.94 25.89
C ARG L 135 -22.04 39.07 26.63
N PHE L 136 -22.08 39.59 27.84
CA PHE L 136 -20.86 39.77 28.61
C PHE L 136 -20.28 38.39 28.88
N ASP L 137 -21.10 37.35 28.87
CA ASP L 137 -20.63 36.00 29.13
C ASP L 137 -19.64 35.53 28.07
N ASP L 138 -18.65 34.78 28.53
CA ASP L 138 -17.45 34.34 27.82
C ASP L 138 -17.46 33.16 26.85
N ALA L 139 -18.56 32.40 26.71
CA ALA L 139 -18.49 31.22 25.85
C ALA L 139 -18.16 31.55 24.39
N ASN L 140 -18.52 32.73 23.89
CA ASN L 140 -18.11 33.10 22.52
C ASN L 140 -18.11 34.59 22.37
N PHE M 1 -72.28 91.64 18.01
CA PHE M 1 -71.37 90.55 18.34
C PHE M 1 -71.45 89.41 17.34
N THR M 2 -72.58 89.32 16.63
CA THR M 2 -72.80 88.24 15.69
C THR M 2 -71.81 88.24 14.55
N LEU M 3 -71.28 89.41 14.21
CA LEU M 3 -70.36 89.53 13.10
C LEU M 3 -69.06 88.76 13.32
N ILE M 4 -68.68 88.51 14.58
CA ILE M 4 -67.39 87.86 14.72
C ILE M 4 -67.27 86.49 14.13
N GLU M 5 -68.34 85.70 14.13
CA GLU M 5 -68.12 84.40 13.54
C GLU M 5 -67.86 84.55 12.05
N LEU M 6 -68.46 85.57 11.41
CA LEU M 6 -68.11 85.73 10.02
C LEU M 6 -66.65 86.11 9.91
N MET M 7 -66.15 86.90 10.87
CA MET M 7 -64.74 87.23 10.80
C MET M 7 -63.80 86.07 11.00
N VAL M 8 -64.22 85.11 11.82
CA VAL M 8 -63.33 83.99 12.01
C VAL M 8 -63.28 83.28 10.68
N VAL M 9 -64.37 83.32 9.91
CA VAL M 9 -64.23 82.74 8.59
C VAL M 9 -63.26 83.54 7.74
N ILE M 10 -63.18 84.85 8.00
CA ILE M 10 -62.27 85.65 7.20
C ILE M 10 -60.84 85.23 7.47
N GLY M 11 -60.57 84.69 8.64
CA GLY M 11 -59.22 84.27 8.93
C GLY M 11 -59.05 82.92 9.55
N ILE M 12 -59.68 82.68 10.69
CA ILE M 12 -59.46 81.41 11.38
C ILE M 12 -59.90 80.18 10.63
N ILE M 13 -60.96 80.28 9.84
CA ILE M 13 -61.36 79.09 9.14
C ILE M 13 -60.30 78.74 8.13
N ALA M 14 -59.55 79.73 7.65
CA ALA M 14 -58.47 79.45 6.72
C ALA M 14 -57.22 79.09 7.52
N ILE M 15 -57.32 77.97 8.25
CA ILE M 15 -56.16 77.52 9.01
C ILE M 15 -55.08 77.16 8.00
N LEU M 16 -55.51 76.74 6.82
CA LEU M 16 -54.66 76.30 5.73
C LEU M 16 -53.72 75.21 6.23
N SER M 17 -54.17 74.42 7.19
CA SER M 17 -53.32 73.33 7.63
C SER M 17 -53.17 72.38 6.46
N ALA M 18 -51.97 71.87 6.27
CA ALA M 18 -51.80 70.88 5.23
C ALA M 18 -50.50 70.15 5.46
N ILE M 19 -50.45 68.92 5.04
CA ILE M 19 -49.20 68.18 5.03
C ILE M 19 -48.44 68.94 3.96
N GLY M 20 -47.12 69.11 4.12
CA GLY M 20 -46.45 69.75 3.01
C GLY M 20 -46.47 68.70 1.93
N ILE M 21 -47.28 68.90 0.89
CA ILE M 21 -47.37 67.90 -0.17
C ILE M 21 -46.05 67.57 -0.86
N PRO M 22 -45.21 68.54 -1.29
CA PRO M 22 -43.96 68.06 -1.90
C PRO M 22 -43.15 67.20 -0.96
N ALA M 23 -43.20 67.49 0.35
CA ALA M 23 -42.50 66.62 1.28
C ALA M 23 -43.12 65.24 1.28
N TYR M 24 -44.43 65.19 1.04
CA TYR M 24 -45.11 63.92 1.05
C TYR M 24 -44.68 62.98 -0.04
N GLN M 25 -44.49 63.56 -1.24
CA GLN M 25 -44.02 62.72 -2.31
C GLN M 25 -42.60 62.33 -2.00
N ASN M 26 -41.88 63.19 -1.27
CA ASN M 26 -40.52 62.80 -0.95
C ASN M 26 -40.50 61.60 -0.09
N TYR M 27 -41.51 61.47 0.77
CA TYR M 27 -41.39 60.30 1.57
C TYR M 27 -41.85 59.02 0.90
N LEU M 28 -43.05 59.03 0.29
CA LEU M 28 -43.40 57.76 -0.33
C LEU M 28 -42.52 57.40 -1.50
N ARG M 29 -42.09 58.41 -2.24
CA ARG M 29 -41.21 58.13 -3.34
C ARG M 29 -39.89 57.62 -2.86
N LYS M 30 -39.46 58.11 -1.69
CA LYS M 30 -38.21 57.59 -1.19
C LYS M 30 -38.45 56.14 -0.90
N ALA M 31 -39.67 55.82 -0.49
CA ALA M 31 -39.93 54.44 -0.29
C ALA M 31 -39.86 53.68 -1.58
N ALA M 32 -40.20 54.32 -2.69
CA ALA M 32 -40.05 53.62 -3.94
C ALA M 32 -38.59 53.37 -4.21
N LEU M 33 -37.71 54.25 -3.71
CA LEU M 33 -36.30 54.01 -3.91
C LEU M 33 -35.90 52.84 -3.06
N THR M 34 -36.31 52.87 -1.81
CA THR M 34 -35.92 51.81 -0.95
C THR M 34 -36.50 50.47 -1.36
N ASP M 35 -37.72 50.50 -1.90
CA ASP M 35 -38.29 49.26 -2.37
C ASP M 35 -37.45 48.85 -3.54
N MET M 36 -36.90 49.83 -4.26
CA MET M 36 -36.05 49.43 -5.34
C MET M 36 -34.80 48.78 -4.82
N LEU M 37 -34.34 49.19 -3.63
CA LEU M 37 -33.17 48.51 -3.13
C LEU M 37 -33.58 47.09 -2.87
N GLN M 38 -34.85 46.89 -2.47
CA GLN M 38 -35.26 45.52 -2.28
C GLN M 38 -35.27 44.79 -3.60
N THR M 39 -35.59 45.50 -4.69
CA THR M 39 -35.55 44.83 -5.96
C THR M 39 -34.11 44.49 -6.28
N PHE M 40 -33.18 45.31 -5.80
CA PHE M 40 -31.77 45.05 -6.04
C PHE M 40 -31.29 43.81 -5.33
N VAL M 41 -31.90 43.50 -4.21
CA VAL M 41 -31.42 42.37 -3.43
C VAL M 41 -31.36 41.00 -4.08
N PRO M 42 -32.41 40.52 -4.76
CA PRO M 42 -32.25 39.23 -5.43
C PRO M 42 -31.14 39.27 -6.43
N TYR M 43 -30.96 40.44 -7.05
CA TYR M 43 -29.86 40.55 -7.95
C TYR M 43 -28.57 40.46 -7.18
N ARG M 44 -28.54 40.93 -5.93
CA ARG M 44 -27.28 40.78 -5.23
C ARG M 44 -26.98 39.32 -5.05
N THR M 45 -28.01 38.51 -4.88
CA THR M 45 -27.67 37.12 -4.69
C THR M 45 -27.27 36.40 -5.97
N ALA M 46 -28.02 36.62 -7.05
CA ALA M 46 -27.62 35.93 -8.26
C ALA M 46 -26.27 36.41 -8.73
N VAL M 47 -25.97 37.70 -8.51
CA VAL M 47 -24.65 38.15 -8.91
C VAL M 47 -23.64 37.45 -8.03
N GLU M 48 -24.01 37.14 -6.77
CA GLU M 48 -23.01 36.41 -6.00
C GLU M 48 -22.79 35.06 -6.62
N LEU M 49 -23.82 34.47 -7.24
CA LEU M 49 -23.53 33.22 -7.93
C LEU M 49 -22.63 33.47 -9.13
N CYS M 50 -22.74 34.64 -9.74
CA CYS M 50 -21.84 34.88 -10.86
C CYS M 50 -20.42 34.92 -10.34
N ALA M 51 -20.28 35.45 -9.12
CA ALA M 51 -19.01 35.47 -8.43
C ALA M 51 -18.60 34.07 -8.05
N LEU M 52 -19.61 33.24 -7.83
CA LEU M 52 -19.44 31.89 -7.39
C LEU M 52 -18.76 30.95 -8.34
N GLU M 53 -18.87 31.19 -9.62
CA GLU M 53 -18.24 30.20 -10.50
C GLU M 53 -17.95 30.72 -11.89
N HIS M 54 -18.76 31.63 -12.38
CA HIS M 54 -18.56 32.04 -13.74
C HIS M 54 -17.23 32.72 -14.04
N GLY M 55 -16.62 33.38 -13.06
CA GLY M 55 -15.32 33.99 -13.22
C GLY M 55 -15.29 35.37 -13.82
N GLY M 56 -16.44 35.95 -14.15
CA GLY M 56 -16.44 37.30 -14.67
C GLY M 56 -17.85 37.83 -14.73
N LEU M 57 -17.91 39.14 -14.95
CA LEU M 57 -19.19 39.84 -15.00
C LEU M 57 -20.23 39.62 -16.10
N ASP M 58 -19.86 39.17 -17.31
CA ASP M 58 -20.93 39.06 -18.32
C ASP M 58 -21.97 38.06 -17.91
N THR M 59 -21.55 37.08 -17.17
CA THR M 59 -22.38 36.08 -16.58
C THR M 59 -23.27 36.75 -15.53
N CYS M 60 -22.79 37.85 -14.94
CA CYS M 60 -23.49 38.65 -13.92
C CYS M 60 -24.58 39.52 -14.50
N ASP M 61 -24.62 39.68 -15.82
CA ASP M 61 -25.63 40.52 -16.44
C ASP M 61 -26.99 39.92 -16.16
N GLY M 62 -27.98 40.78 -15.93
CA GLY M 62 -29.28 40.28 -15.59
C GLY M 62 -29.96 39.62 -16.77
N GLY M 63 -30.93 38.78 -16.45
CA GLY M 63 -31.59 38.05 -17.51
C GLY M 63 -30.82 36.83 -17.97
N SER M 64 -29.76 36.43 -17.27
CA SER M 64 -28.94 35.30 -17.71
C SER M 64 -28.31 34.52 -16.56
N ASN M 65 -28.00 33.26 -16.86
CA ASN M 65 -27.44 32.30 -15.90
C ASN M 65 -28.37 32.23 -14.71
N GLY M 66 -29.68 32.34 -14.98
CA GLY M 66 -30.71 32.29 -13.99
C GLY M 66 -30.98 33.61 -13.31
N ILE M 67 -30.29 34.68 -13.67
CA ILE M 67 -30.56 35.95 -12.99
C ILE M 67 -31.95 36.44 -13.40
N PRO M 68 -32.73 37.03 -12.48
CA PRO M 68 -34.04 37.57 -12.88
C PRO M 68 -33.92 38.70 -13.89
N SER M 69 -34.87 38.78 -14.80
CA SER M 69 -34.87 39.93 -15.69
C SER M 69 -35.26 41.17 -14.88
N PRO M 70 -34.68 42.35 -15.13
CA PRO M 70 -35.09 43.54 -14.37
C PRO M 70 -36.55 43.92 -14.58
N THR M 71 -37.20 44.43 -13.52
CA THR M 71 -38.59 44.85 -13.67
C THR M 71 -39.11 45.88 -12.66
N THR M 72 -40.01 46.75 -13.12
CA THR M 72 -40.62 47.80 -12.30
C THR M 72 -41.55 47.58 -11.14
N THR M 73 -41.34 48.41 -10.08
CA THR M 73 -42.30 48.56 -9.00
C THR M 73 -43.26 49.23 -9.96
N ARG M 74 -44.55 49.03 -9.80
CA ARG M 74 -45.44 49.53 -10.82
C ARG M 74 -45.47 51.03 -11.08
N TYR M 75 -45.23 51.84 -10.07
CA TYR M 75 -45.20 53.27 -10.34
C TYR M 75 -44.09 53.69 -11.26
N VAL M 76 -42.97 52.96 -11.25
CA VAL M 76 -41.82 53.36 -12.04
C VAL M 76 -42.06 53.32 -13.53
N SER M 77 -41.63 54.37 -14.22
CA SER M 77 -41.65 54.34 -15.67
C SER M 77 -40.74 53.35 -16.41
N ALA M 78 -39.56 53.03 -15.85
CA ALA M 78 -38.60 52.15 -16.54
C ALA M 78 -37.47 51.64 -15.67
N MET M 79 -36.80 50.58 -16.17
CA MET M 79 -35.56 50.05 -15.61
C MET M 79 -34.71 49.18 -16.51
N SER M 80 -33.46 49.05 -16.13
CA SER M 80 -32.51 48.24 -16.86
C SER M 80 -31.39 47.78 -15.96
N VAL M 81 -30.77 46.66 -16.33
CA VAL M 81 -29.68 46.10 -15.56
C VAL M 81 -28.73 45.35 -16.47
N ALA M 82 -27.45 45.45 -16.14
CA ALA M 82 -26.39 44.70 -16.79
C ALA M 82 -25.23 44.76 -15.82
N LYS M 83 -24.47 43.67 -15.76
CA LYS M 83 -23.32 43.51 -14.87
C LYS M 83 -23.78 43.81 -13.44
N GLY M 84 -25.06 43.62 -13.13
CA GLY M 84 -25.59 43.89 -11.82
C GLY M 84 -25.96 45.35 -11.60
N VAL M 85 -25.77 46.21 -12.61
CA VAL M 85 -26.08 47.64 -12.54
C VAL M 85 -27.57 47.90 -12.42
N VAL M 86 -27.95 48.92 -11.68
CA VAL M 86 -29.38 49.23 -11.59
C VAL M 86 -29.59 50.69 -11.94
N SER M 87 -29.40 50.99 -13.20
CA SER M 87 -29.55 52.35 -13.68
C SER M 87 -31.03 52.48 -13.92
N LEU M 88 -31.74 52.90 -12.88
CA LEU M 88 -33.19 53.00 -12.94
C LEU M 88 -33.66 54.28 -13.62
N THR M 89 -33.48 54.29 -14.93
CA THR M 89 -33.95 55.38 -15.77
C THR M 89 -35.45 55.33 -15.67
N GLY M 90 -36.10 56.49 -15.65
CA GLY M 90 -37.53 56.41 -15.58
C GLY M 90 -38.08 56.14 -14.21
N GLN M 91 -37.28 56.25 -13.16
CA GLN M 91 -37.82 55.92 -11.87
C GLN M 91 -38.98 56.87 -11.53
N GLU M 92 -40.05 56.29 -10.94
CA GLU M 92 -41.27 56.94 -10.43
C GLU M 92 -41.59 58.19 -11.25
N SER M 93 -41.77 59.31 -10.55
CA SER M 93 -41.83 60.69 -10.96
C SER M 93 -40.35 61.12 -11.05
N LEU M 94 -39.42 60.25 -10.64
CA LEU M 94 -37.98 60.51 -10.55
C LEU M 94 -37.27 60.46 -11.89
N ASN M 95 -37.50 61.51 -12.67
CA ASN M 95 -36.88 61.57 -13.97
C ASN M 95 -35.37 61.67 -13.81
N GLY M 96 -34.66 60.97 -14.68
CA GLY M 96 -33.21 61.03 -14.75
C GLY M 96 -32.51 60.13 -13.76
N LEU M 97 -33.23 59.38 -12.94
CA LEU M 97 -32.58 58.51 -11.98
C LEU M 97 -31.78 57.42 -12.66
N SER M 98 -30.64 57.09 -12.09
CA SER M 98 -29.89 55.95 -12.57
C SER M 98 -28.84 55.58 -11.53
N VAL M 99 -29.12 54.54 -10.74
CA VAL M 99 -28.18 54.12 -9.74
C VAL M 99 -27.21 53.25 -10.51
N VAL M 100 -26.09 53.84 -10.90
CA VAL M 100 -25.15 53.12 -11.71
C VAL M 100 -24.38 52.30 -10.71
N MET M 101 -24.98 51.16 -10.40
CA MET M 101 -24.48 50.23 -9.44
C MET M 101 -23.45 49.34 -10.09
N THR M 102 -22.32 49.92 -10.39
CA THR M 102 -21.30 49.16 -11.04
C THR M 102 -20.80 48.08 -10.08
N PRO M 103 -20.70 46.83 -10.50
CA PRO M 103 -20.17 45.81 -9.60
C PRO M 103 -18.73 46.09 -9.19
N GLY M 104 -18.42 45.74 -7.96
CA GLY M 104 -17.05 45.89 -7.54
C GLY M 104 -16.15 44.74 -7.88
N TRP M 105 -16.69 43.68 -8.50
CA TRP M 105 -15.95 42.44 -8.77
C TRP M 105 -14.73 42.35 -9.67
N ASP M 106 -13.77 41.52 -9.22
CA ASP M 106 -12.54 41.01 -9.80
C ASP M 106 -12.04 40.06 -8.71
N ASN M 107 -12.25 38.76 -8.85
CA ASN M 107 -11.87 37.92 -7.72
C ASN M 107 -10.43 37.81 -7.26
N ALA M 108 -9.42 37.94 -8.14
CA ALA M 108 -8.07 37.84 -7.59
C ALA M 108 -7.79 38.99 -6.63
N ASN M 109 -8.37 40.15 -6.91
CA ASN M 109 -8.31 41.32 -6.06
C ASN M 109 -9.04 41.19 -4.72
N GLY M 110 -10.09 40.37 -4.69
CA GLY M 110 -10.97 40.20 -3.55
C GLY M 110 -12.07 41.23 -3.50
N VAL M 111 -12.11 42.13 -4.48
CA VAL M 111 -13.11 43.18 -4.59
C VAL M 111 -14.50 42.60 -4.83
N THR M 112 -15.52 43.25 -4.25
CA THR M 112 -16.88 42.73 -4.37
C THR M 112 -18.01 43.76 -4.37
N GLY M 113 -17.98 44.68 -3.41
CA GLY M 113 -19.10 45.57 -3.26
C GLY M 113 -19.39 46.44 -4.46
N TRP M 114 -20.69 46.50 -4.75
CA TRP M 114 -21.21 47.25 -5.86
C TRP M 114 -20.99 48.74 -5.66
N ALA M 115 -20.70 49.45 -6.73
CA ALA M 115 -20.46 50.89 -6.70
C ALA M 115 -21.73 51.71 -6.90
N ARG M 116 -22.35 52.15 -5.81
CA ARG M 116 -23.54 52.97 -5.94
C ARG M 116 -23.25 54.31 -6.57
N ASN M 117 -24.22 54.80 -7.32
CA ASN M 117 -24.07 56.11 -7.93
C ASN M 117 -25.40 56.85 -7.98
N CYS M 118 -25.60 57.81 -7.07
CA CYS M 118 -26.84 58.58 -7.11
C CYS M 118 -26.83 59.31 -8.43
N ASN M 119 -28.00 59.43 -9.02
CA ASN M 119 -28.08 60.13 -10.29
C ASN M 119 -29.47 60.67 -10.47
N ILE M 120 -30.07 61.20 -9.40
CA ILE M 120 -31.42 61.71 -9.57
C ILE M 120 -31.35 63.12 -10.13
N GLN M 121 -31.25 63.18 -11.44
CA GLN M 121 -31.12 64.46 -12.10
C GLN M 121 -32.32 65.40 -11.99
N SER M 122 -33.54 64.88 -11.81
CA SER M 122 -34.67 65.81 -11.78
C SER M 122 -34.76 66.85 -10.65
N ASP M 123 -34.26 66.56 -9.43
CA ASP M 123 -34.24 67.56 -8.36
C ASP M 123 -33.22 67.20 -7.29
N SER M 124 -32.56 68.21 -6.71
CA SER M 124 -31.64 67.91 -5.62
C SER M 124 -32.24 67.36 -4.34
N ALA M 125 -33.49 67.74 -4.00
CA ALA M 125 -34.06 67.17 -2.79
C ALA M 125 -34.22 65.68 -2.98
N LEU M 126 -34.47 65.29 -4.22
CA LEU M 126 -34.57 63.88 -4.48
C LEU M 126 -33.23 63.27 -4.22
N GLN M 127 -32.16 64.02 -4.48
CA GLN M 127 -30.87 63.46 -4.18
C GLN M 127 -30.74 63.31 -2.70
N GLN M 128 -31.43 64.16 -1.91
CA GLN M 128 -31.30 63.92 -0.48
C GLN M 128 -31.94 62.57 -0.24
N ALA M 129 -33.02 62.26 -1.00
CA ALA M 129 -33.53 60.92 -0.79
C ALA M 129 -32.59 59.82 -1.25
N CYS M 130 -31.79 60.04 -2.32
CA CYS M 130 -30.89 58.94 -2.67
C CYS M 130 -29.79 58.73 -1.67
N GLU M 131 -29.28 59.82 -1.08
CA GLU M 131 -28.23 59.64 -0.10
C GLU M 131 -28.85 58.94 1.07
N ASP M 132 -30.13 59.17 1.27
CA ASP M 132 -30.81 58.51 2.35
C ASP M 132 -31.23 57.07 2.02
N VAL M 133 -31.11 56.63 0.74
CA VAL M 133 -31.40 55.24 0.34
C VAL M 133 -30.16 54.67 -0.35
N PHE M 134 -30.06 54.87 -1.66
CA PHE M 134 -28.93 54.40 -2.45
C PHE M 134 -27.89 55.48 -2.30
N ARG M 135 -27.02 55.32 -1.33
CA ARG M 135 -26.03 56.34 -1.08
C ARG M 135 -25.16 56.44 -2.30
N PHE M 136 -24.74 57.63 -2.64
CA PHE M 136 -23.90 57.82 -3.82
C PHE M 136 -22.60 57.08 -3.60
N ASP M 137 -22.20 56.86 -2.34
CA ASP M 137 -20.97 56.18 -2.02
C ASP M 137 -20.99 54.73 -2.52
N ASP M 138 -19.83 54.29 -2.97
CA ASP M 138 -19.56 53.04 -3.69
C ASP M 138 -19.40 51.70 -2.96
N ALA M 139 -19.39 51.65 -1.63
CA ALA M 139 -19.14 50.36 -0.98
C ALA M 139 -20.19 49.30 -1.33
N ASN M 140 -21.44 49.67 -1.61
CA ASN M 140 -22.43 48.66 -2.05
C ASN M 140 -23.52 49.33 -2.84
N PHE N 1 -83.45 97.55 12.54
CA PHE N 1 -82.19 96.85 12.32
C PHE N 1 -82.11 95.53 13.08
N THR N 2 -82.91 95.42 14.14
CA THR N 2 -82.88 94.25 14.99
C THR N 2 -83.30 92.99 14.26
N LEU N 3 -84.10 93.13 13.22
CA LEU N 3 -84.57 91.98 12.48
C LEU N 3 -83.47 91.21 11.78
N ILE N 4 -82.34 91.88 11.47
CA ILE N 4 -81.35 91.12 10.72
C ILE N 4 -80.78 89.90 11.41
N GLU N 5 -80.63 89.93 12.73
CA GLU N 5 -80.07 88.72 13.29
C GLU N 5 -81.06 87.58 13.13
N LEU N 6 -82.36 87.88 13.15
CA LEU N 6 -83.25 86.78 12.89
C LEU N 6 -83.06 86.29 11.46
N MET N 7 -82.79 87.23 10.54
CA MET N 7 -82.58 86.76 9.18
C MET N 7 -81.33 85.93 8.98
N VAL N 8 -80.29 86.21 9.78
CA VAL N 8 -79.10 85.41 9.61
C VAL N 8 -79.49 84.02 10.06
N VAL N 9 -80.41 83.92 11.03
CA VAL N 9 -80.84 82.55 11.34
C VAL N 9 -81.59 81.95 10.18
N ILE N 10 -82.26 82.79 9.39
CA ILE N 10 -82.99 82.23 8.26
C ILE N 10 -82.04 81.63 7.27
N GLY N 11 -80.81 82.12 7.22
CA GLY N 11 -79.87 81.57 6.27
C GLY N 11 -78.50 81.25 6.80
N ILE N 12 -77.81 82.25 7.36
CA ILE N 12 -76.44 82.01 7.79
C ILE N 12 -76.26 80.99 8.86
N ILE N 13 -77.22 80.89 9.77
CA ILE N 13 -77.03 79.91 10.82
C ILE N 13 -77.08 78.52 10.20
N ALA N 14 -77.79 78.37 9.09
CA ALA N 14 -77.83 77.10 8.41
C ALA N 14 -76.63 77.00 7.48
N ILE N 15 -75.43 77.01 8.09
CA ILE N 15 -74.23 76.87 7.28
C ILE N 15 -74.26 75.49 6.67
N LEU N 16 -74.90 74.55 7.36
CA LEU N 16 -75.03 73.16 6.95
C LEU N 16 -73.64 72.59 6.70
N SER N 17 -72.63 73.08 7.43
CA SER N 17 -71.32 72.50 7.25
C SER N 17 -71.40 71.06 7.73
N ALA N 18 -70.77 70.16 7.01
CA ALA N 18 -70.72 68.81 7.49
C ALA N 18 -69.62 68.06 6.76
N ILE N 19 -69.06 67.09 7.41
CA ILE N 19 -68.14 66.19 6.76
C ILE N 19 -69.07 65.47 5.79
N GLY N 20 -68.61 65.13 4.60
CA GLY N 20 -69.54 64.37 3.78
C GLY N 20 -69.56 63.01 4.45
N ILE N 21 -70.65 62.67 5.13
CA ILE N 21 -70.70 61.38 5.82
C ILE N 21 -70.47 60.15 4.95
N PRO N 22 -71.10 60.00 3.78
CA PRO N 22 -70.73 58.79 3.02
C PRO N 22 -69.25 58.71 2.71
N ALA N 23 -68.62 59.86 2.48
CA ALA N 23 -67.18 59.82 2.28
C ALA N 23 -66.47 59.36 3.53
N TYR N 24 -67.06 59.69 4.68
CA TYR N 24 -66.44 59.31 5.93
C TYR N 24 -66.39 57.83 6.17
N GLN N 25 -67.47 57.16 5.81
CA GLN N 25 -67.46 55.73 5.96
C GLN N 25 -66.50 55.18 4.94
N ASN N 26 -66.33 55.88 3.81
CA ASN N 26 -65.39 55.35 2.85
C ASN N 26 -64.01 55.38 3.40
N TYR N 27 -63.73 56.37 4.22
CA TYR N 27 -62.38 56.30 4.68
C TYR N 27 -62.13 55.33 5.81
N LEU N 28 -62.95 55.36 6.87
CA LEU N 28 -62.63 54.38 7.89
C LEU N 28 -62.85 52.96 7.45
N ARG N 29 -63.85 52.75 6.61
CA ARG N 29 -64.08 51.42 6.12
C ARG N 29 -62.95 50.97 5.24
N LYS N 30 -62.36 51.93 4.51
CA LYS N 30 -61.25 51.53 3.70
C LYS N 30 -60.17 51.09 4.63
N ALA N 31 -60.12 51.73 5.79
CA ALA N 31 -59.16 51.26 6.75
C ALA N 31 -59.47 49.87 7.20
N ALA N 32 -60.75 49.52 7.24
CA ALA N 32 -61.04 48.15 7.61
C ALA N 32 -60.53 47.22 6.53
N LEU N 33 -60.49 47.70 5.28
CA LEU N 33 -59.96 46.84 4.24
C LEU N 33 -58.48 46.71 4.44
N THR N 34 -57.84 47.83 4.66
CA THR N 34 -56.42 47.76 4.82
C THR N 34 -56.00 47.00 6.06
N ASP N 35 -56.79 47.10 7.12
CA ASP N 35 -56.47 46.35 8.30
C ASP N 35 -56.68 44.91 7.91
N MET N 36 -57.61 44.65 6.99
CA MET N 36 -57.75 43.28 6.58
C MET N 36 -56.52 42.83 5.84
N LEU N 37 -55.86 43.75 5.13
CA LEU N 37 -54.67 43.29 4.45
C LEU N 37 -53.69 42.92 5.53
N GLN N 38 -53.74 43.63 6.66
CA GLN N 38 -52.85 43.23 7.73
C GLN N 38 -53.23 41.86 8.25
N THR N 39 -54.53 41.55 8.24
CA THR N 39 -54.90 40.22 8.67
C THR N 39 -54.38 39.22 7.66
N PHE N 40 -54.28 39.63 6.40
CA PHE N 40 -53.76 38.74 5.38
C PHE N 40 -52.31 38.43 5.57
N VAL N 41 -51.58 39.36 6.15
CA VAL N 41 -50.15 39.16 6.27
C VAL N 41 -49.64 37.93 7.01
N PRO N 42 -50.13 37.61 8.21
CA PRO N 42 -49.65 36.37 8.83
C PRO N 42 -49.94 35.19 7.96
N TYR N 43 -51.06 35.27 7.24
CA TYR N 43 -51.34 34.18 6.34
C TYR N 43 -50.32 34.19 5.23
N ARG N 44 -49.80 35.36 4.84
CA ARG N 44 -48.81 35.29 3.79
C ARG N 44 -47.61 34.54 4.31
N THR N 45 -47.32 34.68 5.59
CA THR N 45 -46.14 33.95 6.04
C THR N 45 -46.35 32.47 6.19
N ALA N 46 -47.47 32.07 6.80
CA ALA N 46 -47.67 30.64 6.94
C ALA N 46 -47.82 29.99 5.58
N VAL N 47 -48.43 30.69 4.63
CA VAL N 47 -48.52 30.09 3.32
C VAL N 47 -47.13 29.98 2.76
N GLU N 48 -46.22 30.91 3.12
CA GLU N 48 -44.88 30.70 2.59
C GLU N 48 -44.31 29.44 3.18
N LEU N 49 -44.68 29.09 4.42
CA LEU N 49 -44.21 27.82 4.91
C LEU N 49 -44.82 26.68 4.12
N CYS N 50 -46.06 26.87 3.65
CA CYS N 50 -46.62 25.78 2.87
C CYS N 50 -45.81 25.61 1.61
N ALA N 51 -45.32 26.75 1.08
CA ALA N 51 -44.42 26.76 -0.05
C ALA N 51 -43.09 26.15 0.31
N LEU N 52 -42.76 26.29 1.58
CA LEU N 52 -41.51 25.85 2.12
C LEU N 52 -41.26 24.37 2.13
N GLU N 53 -42.30 23.58 2.21
CA GLU N 53 -42.00 22.16 2.29
C GLU N 53 -43.14 21.26 1.89
N HIS N 54 -44.36 21.69 2.14
CA HIS N 54 -45.47 20.80 1.87
C HIS N 54 -45.65 20.38 0.41
N GLY N 55 -45.23 21.22 -0.54
CA GLY N 55 -45.28 20.88 -1.94
C GLY N 55 -46.59 21.14 -2.64
N GLY N 56 -47.59 21.67 -1.96
CA GLY N 56 -48.83 21.98 -2.63
C GLY N 56 -49.73 22.78 -1.72
N LEU N 57 -50.77 23.31 -2.35
CA LEU N 57 -51.71 24.17 -1.64
C LEU N 57 -52.66 23.65 -0.54
N ASP N 58 -53.02 22.37 -0.51
CA ASP N 58 -53.99 21.98 0.54
C ASP N 58 -53.42 22.19 1.92
N THR N 59 -52.13 22.07 2.01
CA THR N 59 -51.37 22.34 3.19
C THR N 59 -51.43 23.83 3.49
N CYS N 60 -51.62 24.65 2.45
CA CYS N 60 -51.73 26.11 2.52
C CYS N 60 -53.09 26.58 3.02
N ASP N 61 -54.07 25.69 3.08
CA ASP N 61 -55.38 26.08 3.55
C ASP N 61 -55.29 26.53 4.99
N GLY N 62 -56.06 27.55 5.35
CA GLY N 62 -55.96 28.08 6.68
C GLY N 62 -56.53 27.13 7.71
N GLY N 63 -56.10 27.32 8.94
CA GLY N 63 -56.54 26.43 9.98
C GLY N 63 -55.76 25.13 10.02
N SER N 64 -54.66 25.02 9.28
CA SER N 64 -53.89 23.77 9.23
C SER N 64 -52.40 23.96 9.01
N ASN N 65 -51.64 22.95 9.44
CA ASN N 65 -50.18 22.94 9.39
C ASN N 65 -49.68 24.19 10.12
N GLY N 66 -50.40 24.56 11.18
CA GLY N 66 -50.08 25.70 11.99
C GLY N 66 -50.61 27.02 11.46
N ILE N 67 -51.32 27.02 10.33
CA ILE N 67 -51.81 28.30 9.83
C ILE N 67 -52.91 28.82 10.77
N PRO N 68 -52.98 30.12 11.04
CA PRO N 68 -54.05 30.65 11.89
C PRO N 68 -55.43 30.43 11.29
N SER N 69 -56.42 30.17 12.11
CA SER N 69 -57.77 30.10 11.58
C SER N 69 -58.19 31.53 11.18
N PRO N 70 -58.94 31.70 10.09
CA PRO N 70 -59.38 33.06 9.73
C PRO N 70 -60.29 33.69 10.77
N THR N 71 -60.17 35.02 10.95
CA THR N 71 -61.04 35.70 11.91
C THR N 71 -61.25 37.19 11.71
N THR N 72 -62.45 37.67 12.05
CA THR N 72 -62.83 39.07 11.93
C THR N 72 -62.25 40.23 12.72
N THR N 73 -62.04 41.36 12.02
CA THR N 73 -61.77 42.64 12.64
C THR N 73 -63.19 42.67 13.17
N ARG N 74 -63.39 43.20 14.36
CA ARG N 74 -64.72 43.06 14.93
C ARG N 74 -65.90 43.66 14.19
N TYR N 75 -65.70 44.74 13.45
CA TYR N 75 -66.83 45.28 12.70
C TYR N 75 -67.32 44.34 11.61
N VAL N 76 -66.43 43.51 11.07
CA VAL N 76 -66.79 42.66 9.96
C VAL N 76 -67.84 41.63 10.31
N SER N 77 -68.84 41.47 9.44
CA SER N 77 -69.78 40.38 9.62
C SER N 77 -69.27 38.93 9.44
N ALA N 78 -68.28 38.71 8.57
CA ALA N 78 -67.80 37.35 8.29
C ALA N 78 -66.48 37.26 7.53
N MET N 79 -65.87 36.07 7.59
CA MET N 79 -64.71 35.70 6.77
C MET N 79 -64.43 34.23 6.60
N SER N 80 -63.64 33.93 5.57
CA SER N 80 -63.25 32.58 5.27
C SER N 80 -61.95 32.55 4.50
N VAL N 81 -61.24 31.43 4.60
CA VAL N 81 -59.97 31.29 3.92
C VAL N 81 -59.72 29.82 3.60
N ALA N 82 -59.12 29.60 2.44
CA ALA N 82 -58.68 28.29 2.00
C ALA N 82 -57.68 28.58 0.91
N LYS N 83 -56.64 27.75 0.84
CA LYS N 83 -55.55 27.87 -0.12
C LYS N 83 -54.97 29.28 -0.02
N GLY N 84 -55.09 29.93 1.12
CA GLY N 84 -54.60 31.27 1.31
C GLY N 84 -55.57 32.35 0.82
N VAL N 85 -56.73 31.96 0.30
CA VAL N 85 -57.75 32.89 -0.20
C VAL N 85 -58.37 33.72 0.90
N VAL N 86 -58.71 34.97 0.62
CA VAL N 86 -59.35 35.77 1.64
C VAL N 86 -60.63 36.36 1.07
N SER N 87 -61.59 35.49 0.86
CA SER N 87 -62.87 35.88 0.31
C SER N 87 -63.64 36.38 1.50
N LEU N 88 -63.49 37.67 1.79
CA LEU N 88 -64.10 38.28 2.96
C LEU N 88 -65.57 38.62 2.74
N THR N 89 -66.37 37.57 2.69
CA THR N 89 -67.81 37.70 2.58
C THR N 89 -68.26 38.36 3.86
N GLY N 90 -69.25 39.24 3.79
CA GLY N 90 -69.65 39.84 5.04
C GLY N 90 -68.76 40.95 5.52
N GLN N 91 -67.86 41.46 4.70
CA GLN N 91 -66.99 42.48 5.21
C GLN N 91 -67.81 43.70 5.65
N GLU N 92 -67.41 44.29 6.82
CA GLU N 92 -67.94 45.51 7.45
C GLU N 92 -69.42 45.67 7.12
N SER N 93 -69.78 46.85 6.61
CA SER N 93 -70.99 47.28 5.96
C SER N 93 -70.82 46.84 4.50
N LEU N 94 -69.65 46.29 4.14
CA LEU N 94 -69.25 45.93 2.78
C LEU N 94 -69.85 44.61 2.34
N ASN N 95 -71.14 44.66 2.05
CA ASN N 95 -71.81 43.45 1.60
C ASN N 95 -71.24 43.02 0.26
N GLY N 96 -71.08 41.71 0.11
CA GLY N 96 -70.66 41.10 -1.13
C GLY N 96 -69.17 41.09 -1.33
N LEU N 97 -68.38 41.60 -0.39
CA LEU N 97 -66.94 41.61 -0.57
C LEU N 97 -66.39 40.20 -0.60
N SER N 98 -65.39 40.00 -1.44
CA SER N 98 -64.66 38.74 -1.41
C SER N 98 -63.36 38.89 -2.21
N VAL N 99 -62.26 39.05 -1.48
CA VAL N 99 -60.99 39.21 -2.14
C VAL N 99 -60.57 37.79 -2.43
N VAL N 100 -60.83 37.34 -3.64
CA VAL N 100 -60.54 35.97 -3.99
C VAL N 100 -59.07 35.98 -4.28
N MET N 101 -58.32 35.88 -3.20
CA MET N 101 -56.89 35.91 -3.21
C MET N 101 -56.36 34.53 -3.55
N THR N 102 -56.54 34.15 -4.78
CA THR N 102 -56.10 32.84 -5.17
C THR N 102 -54.57 32.81 -5.11
N PRO N 103 -53.98 31.79 -4.50
CA PRO N 103 -52.52 31.73 -4.48
C PRO N 103 -51.93 31.59 -5.87
N GLY N 104 -50.78 32.21 -6.07
CA GLY N 104 -50.12 32.05 -7.34
C GLY N 104 -49.27 30.82 -7.44
N TRP N 105 -49.14 30.02 -6.37
CA TRP N 105 -48.23 28.87 -6.31
C TRP N 105 -48.33 27.65 -7.21
N ASP N 106 -47.14 27.18 -7.61
CA ASP N 106 -46.75 25.97 -8.33
C ASP N 106 -45.24 26.09 -8.34
N ASN N 107 -44.52 25.39 -7.46
CA ASN N 107 -43.09 25.65 -7.43
C ASN N 107 -42.20 25.35 -8.63
N ALA N 108 -42.51 24.34 -9.46
CA ALA N 108 -41.61 24.15 -10.60
C ALA N 108 -41.66 25.35 -11.53
N ASN N 109 -42.82 25.98 -11.63
CA ASN N 109 -43.02 27.21 -12.38
C ASN N 109 -42.31 28.43 -11.82
N GLY N 110 -42.10 28.47 -10.51
CA GLY N 110 -41.56 29.59 -9.78
C GLY N 110 -42.60 30.61 -9.40
N VAL N 111 -43.86 30.36 -9.76
CA VAL N 111 -44.99 31.23 -9.47
C VAL N 111 -45.26 31.32 -7.97
N THR N 112 -45.66 32.50 -7.51
CA THR N 112 -45.88 32.70 -6.08
C THR N 112 -46.95 33.70 -5.67
N GLY N 113 -46.94 34.88 -6.27
CA GLY N 113 -47.83 35.93 -5.82
C GLY N 113 -49.30 35.60 -5.92
N TRP N 114 -49.98 35.93 -4.83
CA TRP N 114 -51.40 35.70 -4.70
C TRP N 114 -52.19 36.55 -5.70
N ALA N 115 -53.25 35.98 -6.22
CA ALA N 115 -54.12 36.65 -7.20
C ALA N 115 -55.24 37.45 -6.54
N ARG N 116 -55.03 38.75 -6.35
CA ARG N 116 -56.10 39.58 -5.78
C ARG N 116 -57.31 39.67 -6.67
N ASN N 117 -58.46 39.77 -6.05
CA ASN N 117 -59.69 39.93 -6.82
C ASN N 117 -60.69 40.82 -6.08
N CYS N 118 -60.79 42.08 -6.51
CA CYS N 118 -61.77 42.95 -5.88
C CYS N 118 -63.13 42.35 -6.15
N ASN N 119 -64.01 42.43 -5.18
CA ASN N 119 -65.33 41.89 -5.37
C ASN N 119 -66.30 42.60 -4.47
N ILE N 120 -66.17 43.92 -4.35
CA ILE N 120 -67.10 44.61 -3.47
C ILE N 120 -68.38 44.88 -4.23
N GLN N 121 -69.25 43.90 -4.23
CA GLN N 121 -70.49 44.01 -4.95
C GLN N 121 -71.47 45.08 -4.46
N SER N 122 -71.43 45.44 -3.16
CA SER N 122 -72.42 46.41 -2.71
C SER N 122 -72.42 47.84 -3.29
N ASP N 123 -71.25 48.39 -3.66
CA ASP N 123 -71.21 49.71 -4.31
C ASP N 123 -69.91 49.90 -5.09
N SER N 124 -69.98 50.60 -6.22
CA SER N 124 -68.73 50.89 -6.94
C SER N 124 -67.73 51.80 -6.25
N ALA N 125 -68.21 52.76 -5.44
CA ALA N 125 -67.23 53.60 -4.76
C ALA N 125 -66.42 52.76 -3.80
N LEU N 126 -67.06 51.72 -3.28
CA LEU N 126 -66.32 50.84 -2.42
C LEU N 126 -65.27 50.17 -3.25
N GLN N 127 -65.57 49.92 -4.52
CA GLN N 127 -64.55 49.33 -5.34
C GLN N 127 -63.42 50.31 -5.50
N GLN N 128 -63.71 51.64 -5.46
CA GLN N 128 -62.57 52.52 -5.55
C GLN N 128 -61.75 52.26 -4.31
N ALA N 129 -62.41 51.97 -3.18
CA ALA N 129 -61.57 51.65 -2.05
C ALA N 129 -60.80 50.35 -2.23
N CYS N 130 -61.36 49.33 -2.93
CA CYS N 130 -60.54 48.13 -3.06
C CYS N 130 -59.34 48.32 -3.95
N GLU N 131 -59.52 49.12 -5.03
CA GLU N 131 -58.39 49.32 -5.90
C GLU N 131 -57.36 50.10 -5.12
N ASP N 132 -57.84 50.89 -4.16
CA ASP N 132 -56.94 51.65 -3.35
C ASP N 132 -56.34 50.82 -2.19
N VAL N 133 -56.83 49.58 -1.95
CA VAL N 133 -56.28 48.66 -0.93
C VAL N 133 -55.91 47.36 -1.61
N PHE N 134 -56.87 46.43 -1.68
CA PHE N 134 -56.67 45.13 -2.31
C PHE N 134 -56.93 45.37 -3.77
N ARG N 135 -55.87 45.67 -4.50
CA ARG N 135 -56.04 45.98 -5.90
C ARG N 135 -56.59 44.76 -6.59
N PHE N 136 -57.48 44.96 -7.54
CA PHE N 136 -58.08 43.83 -8.24
C PHE N 136 -56.97 43.08 -8.96
N ASP N 137 -55.87 43.75 -9.29
CA ASP N 137 -54.77 43.12 -9.99
C ASP N 137 -54.13 42.01 -9.17
N ASP N 138 -53.73 40.96 -9.86
CA ASP N 138 -53.27 39.67 -9.36
C ASP N 138 -51.84 39.45 -8.85
N ALA N 139 -50.93 40.43 -8.96
CA ALA N 139 -49.56 40.14 -8.54
C ALA N 139 -49.44 39.76 -7.05
N ASN N 140 -50.32 40.24 -6.18
CA ASN N 140 -50.27 39.79 -4.77
C ASN N 140 -51.62 39.99 -4.13
#